data_7EGF
#
_entry.id   7EGF
#
_cell.length_a   1.00
_cell.length_b   1.00
_cell.length_c   1.00
_cell.angle_alpha   90.00
_cell.angle_beta   90.00
_cell.angle_gamma   90.00
#
_symmetry.space_group_name_H-M   'P 1'
#
loop_
_entity.id
_entity.type
_entity.pdbx_description
1 polymer 'TATA-box-binding protein'
2 polymer 'Transcription initiation factor TFIID subunit 3'
3 polymer 'Transcription initiation factor TFIID subunit 4'
4 polymer 'Transcription initiation factor TFIID subunit 5'
5 polymer 'Transcription initiation factor TFIID subunit 6'
6 polymer 'Transcription initiation factor TFIID subunit 9'
7 polymer 'Transcription initiation factor TFIID subunit 10'
8 polymer 'Transcription initiation factor TFIID subunit 11'
9 polymer 'Transcription initiation factor TFIID subunit 12'
10 polymer 'Transcription initiation factor TFIID subunit 13'
#
loop_
_entity_poly.entity_id
_entity_poly.type
_entity_poly.pdbx_seq_one_letter_code
_entity_poly.pdbx_strand_id
1 'polypeptide(L)'
;MDQNNSLPPYAQGLASPQGAMTPGIPIFSPMMPYGTGLTPQPIQNTNSLSILEEQQRQQQQQQQQQQQQQQQQQQQQQQQ
QQQQQQQQQQQQQQQAVAAAAVQQSTSQQATQGTSGQAPQLFHSQTLTTAPLPGTTPLYPSPMTPMTPITPATPASESSG
IVPQLQNIVSTVNLGCKLDLKTIALRARNAEYNPKRFAAVIMRIREPRTTALIFSSGKMVCTGAKSEEQSRLAARKYARV
VQKLGFPAKFLDFKIQNMVGSCDVKFPIRLEGLVLTHQQFSSYEPELFPGLIYRMIKPRIVLLIFVSGKVVLTGAKVRAE
IYEAFENIYPILKGFRKTT
;
P
2 'polypeptide(L)'
;MCESYSRSLLRVSVAQICQALGWDSVQLSACHLLTDVLQRYLQQLGRGCHRYSELYGRTDPILDDVGEAFQLMGVSLHEL
EDYIHNIEPVTFPHQIPSFPVSKNNVLQFPQPGSKDAEERKEYIPDYLPPIVSSQEEEEEEQVPTDGGTSAEAMQVPLEE
DDELEEEEIINDENFLGKRPLDSPEAEELPAMKRPRLLSTKGDTLDVVLLEAREPLSSINTQKIPPMLSPVHVQDSTDLA
PPSPEPPMLAPVAKSQMPTAKPLETKSFTPKTKTKTSSPGQKTKSPKTAQSPAMVGSPIRSPKTVSKEKKSPGRSKSPKS
PKSPKVTTHIPQTPVRPETPNRTPSATLSEKISKETIQVKQIQTPPDAGKLNSENQPKKAVVADKTIEASIDAVIARACA
EREPDPFEFSSGSESEGDIFTSPKRISGPECTTPKASTSANNFTKSGSTPLPLSGGTSSSDNSWTMDASIDEVVRKAKLG
TPSNMPPNFPYISSPSVSPPTPEPLHKVYEEKTKLPSSVEVKKKLKKELKTKMKKKEKQRDREREKDKNKDKSKEKDKVK
EKEKDKETGRETKYPWKEFLKEEEADPYKFKIKEFEDVDPKVKLKDGLVRKEKEKHKDKKKDREKGKKDKDKREKEKVKD
KGREDKMKAPAPPLVLPPKELALPLFSPATASRVPAMLPSLLPVLPEKLFEEKEKVKEKEKKKDKKEKKKKKEKEKEKKE
KEREKEKREREKREKEKEKHKHEKIKVEPVALAPSPVIPRLTLRVGAGQDKIVISKVVPAPEAKPAPSQNRPKTPPPAPA
PAPGPMLVSPAPVPLPLLAQAAAGPALLPSPGPAASGASAKAPVRSVVTETVSTYVIRDEWGNQIWICPGCNKPDDGSPM
IGCDDCDDWYHWPCVGIMTAPPEEMQWFCPKCANKKKDKKHKKRKHRAH
;
c
3 'polypeptide(L)'
;MAAGSDLLDEVFFNSEVDEKVVSDLVGSLESQLAASAAHHHHLAPRTPEVRAAAAGALGNHVVSGSPAGAAGAGPAAPAE
GAPGAAPEPPPAGRARPGGGGPQRPGPPSPRRPLVPAGPAPPAAKLRPPPEGSAGSCAPVPAAAAVAAGPEPAPAGPAKP
AGPAALAARAGPGPGPGPGPGPGPGPGKPAGPGAAQTLNGSAALLNSHHAAAPAVSLVNNGPAALLPLPKPAAPGTVIQT
PPFVGAAAPPAPAAPSPPAAPAPAAPAAAPPPPPPAPATLARPPGHPAGPPTAAPAVPPPAAAQNGGSAGAAPAPAPAAG
GPAGVSGQPGPGAAAAAPAPGVKAESPKRVVQAAPPAAQTLAASGPASTAASMVIGPTMQGALPSPAAVPPPAPGTPTGL
PKGAAGAVTQSLSRTPTATTSGIRATLTPTVLAPRLPQPPQNPTNIQNFQLPPGMVLVRSENGQLLMIPQQALAQMQAQA
HAQPQTTMAPRPATPTSAPPVQISTVQAPGTPIIARQVTPTTIIKQVSQAQTTVQPSATLQRSPGVQPQLVLGGAAQTAS
LGTATAVQTGTPQRTVPGATTTSSAATETMENVKKCKNFLSTLIKLASSGKQSTETAANVKELVQNLLDGKIEAEDFTSR
LYRELNSSPQPYLVPFLKRSLPALRQLTPDSAAFIQQSQQQPPPPTSQATTALTAVVLSSSVQRTAGKTAATVTSALQPP
VLSLTQPTQVGVGKQGQPTPLVIQQPPKPGALIRPPQVTLTQTPMVALRQPHNRIMLTTPQQIQLNPLQPVPVVKPAVLP
GTKALSAVSAQAAAAQKNKLKEPGGGSFRDDDDINDVASMAGVNLSEESARILATNSELVGTLTRSCKDETFLLQAPLQR
RILEIGKKHGITELHPDVVSYVSHATQQRLQNLVEKISETAQQKNFSYKDDDRYEQASDVRAQLKFFEQLDQIEKQRKDE
QEREILMRAAKSRSRQEDPEQLRLKQKAKEMQQQELAQMRQRDANLTALAAIGPRKKRKVDCPGPGSGAEGSGPGSVVPG
SSGVGTPRQFTRQRITRVNLRDLIFCLENERETSHSLLLYKAFLK
;
d
4 'polypeptide(L)'
;MAALAEEQTEVAVKLEPEGPPTLLPPQAGDGAGEGSGGTTNNGPNGGGGNVAASSSTGGDGGTPKPTVAVSAAAPAGAAP
VPAAAPDAGAPHDRQTLLAVLQFLRQSKLREAEEALRREAGLLEEAVAGSGAPGEVDSAGAEVTSALLSRVTASAPGPAA
PDPPGTGASGATVVSGSASGPAAPGKVGSVAVEDQPDVSAVLSAYNQQGDPTMYEEYYSGLKHFIECSLDCHRAELSQLF
YPLFVHMYLELVYNQHENEAKSFFEKFHGDQECYYQDDLRVLSSLTKKEHMKGNETMLDFRTSKFVLRISRDSYQLLKRH
LQEKQNNQIWNIVQEHLYIDIFDGMPRSKQQIDAMVGSLAGEAKREANKSKVFFGLLKEPEIEVPLDDEDEEGENEEGKP
KKKKPKKDSIGSKSKKQDPNAPPQNRIPLPELKDSDKLDKIMNMKETTKRVRLGPDCLPSICFYTFLNAYQGLTAVDVTD
DSSLIAGGFADSTVRVWSVTPKKLRSVKQASDLSLIDKESDDVLERIMDEKTASELKILYGHSGPVYGASFSPDRNYLLS
SSEDGTVRLWSLQTFTCLVGYKGHNYPVWDTQFSPYGYYFVSGGHDRVARLWATDHYQPLRIFAGHLADVNCTRFHPNSN
YVATGSADRTVRLWDVLNGNCVRIFTGHKGPIHSLTFSPNGRFLATGATDGRVLLWDIGHGLMVGELKGHTDTVCSLRFS
RDGEILASGSMDNTVRLWDAIKAFEDLETDDFTTATGHINLPENSQELLLGTYMTKSTPVVHLHFTRRNLVLAAGAYSPQ
;
e
5 'polypeptide(L)'
;MAEEKKLKLSNTVLPSESMKVVAESMGIAQIQEETCQLLTDEVSYRIKEIAQDALKFMHMGKRQKLTTSDIDYALKLKNV
EPLYGFHAQEFIPFRFASGGGRELYFYEEKEVDLSDIINTPLPRVPLDVCLKAHWLSIEGCQPAIPENPPPAPKEQQKAE
ATEPLKSAKPGQEEDGPLKGKGQGATTADGKGKEKKAPPLLEGAPLRLKPRSIHELSVEQQLYYKEITEACVGSCEAKRA
EALQSIATDPGLYQMLPRFSTFISEGVRVNVVQNNLALLIYLMRMVKALMDNPTLYLEKYVHELIPAVMTCIVSRQLCLR
PDVDNHWALRDFAARLVAQICKHFSTTTNNIQSRITKTFTKSWVDEKTPWTTRYGSIAGLAELGHDVIKTLILPRLQQEG
ERIRSVLDGPVLSNIDRIGADHVQSLLLKHCAPVLAKLRPPPDNQDAYRAEFGSLGPLLCSQVVKARAQAALQAQQVNRT
TLTITQPRPTLTLSQAPQPGPRTPGLLKVPGSIALPVQTLVSARAAAPPQPSPPPTKFIVMSSSSSAPSTQQVLSLSTSA
PGSGSTTTSPVTTTVPSVQPIVKLVSTATTAPPSTAPSGPGSVQKYIVVSLPPTGEGKGGPTSHPSPVPPPASSPSPLSG
SALCGGKQEAGDSPPPAPGTPKANGSQPNSGSPQPAP
;
f
6 'polypeptide(L)'
;MESGKTASPKSMPKDAQMMAQILKDMGITEYEPRVINQMLEFAFRYVTTILDDAKIYSSHAKKATVDADDVRLAIQCRAD
QSFTSPPPRDFLLDIARQRNQTPLPLIKPYSGPRLPPDRYCLTAPNYRLKSLQKKASTSAGRITVPRLSVGSVTSRPSTP
TLGTPTPQTMSVSTKVGTPMSLTGQRFTVQMPTSQSPAVKASIPATSAVQNVLINPSLIGSKNILITTNMMSSQNTANES
SNALKRKREDDDDDDDDDDDYDNL
;
i
7 'polypeptide(L)'
;MSCSGSGADPEAAPASAASAPGPAPPVSAPAALPSSTAAENKASPAGTAGGPGAGAAAGGTGPLAARAGEPAERRGAAPV
SAGGAAPPEGAISNGVYVLPSAANGDVKPVVSSTPLVDFLMQLEDYTPTIPDAVTGYYLNRAGFEASDPRIIRLISLAAQ
KFISDIANDALQHCKMKGTASGSSRSKSKDRKYTLTMEDLTPALSEYGINVKKPHYFT
;
j
8 'polypeptide(L)'
;MDDAHESPSDKGGETGESDETAAVPGDPGATDTDGIPEETDGDADVDLKEAAAEEGELESQDVSDLTTVEREDSSLLNPA
AKKLKIDTKEKKEKKQKVDEDEIQKMQILVSSFSEEQLNRYEMYRRSAFPKAAIKRLIQSITGTSVSQNVVIAMSGISKV
FVGEVVEEALDVCEKWGEMPPLQPKHMREAVRRLKSKGQIPNSKHKKIIFF
;
k
9 'polypeptide(L)'
;MNQFGPSALINLSNFSSIKPEPASTPPQGSMANSTAVVKIPGTPGAGGRLSPENNQVLTKKKLQDLVREVDPNEQLDEDV
EEMLLQIADDFIESVVTAACQLARHRKSSTLEVKDVQLHLERQWNMWIPGFGSEEIRPYKKACTTEAHKQRMALIRKTTK
K
;
l
10 'polypeptide(L)'
;MADEEEDPTFEEENEEIGGGAEGGQGKRKRLFSKELRCMMYGFGDDQNPYTESVDILEDLVIEFITEMTHKAMSIGRQGR
VQVEDIVFLIRKDPRKFARVKDLLTMNEELKRARKAFDEANYGS
;
m
#
# COMPACT_ATOMS: atom_id res chain seq x y z
N ILE A 161 31.57 40.92 55.04
CA ILE A 161 30.24 41.13 54.45
C ILE A 161 29.20 40.82 55.50
N VAL A 162 28.14 41.62 55.55
CA VAL A 162 27.01 41.35 56.45
C VAL A 162 25.73 41.40 55.60
N PRO A 163 24.79 40.49 55.81
CA PRO A 163 23.51 40.59 55.10
C PRO A 163 22.55 41.52 55.82
N GLN A 164 22.00 42.48 55.10
CA GLN A 164 21.03 43.41 55.64
C GLN A 164 19.63 42.87 55.34
N LEU A 165 18.73 43.00 56.32
CA LEU A 165 17.38 42.51 56.13
C LEU A 165 16.60 43.46 55.24
N GLN A 166 15.78 42.90 54.37
CA GLN A 166 14.92 43.69 53.51
C GLN A 166 13.45 43.52 53.79
N ASN A 167 13.02 42.39 54.36
CA ASN A 167 11.58 42.18 54.53
C ASN A 167 11.31 41.29 55.72
N ILE A 168 10.35 41.68 56.56
CA ILE A 168 9.95 40.93 57.75
C ILE A 168 8.46 40.69 57.68
N VAL A 169 8.04 39.43 57.72
CA VAL A 169 6.63 39.07 57.68
C VAL A 169 6.24 38.53 59.05
N SER A 170 5.28 39.18 59.70
CA SER A 170 4.83 38.78 61.03
C SER A 170 3.32 38.59 61.05
N THR A 171 2.83 38.00 62.13
CA THR A 171 1.41 37.68 62.29
C THR A 171 1.02 37.95 63.74
N VAL A 172 -0.20 38.43 63.95
CA VAL A 172 -0.65 38.80 65.29
C VAL A 172 -2.16 38.55 65.41
N ASN A 173 -2.56 37.92 66.50
CA ASN A 173 -3.96 37.64 66.78
C ASN A 173 -4.53 38.78 67.61
N LEU A 174 -5.62 39.38 67.13
CA LEU A 174 -6.30 40.42 67.90
C LEU A 174 -7.34 39.84 68.85
N GLY A 175 -7.85 38.65 68.54
CA GLY A 175 -8.77 37.96 69.42
C GLY A 175 -10.23 38.30 69.27
N CYS A 176 -10.56 39.32 68.48
CA CYS A 176 -11.95 39.74 68.35
C CYS A 176 -12.36 39.65 66.88
N LYS A 177 -13.56 39.13 66.67
CA LYS A 177 -14.04 38.96 65.31
C LYS A 177 -14.48 40.31 64.74
N LEU A 178 -14.12 40.55 63.49
CA LEU A 178 -14.32 41.85 62.87
C LEU A 178 -15.22 41.71 61.64
N ASP A 179 -16.16 42.65 61.52
CA ASP A 179 -16.89 42.83 60.26
C ASP A 179 -16.15 43.89 59.44
N LEU A 180 -15.84 43.56 58.21
CA LEU A 180 -14.80 44.30 57.50
C LEU A 180 -15.32 45.57 56.87
N LYS A 181 -16.64 45.71 56.76
CA LYS A 181 -17.19 46.84 56.02
C LYS A 181 -17.06 48.14 56.78
N THR A 182 -17.24 48.09 58.10
CA THR A 182 -17.08 49.30 58.89
C THR A 182 -15.62 49.71 59.01
N ILE A 183 -14.69 48.74 58.99
CA ILE A 183 -13.28 49.08 59.00
C ILE A 183 -12.86 49.66 57.66
N ALA A 184 -13.47 49.16 56.59
CA ALA A 184 -13.14 49.67 55.27
C ALA A 184 -13.75 51.06 55.05
N LEU A 185 -14.87 51.35 55.70
CA LEU A 185 -15.52 52.63 55.47
C LEU A 185 -15.02 53.70 56.43
N ARG A 186 -14.55 53.31 57.61
CA ARG A 186 -14.12 54.30 58.59
C ARG A 186 -12.62 54.57 58.56
N ALA A 187 -11.79 53.55 58.48
CA ALA A 187 -10.35 53.74 58.55
C ALA A 187 -9.79 54.23 57.22
N ARG A 188 -8.68 54.95 57.30
CA ARG A 188 -8.07 55.51 56.11
C ARG A 188 -7.18 54.48 55.42
N ASN A 189 -6.81 54.77 54.16
CA ASN A 189 -5.91 53.88 53.40
C ASN A 189 -6.23 52.41 53.63
N ALA A 190 -7.51 52.06 53.74
CA ALA A 190 -7.90 50.65 53.91
C ALA A 190 -8.56 50.16 52.61
N GLU A 191 -8.03 49.08 52.03
CA GLU A 191 -8.57 48.58 50.73
C GLU A 191 -9.24 47.22 50.96
N TYR A 192 -10.53 47.12 50.62
CA TYR A 192 -11.25 45.81 50.74
C TYR A 192 -11.78 45.42 49.36
N ASN A 193 -11.37 44.26 48.85
CA ASN A 193 -11.86 43.77 47.54
C ASN A 193 -12.29 42.31 47.71
N PRO A 194 -13.47 42.01 48.28
CA PRO A 194 -13.87 40.63 48.57
C PRO A 194 -13.98 39.71 47.34
N LYS A 195 -14.55 40.21 46.24
CA LYS A 195 -14.67 39.38 45.00
C LYS A 195 -13.27 39.02 44.53
N ARG A 196 -12.23 39.54 45.19
CA ARG A 196 -10.85 39.25 44.82
C ARG A 196 -10.11 38.55 45.95
N PHE A 197 -10.11 39.15 47.13
CA PHE A 197 -9.50 38.53 48.30
C PHE A 197 -10.23 39.00 49.54
N ALA A 198 -10.24 38.15 50.56
CA ALA A 198 -11.14 38.29 51.69
C ALA A 198 -10.53 39.01 52.90
N ALA A 199 -9.69 40.01 52.68
CA ALA A 199 -9.07 40.72 53.79
C ALA A 199 -9.03 42.21 53.49
N VAL A 200 -8.73 42.99 54.53
CA VAL A 200 -8.64 44.44 54.39
C VAL A 200 -7.17 44.82 54.35
N ILE A 201 -6.77 45.54 53.31
CA ILE A 201 -5.37 45.85 53.04
C ILE A 201 -5.10 47.29 53.43
N MET A 202 -4.59 47.51 54.64
CA MET A 202 -4.35 48.85 55.13
C MET A 202 -2.86 49.13 55.20
N ARG A 203 -2.44 50.27 54.65
CA ARG A 203 -1.03 50.65 54.62
C ARG A 203 -0.82 51.84 55.54
N ILE A 204 0.34 51.88 56.19
CA ILE A 204 0.75 53.06 56.96
C ILE A 204 1.91 53.71 56.24
N ARG A 205 2.38 54.84 56.76
CA ARG A 205 3.34 55.60 55.97
C ARG A 205 4.67 55.77 56.69
N GLU A 206 4.64 56.12 57.98
CA GLU A 206 5.90 56.36 58.73
C GLU A 206 6.81 55.15 58.53
N PRO A 207 6.45 53.92 58.96
CA PRO A 207 7.22 52.74 58.62
C PRO A 207 6.43 52.24 57.41
N ARG A 208 7.07 52.07 56.24
CA ARG A 208 6.35 51.67 55.03
C ARG A 208 5.93 50.21 55.16
N THR A 209 4.68 50.01 55.60
CA THR A 209 4.21 48.73 56.09
C THR A 209 2.77 48.47 55.66
N THR A 210 2.42 47.21 55.39
CA THR A 210 1.10 46.82 54.89
C THR A 210 0.53 45.71 55.75
N ALA A 211 -0.75 45.80 56.10
CA ALA A 211 -1.41 44.78 56.90
C ALA A 211 -2.63 44.24 56.17
N LEU A 212 -2.73 42.92 56.14
CA LEU A 212 -3.95 42.23 55.77
C LEU A 212 -4.68 41.86 57.05
N ILE A 213 -5.81 42.49 57.29
CA ILE A 213 -6.63 42.22 58.46
C ILE A 213 -7.74 41.28 58.04
N PHE A 214 -7.91 40.19 58.78
CA PHE A 214 -8.91 39.21 58.41
C PHE A 214 -10.13 39.33 59.32
N SER A 215 -11.21 38.66 58.92
CA SER A 215 -12.48 38.82 59.61
C SER A 215 -12.50 38.05 60.92
N SER A 216 -11.59 37.09 61.09
CA SER A 216 -11.51 36.33 62.32
C SER A 216 -10.58 36.97 63.34
N GLY A 217 -10.06 38.16 63.06
CA GLY A 217 -9.23 38.87 63.99
C GLY A 217 -7.75 38.57 63.92
N LYS A 218 -7.28 37.89 62.89
CA LYS A 218 -5.87 37.63 62.70
C LYS A 218 -5.33 38.59 61.66
N MET A 219 -4.11 39.08 61.87
CA MET A 219 -3.54 40.14 61.06
C MET A 219 -2.16 39.75 60.58
N VAL A 220 -1.90 39.90 59.28
CA VAL A 220 -0.59 39.67 58.69
C VAL A 220 0.04 41.02 58.40
N CYS A 221 1.25 41.24 58.89
CA CYS A 221 1.93 42.52 58.78
C CYS A 221 3.25 42.34 58.04
N THR A 222 3.40 43.00 56.90
CA THR A 222 4.53 42.80 56.01
C THR A 222 5.18 44.13 55.68
N GLY A 223 6.47 44.10 55.43
CA GLY A 223 7.15 45.22 54.81
C GLY A 223 8.24 45.88 55.62
N ALA A 224 8.27 45.69 56.94
CA ALA A 224 9.26 46.37 57.76
C ALA A 224 10.63 45.72 57.61
N LYS A 225 11.64 46.33 58.23
CA LYS A 225 13.02 45.92 57.99
C LYS A 225 13.80 45.62 59.26
N SER A 226 13.11 45.37 60.38
CA SER A 226 13.72 44.84 61.59
C SER A 226 12.62 44.21 62.42
N GLU A 227 13.00 43.63 63.55
CA GLU A 227 12.00 43.02 64.43
C GLU A 227 11.24 44.07 65.22
N GLU A 228 11.96 45.08 65.72
CA GLU A 228 11.32 46.12 66.53
C GLU A 228 10.42 47.01 65.68
N GLN A 229 10.80 47.27 64.44
CA GLN A 229 9.96 48.06 63.55
C GLN A 229 8.70 47.30 63.17
N SER A 230 8.81 45.99 62.97
CA SER A 230 7.63 45.18 62.65
C SER A 230 6.68 45.12 63.84
N ARG A 231 7.24 44.99 65.04
CA ARG A 231 6.41 44.98 66.24
C ARG A 231 5.74 46.33 66.48
N LEU A 232 6.44 47.43 66.18
CA LEU A 232 5.86 48.75 66.38
C LEU A 232 4.78 49.04 65.35
N ALA A 233 4.95 48.58 64.11
CA ALA A 233 3.92 48.74 63.11
C ALA A 233 2.70 47.88 63.43
N ALA A 234 2.93 46.69 63.99
CA ALA A 234 1.81 45.84 64.38
C ALA A 234 1.02 46.45 65.53
N ARG A 235 1.71 47.08 66.48
CA ARG A 235 1.02 47.81 67.55
C ARG A 235 0.22 48.98 67.01
N LYS A 236 0.76 49.69 66.01
CA LYS A 236 0.02 50.80 65.40
C LYS A 236 -1.24 50.31 64.69
N TYR A 237 -1.15 49.18 64.00
CA TYR A 237 -2.33 48.62 63.34
C TYR A 237 -3.37 48.16 64.36
N ALA A 238 -2.92 47.60 65.48
CA ALA A 238 -3.86 47.17 66.52
C ALA A 238 -4.56 48.36 67.16
N ARG A 239 -3.85 49.48 67.35
CA ARG A 239 -4.51 50.62 67.97
C ARG A 239 -5.41 51.36 66.98
N VAL A 240 -5.12 51.29 65.67
CA VAL A 240 -6.04 51.95 64.74
C VAL A 240 -7.29 51.10 64.53
N VAL A 241 -7.18 49.79 64.76
CA VAL A 241 -8.40 48.98 64.81
C VAL A 241 -9.15 49.26 66.11
N GLN A 242 -8.42 49.43 67.22
CA GLN A 242 -9.01 49.65 68.54
C GLN A 242 -9.82 50.93 68.60
N LYS A 243 -9.26 52.03 68.10
CA LYS A 243 -9.90 53.34 68.24
C LYS A 243 -11.13 53.50 67.37
N LEU A 244 -11.39 52.56 66.44
CA LEU A 244 -12.65 52.57 65.72
C LEU A 244 -13.78 52.04 66.61
N GLY A 245 -13.45 51.15 67.54
CA GLY A 245 -14.46 50.70 68.49
C GLY A 245 -14.40 49.23 68.86
N PHE A 246 -13.59 48.46 68.16
CA PHE A 246 -13.51 47.04 68.46
C PHE A 246 -12.60 46.79 69.66
N PRO A 247 -12.99 45.91 70.57
CA PRO A 247 -12.09 45.59 71.68
C PRO A 247 -11.00 44.63 71.24
N ALA A 248 -9.80 45.17 71.04
CA ALA A 248 -8.73 44.43 70.39
C ALA A 248 -7.56 44.23 71.34
N LYS A 249 -7.26 42.97 71.65
CA LYS A 249 -6.12 42.66 72.55
C LYS A 249 -4.92 42.18 71.71
N PHE A 250 -3.70 42.57 72.08
CA PHE A 250 -2.49 42.10 71.36
C PHE A 250 -2.15 40.72 71.94
N LEU A 251 -2.92 39.69 71.58
CA LEU A 251 -2.72 38.33 72.15
C LEU A 251 -1.33 37.78 71.81
N ASP A 252 -1.13 37.28 70.59
CA ASP A 252 0.17 36.65 70.24
C ASP A 252 0.77 37.32 69.00
N PHE A 253 2.03 37.75 69.08
CA PHE A 253 2.71 38.32 67.88
C PHE A 253 3.87 37.39 67.50
N LYS A 254 3.84 36.85 66.28
CA LYS A 254 4.91 35.93 65.82
C LYS A 254 5.41 36.39 64.44
N ILE A 255 6.72 36.44 64.23
CA ILE A 255 7.27 36.81 62.89
C ILE A 255 7.37 35.54 62.05
N GLN A 256 6.51 35.44 61.02
CA GLN A 256 6.51 34.23 60.14
C GLN A 256 7.82 34.12 59.37
N ASN A 257 8.32 35.23 58.79
CA ASN A 257 9.53 35.11 57.94
C ASN A 257 10.43 36.34 58.00
N MET A 258 11.74 36.14 57.79
CA MET A 258 12.69 37.28 57.73
C MET A 258 13.50 37.11 56.43
N VAL A 259 13.60 38.16 55.61
CA VAL A 259 14.28 38.03 54.29
C VAL A 259 15.48 38.98 54.24
N GLY A 260 16.65 38.47 53.86
CA GLY A 260 17.86 39.31 53.75
C GLY A 260 18.59 39.09 52.43
N SER A 261 19.33 40.09 51.96
CA SER A 261 20.10 39.97 50.69
C SER A 261 21.50 40.57 50.87
N CYS A 262 22.46 40.14 50.05
CA CYS A 262 23.87 40.62 50.19
C CYS A 262 24.63 40.49 48.87
N ASP A 263 25.75 41.19 48.73
CA ASP A 263 26.61 41.07 47.52
C ASP A 263 27.97 40.51 47.93
N VAL A 264 28.43 39.43 47.29
CA VAL A 264 29.67 38.80 47.70
C VAL A 264 30.86 39.32 46.90
N LYS A 265 30.66 40.37 46.10
CA LYS A 265 31.68 41.20 45.43
C LYS A 265 32.50 40.50 44.36
N PHE A 266 32.06 39.40 43.77
CA PHE A 266 32.72 38.86 42.59
C PHE A 266 31.70 38.10 41.75
N PRO A 267 31.96 37.95 40.44
CA PRO A 267 31.08 37.11 39.63
C PRO A 267 31.22 35.64 40.01
N ILE A 268 30.11 34.92 39.94
CA ILE A 268 30.05 33.52 40.33
C ILE A 268 29.71 32.68 39.12
N ARG A 269 30.34 31.51 39.01
CA ARG A 269 30.16 30.60 37.88
C ARG A 269 29.28 29.45 38.36
N LEU A 270 28.05 29.39 37.86
CA LEU A 270 27.02 28.57 38.51
C LEU A 270 27.08 27.12 38.03
N GLU A 271 27.75 26.85 36.92
CA GLU A 271 27.74 25.52 36.35
C GLU A 271 28.59 24.55 37.16
N GLY A 272 29.74 25.01 37.66
CA GLY A 272 30.48 24.19 38.60
C GLY A 272 29.76 24.03 39.92
N LEU A 273 28.95 25.03 40.28
CA LEU A 273 28.21 24.97 41.54
C LEU A 273 27.09 23.96 41.47
N VAL A 274 26.47 23.79 40.30
CA VAL A 274 25.47 22.73 40.18
C VAL A 274 26.15 21.40 39.90
N LEU A 275 27.38 21.43 39.39
CA LEU A 275 28.08 20.18 39.11
C LEU A 275 28.57 19.51 40.39
N THR A 276 29.01 20.29 41.37
CA THR A 276 29.56 19.68 42.58
C THR A 276 28.56 19.56 43.73
N HIS A 277 27.41 20.21 43.64
CA HIS A 277 26.42 20.17 44.71
C HIS A 277 25.03 19.91 44.16
N GLN A 278 24.89 18.93 43.27
CA GLN A 278 23.60 18.72 42.60
C GLN A 278 22.57 18.08 43.51
N GLN A 279 22.97 17.67 44.71
CA GLN A 279 22.00 17.11 45.66
C GLN A 279 21.14 18.22 46.25
N PHE A 280 21.73 19.40 46.48
CA PHE A 280 20.97 20.47 47.21
C PHE A 280 20.63 21.65 46.30
N SER A 281 21.13 21.66 45.06
CA SER A 281 20.90 22.85 44.21
C SER A 281 20.06 22.49 42.99
N SER A 282 18.95 23.21 42.77
CA SER A 282 18.15 22.99 41.53
C SER A 282 18.33 24.23 40.65
N TYR A 283 18.94 24.08 39.47
CA TYR A 283 19.22 25.27 38.63
C TYR A 283 18.64 25.08 37.23
N GLU A 284 17.70 25.92 36.83
CA GLU A 284 17.19 25.86 35.43
C GLU A 284 17.25 27.30 34.90
N PRO A 285 18.14 27.62 33.94
CA PRO A 285 18.30 29.00 33.48
C PRO A 285 17.07 29.60 32.80
N GLU A 286 16.38 28.84 31.95
CA GLU A 286 15.24 29.43 31.18
C GLU A 286 14.12 29.86 32.13
N LEU A 287 13.75 29.02 33.10
CA LEU A 287 12.60 29.35 33.98
C LEU A 287 12.91 30.56 34.85
N PHE A 288 14.09 30.60 35.47
CA PHE A 288 14.48 31.72 36.36
C PHE A 288 15.99 31.92 36.23
N PRO A 289 16.52 33.17 36.19
CA PRO A 289 17.96 33.35 35.98
C PRO A 289 18.72 33.25 37.31
N GLY A 290 18.49 32.18 38.08
CA GLY A 290 19.13 32.05 39.40
C GLY A 290 19.19 30.61 39.84
N LEU A 291 20.05 30.32 40.82
CA LEU A 291 20.22 28.93 41.31
C LEU A 291 19.60 28.84 42.70
N ILE A 292 18.68 27.90 42.91
CA ILE A 292 18.08 27.70 44.26
C ILE A 292 18.93 26.67 44.98
N TYR A 293 19.65 27.08 46.04
CA TYR A 293 20.45 26.12 46.84
C TYR A 293 19.78 25.98 48.21
N ARG A 294 19.43 24.75 48.57
CA ARG A 294 18.69 24.55 49.84
C ARG A 294 19.70 24.09 50.90
N MET A 295 19.89 24.89 51.95
CA MET A 295 20.79 24.46 53.05
C MET A 295 20.00 23.52 53.95
N ILE A 296 20.55 22.33 54.23
CA ILE A 296 19.77 21.31 54.99
C ILE A 296 19.73 21.63 56.48
N LYS A 297 20.79 22.23 57.04
CA LYS A 297 20.82 22.40 58.52
C LYS A 297 20.20 23.73 58.95
N PRO A 298 20.55 24.90 58.37
CA PRO A 298 19.86 26.17 58.68
C PRO A 298 18.38 26.13 58.25
N ARG A 299 18.08 25.47 57.12
CA ARG A 299 16.69 25.41 56.55
C ARG A 299 16.41 26.74 55.86
N ILE A 300 17.33 27.20 55.01
CA ILE A 300 17.19 28.48 54.33
C ILE A 300 17.19 28.18 52.84
N VAL A 301 16.57 29.04 52.05
CA VAL A 301 16.63 28.97 50.59
C VAL A 301 17.41 30.16 50.10
N LEU A 302 18.42 29.91 49.27
CA LEU A 302 19.29 30.95 48.77
C LEU A 302 19.20 31.03 47.26
N LEU A 303 18.82 32.18 46.74
CA LEU A 303 18.90 32.44 45.31
C LEU A 303 20.26 33.07 45.03
N ILE A 304 21.10 32.36 44.29
CA ILE A 304 22.46 32.78 43.98
C ILE A 304 22.48 33.22 42.53
N PHE A 305 22.86 34.47 42.29
CA PHE A 305 22.87 34.99 40.93
C PHE A 305 24.30 35.09 40.40
N VAL A 306 24.40 35.26 39.08
CA VAL A 306 25.71 35.25 38.43
C VAL A 306 26.43 36.57 38.70
N SER A 307 25.67 37.64 38.98
CA SER A 307 26.28 38.95 39.16
C SER A 307 26.92 39.08 40.53
N GLY A 308 26.58 38.20 41.45
CA GLY A 308 27.20 38.24 42.76
C GLY A 308 26.21 38.51 43.87
N LYS A 309 24.96 38.76 43.52
CA LYS A 309 23.96 39.04 44.54
C LYS A 309 23.30 37.75 44.99
N VAL A 310 23.24 37.56 46.31
CA VAL A 310 22.62 36.38 46.93
C VAL A 310 21.44 36.86 47.75
N VAL A 311 20.32 36.15 47.67
CA VAL A 311 19.12 36.48 48.43
C VAL A 311 18.79 35.30 49.34
N LEU A 312 18.72 35.54 50.65
CA LEU A 312 18.44 34.51 51.63
C LEU A 312 17.02 34.68 52.14
N THR A 313 16.21 33.62 52.01
CA THR A 313 14.82 33.68 52.40
C THR A 313 14.43 32.41 53.14
N GLY A 314 13.37 32.53 53.93
CA GLY A 314 12.80 31.37 54.60
C GLY A 314 13.28 31.15 56.01
N ALA A 315 13.54 32.23 56.72
CA ALA A 315 14.15 32.18 58.04
C ALA A 315 13.20 32.78 59.07
N LYS A 316 13.29 32.30 60.32
CA LYS A 316 12.50 32.90 61.37
C LYS A 316 13.31 33.91 62.17
N VAL A 317 14.58 33.62 62.43
CA VAL A 317 15.41 34.50 63.25
C VAL A 317 16.52 35.10 62.40
N ARG A 318 17.25 36.04 62.99
CA ARG A 318 18.33 36.71 62.28
C ARG A 318 19.57 35.82 62.22
N ALA A 319 19.81 35.05 63.27
CA ALA A 319 21.04 34.27 63.37
C ALA A 319 21.06 33.13 62.38
N GLU A 320 19.88 32.69 61.94
CA GLU A 320 19.81 31.67 60.89
C GLU A 320 20.28 32.21 59.56
N ILE A 321 19.92 33.46 59.25
CA ILE A 321 20.40 34.11 58.03
C ILE A 321 21.91 34.32 58.10
N TYR A 322 22.40 34.70 59.28
CA TYR A 322 23.84 34.94 59.42
C TYR A 322 24.64 33.65 59.31
N GLU A 323 24.15 32.57 59.93
CA GLU A 323 24.84 31.30 59.86
C GLU A 323 24.76 30.67 58.47
N ALA A 324 23.65 30.89 57.76
CA ALA A 324 23.55 30.38 56.41
C ALA A 324 24.49 31.10 55.47
N PHE A 325 24.65 32.42 55.64
CA PHE A 325 25.59 33.13 54.78
C PHE A 325 27.03 32.76 55.10
N GLU A 326 27.36 32.57 56.38
CA GLU A 326 28.72 32.15 56.72
C GLU A 326 28.97 30.71 56.29
N ASN A 327 27.90 29.92 56.14
CA ASN A 327 28.07 28.58 55.60
C ASN A 327 28.35 28.63 54.10
N ILE A 328 27.61 29.47 53.37
CA ILE A 328 27.68 29.39 51.91
C ILE A 328 28.76 30.30 51.35
N TYR A 329 29.38 31.12 52.17
CA TYR A 329 30.46 31.95 51.64
C TYR A 329 31.72 31.22 51.17
N PRO A 330 32.28 30.19 51.85
CA PRO A 330 33.48 29.55 51.31
C PRO A 330 33.28 28.80 50.02
N ILE A 331 32.08 28.25 49.81
CA ILE A 331 31.77 27.59 48.54
C ILE A 331 31.76 28.59 47.40
N LEU A 332 31.16 29.76 47.64
CA LEU A 332 31.10 30.78 46.60
C LEU A 332 32.46 31.36 46.31
N LYS A 333 33.32 31.48 47.33
CA LYS A 333 34.68 31.94 47.06
C LYS A 333 35.48 30.87 46.32
N GLY A 334 35.18 29.59 46.58
CA GLY A 334 35.84 28.53 45.86
C GLY A 334 35.42 28.45 44.41
N PHE A 335 34.22 28.93 44.10
CA PHE A 335 33.76 28.93 42.72
C PHE A 335 33.76 30.30 42.06
N ARG A 336 34.75 31.14 42.35
CA ARG A 336 34.88 32.44 41.71
C ARG A 336 35.21 32.24 40.23
N LYS A 337 34.77 33.16 39.39
CA LYS A 337 35.04 33.09 37.95
C LYS A 337 36.51 33.34 37.64
N MET B 1 -15.18 -20.92 5.21
CA MET B 1 -15.62 -20.88 6.59
C MET B 1 -14.40 -20.79 7.49
N CYS B 2 -13.27 -21.34 7.02
CA CYS B 2 -11.99 -21.15 7.71
C CYS B 2 -11.60 -19.69 7.79
N GLU B 3 -11.99 -18.88 6.78
CA GLU B 3 -11.81 -17.44 6.88
C GLU B 3 -12.79 -16.83 7.88
N SER B 4 -14.02 -17.32 7.91
CA SER B 4 -15.02 -16.79 8.82
C SER B 4 -14.90 -17.34 10.23
N TYR B 5 -14.30 -18.52 10.39
CA TYR B 5 -13.98 -19.00 11.73
C TYR B 5 -12.82 -18.21 12.32
N SER B 6 -11.87 -17.81 11.48
CA SER B 6 -10.73 -17.03 11.94
C SER B 6 -11.14 -15.61 12.30
N ARG B 7 -12.16 -15.07 11.63
CA ARG B 7 -12.57 -13.70 11.90
C ARG B 7 -13.33 -13.59 13.22
N SER B 8 -14.12 -14.61 13.55
CA SER B 8 -14.82 -14.60 14.82
C SER B 8 -13.88 -14.80 15.99
N LEU B 9 -12.78 -15.52 15.78
CA LEU B 9 -11.76 -15.63 16.82
C LEU B 9 -10.92 -14.37 16.97
N LEU B 10 -10.86 -13.54 15.94
CA LEU B 10 -10.21 -12.24 16.05
C LEU B 10 -11.16 -11.15 16.52
N ARG B 11 -12.43 -11.45 16.73
CA ARG B 11 -13.32 -10.48 17.35
C ARG B 11 -13.29 -10.59 18.86
N VAL B 12 -13.27 -11.82 19.38
CA VAL B 12 -13.08 -12.04 20.80
C VAL B 12 -11.66 -11.68 21.22
N SER B 13 -10.68 -11.87 20.34
CA SER B 13 -9.30 -11.49 20.66
C SER B 13 -9.12 -9.97 20.67
N VAL B 14 -9.85 -9.25 19.83
CA VAL B 14 -9.87 -7.80 19.92
C VAL B 14 -10.59 -7.34 21.18
N ALA B 15 -11.70 -8.01 21.51
CA ALA B 15 -12.49 -7.69 22.69
C ALA B 15 -11.78 -8.03 23.99
N GLN B 16 -10.71 -8.82 23.95
CA GLN B 16 -9.89 -9.08 25.12
C GLN B 16 -8.73 -8.09 25.26
N ILE B 17 -8.42 -7.35 24.19
CA ILE B 17 -7.45 -6.27 24.29
C ILE B 17 -8.17 -4.99 24.71
N CYS B 18 -9.36 -4.76 24.17
CA CYS B 18 -10.12 -3.56 24.50
C CYS B 18 -10.73 -3.63 25.89
N GLN B 19 -10.86 -4.83 26.47
CA GLN B 19 -11.37 -4.95 27.83
C GLN B 19 -10.24 -4.82 28.85
N ALA B 20 -9.07 -5.37 28.54
CA ALA B 20 -7.93 -5.36 29.46
C ALA B 20 -7.32 -3.97 29.63
N LEU B 21 -7.75 -3.00 28.82
CA LEU B 21 -7.16 -1.64 28.89
C LEU B 21 -8.19 -0.59 29.31
N GLY B 22 -9.34 -1.00 29.83
CA GLY B 22 -10.31 -0.03 30.39
C GLY B 22 -11.52 0.30 29.55
N TRP B 23 -11.61 -0.13 28.28
CA TRP B 23 -12.87 0.13 27.55
C TRP B 23 -13.93 -0.76 28.21
N ASP B 24 -15.08 -0.20 28.57
CA ASP B 24 -16.08 -1.01 29.31
C ASP B 24 -17.16 -1.53 28.38
N SER B 25 -17.44 -0.80 27.30
CA SER B 25 -18.47 -1.22 26.32
C SER B 25 -17.99 -0.83 24.93
N VAL B 26 -18.52 -1.47 23.90
CA VAL B 26 -18.01 -1.20 22.52
C VAL B 26 -19.18 -0.95 21.59
N GLN B 27 -18.90 -0.31 20.45
CA GLN B 27 -19.91 -0.12 19.43
C GLN B 27 -19.78 -1.25 18.41
N LEU B 28 -20.92 -1.68 17.85
CA LEU B 28 -20.88 -2.81 16.92
C LEU B 28 -20.28 -2.41 15.58
N SER B 29 -20.48 -1.17 15.14
CA SER B 29 -19.89 -0.71 13.90
C SER B 29 -18.38 -0.50 14.01
N ALA B 30 -17.85 -0.38 15.21
CA ALA B 30 -16.43 -0.15 15.42
C ALA B 30 -15.70 -1.38 15.95
N CYS B 31 -16.40 -2.48 16.21
CA CYS B 31 -15.73 -3.73 16.53
C CYS B 31 -15.48 -4.58 15.30
N HIS B 32 -16.34 -4.45 14.28
CA HIS B 32 -16.11 -5.11 13.01
C HIS B 32 -15.00 -4.43 12.22
N LEU B 33 -14.72 -3.17 12.49
CA LEU B 33 -13.65 -2.48 11.80
C LEU B 33 -12.30 -2.78 12.44
N LEU B 34 -12.23 -2.83 13.76
CA LEU B 34 -10.96 -3.09 14.44
C LEU B 34 -10.51 -4.52 14.24
N THR B 35 -11.43 -5.46 14.03
CA THR B 35 -11.04 -6.83 13.71
C THR B 35 -10.70 -7.01 12.24
N ASP B 36 -10.99 -6.02 11.40
CA ASP B 36 -10.59 -6.05 9.99
C ASP B 36 -9.24 -5.40 9.76
N VAL B 37 -8.79 -4.54 10.68
CA VAL B 37 -7.44 -4.03 10.63
C VAL B 37 -6.47 -5.07 11.16
N LEU B 38 -6.88 -5.84 12.17
CA LEU B 38 -6.03 -6.91 12.69
C LEU B 38 -5.94 -8.08 11.71
N GLN B 39 -6.99 -8.31 10.93
CA GLN B 39 -6.92 -9.31 9.87
C GLN B 39 -5.98 -8.86 8.76
N ARG B 40 -5.91 -7.56 8.50
CA ARG B 40 -5.03 -7.04 7.46
C ARG B 40 -3.61 -6.85 7.96
N TYR B 41 -3.43 -6.65 9.26
CA TYR B 41 -2.08 -6.47 9.79
C TYR B 41 -1.34 -7.79 9.91
N LEU B 42 -2.05 -8.87 10.25
CA LEU B 42 -1.42 -10.18 10.32
C LEU B 42 -1.03 -10.68 8.93
N GLN B 43 -1.74 -10.27 7.89
CA GLN B 43 -1.38 -10.69 6.55
C GLN B 43 -0.21 -9.88 6.00
N GLN B 44 -0.22 -8.56 6.23
CA GLN B 44 0.84 -7.70 5.70
C GLN B 44 2.18 -7.97 6.37
N LEU B 45 2.17 -8.37 7.65
CA LEU B 45 3.41 -8.82 8.28
C LEU B 45 3.86 -10.17 7.70
N GLY B 46 2.93 -11.11 7.57
CA GLY B 46 3.25 -12.40 7.00
C GLY B 46 3.59 -12.37 5.53
N ARG B 47 3.08 -11.38 4.80
CA ARG B 47 3.48 -11.22 3.41
C ARG B 47 4.90 -10.65 3.32
N GLY B 48 5.24 -9.73 4.23
CA GLY B 48 6.57 -9.17 4.23
C GLY B 48 7.61 -10.17 4.73
N CYS B 49 7.22 -11.06 5.63
CA CYS B 49 8.13 -12.12 6.07
C CYS B 49 8.37 -13.16 5.00
N HIS B 50 7.46 -13.28 4.03
CA HIS B 50 7.62 -14.21 2.93
C HIS B 50 8.38 -13.59 1.77
N ARG B 51 8.20 -12.29 1.53
CA ARG B 51 8.91 -11.63 0.45
C ARG B 51 10.39 -11.44 0.77
N TYR B 52 10.74 -11.24 2.05
CA TYR B 52 12.14 -11.20 2.43
C TYR B 52 12.79 -12.57 2.45
N SER B 53 12.02 -13.65 2.48
CA SER B 53 12.63 -14.97 2.40
C SER B 53 12.90 -15.35 0.95
N GLU B 54 11.94 -15.10 0.06
CA GLU B 54 12.09 -15.45 -1.35
C GLU B 54 13.14 -14.61 -2.06
N LEU B 55 13.50 -13.46 -1.49
CA LEU B 55 14.52 -12.62 -2.11
C LEU B 55 15.91 -13.22 -1.97
N TYR B 56 16.20 -13.80 -0.80
CA TYR B 56 17.50 -14.41 -0.56
C TYR B 56 17.52 -15.88 -0.94
N GLY B 57 16.47 -16.37 -1.58
CA GLY B 57 16.47 -17.71 -2.10
C GLY B 57 15.54 -18.68 -1.41
N ARG B 58 15.42 -18.58 -0.09
CA ARG B 58 14.72 -19.63 0.65
C ARG B 58 13.20 -19.45 0.53
N THR B 59 12.48 -20.54 0.79
CA THR B 59 11.03 -20.52 0.75
C THR B 59 10.42 -20.30 2.13
N ASP B 60 10.99 -20.94 3.15
CA ASP B 60 10.48 -20.80 4.51
C ASP B 60 11.27 -19.72 5.24
N PRO B 61 10.60 -18.72 5.82
CA PRO B 61 11.32 -17.62 6.48
C PRO B 61 11.94 -18.05 7.79
N ILE B 62 12.88 -17.23 8.26
CA ILE B 62 13.58 -17.44 9.51
C ILE B 62 13.43 -16.19 10.35
N LEU B 63 14.11 -16.15 11.50
CA LEU B 63 13.98 -15.04 12.44
C LEU B 63 14.50 -13.73 11.88
N ASP B 64 15.51 -13.78 10.99
CA ASP B 64 16.06 -12.57 10.41
C ASP B 64 15.08 -11.91 9.45
N ASP B 65 14.28 -12.71 8.75
CA ASP B 65 13.27 -12.18 7.85
C ASP B 65 12.13 -11.53 8.63
N VAL B 66 11.81 -12.06 9.80
CA VAL B 66 10.82 -11.42 10.67
C VAL B 66 11.38 -10.11 11.21
N GLY B 67 12.68 -10.07 11.51
CA GLY B 67 13.29 -8.82 11.96
C GLY B 67 13.40 -7.79 10.86
N GLU B 68 13.49 -8.24 9.60
CA GLU B 68 13.53 -7.31 8.47
C GLU B 68 12.14 -6.84 8.09
N ALA B 69 11.14 -7.73 8.18
CA ALA B 69 9.77 -7.34 7.86
C ALA B 69 9.10 -6.56 8.97
N PHE B 70 9.71 -6.49 10.15
CA PHE B 70 9.21 -5.61 11.19
C PHE B 70 9.53 -4.16 10.88
N GLN B 71 10.66 -3.91 10.23
CA GLN B 71 11.07 -2.56 9.90
C GLN B 71 10.36 -2.02 8.66
N LEU B 72 9.87 -2.91 7.79
CA LEU B 72 9.08 -2.43 6.63
C LEU B 72 7.73 -1.95 7.18
N MET B 73 7.10 -2.75 8.04
CA MET B 73 5.80 -2.37 8.66
C MET B 73 6.01 -1.29 9.72
N GLY B 74 7.25 -1.08 10.16
CA GLY B 74 7.55 -0.03 11.15
C GLY B 74 7.46 -0.50 12.60
N VAL B 75 7.26 -1.80 12.83
CA VAL B 75 7.26 -2.33 14.22
C VAL B 75 8.65 -2.06 14.81
N SER B 76 8.71 -1.60 16.06
CA SER B 76 10.01 -1.29 16.71
C SER B 76 10.25 -2.28 17.84
N LEU B 77 11.39 -2.99 17.82
CA LEU B 77 11.65 -4.03 18.84
C LEU B 77 11.97 -3.36 20.19
N HIS B 78 12.25 -2.06 20.18
CA HIS B 78 12.45 -1.35 21.47
C HIS B 78 11.09 -1.13 22.13
N GLU B 79 10.06 -0.88 21.32
CA GLU B 79 8.73 -0.65 21.87
C GLU B 79 7.96 -1.94 22.10
N LEU B 80 8.46 -3.07 21.61
CA LEU B 80 7.86 -4.36 21.97
C LEU B 80 8.27 -4.79 23.36
N GLU B 81 9.46 -4.37 23.81
CA GLU B 81 9.90 -4.70 25.16
C GLU B 81 9.14 -3.89 26.20
N ASP B 82 8.71 -2.68 25.87
CA ASP B 82 7.87 -1.90 26.76
C ASP B 82 6.42 -2.39 26.77
N TYR B 83 6.03 -3.21 25.80
CA TYR B 83 4.73 -3.86 25.83
C TYR B 83 4.80 -5.22 26.53
N ILE B 84 5.92 -5.92 26.42
CA ILE B 84 6.06 -7.24 27.02
C ILE B 84 6.41 -7.19 28.49
N HIS B 85 6.75 -6.00 29.02
CA HIS B 85 7.12 -5.85 30.41
C HIS B 85 6.12 -5.04 31.23
N ASN B 86 5.40 -4.12 30.61
CA ASN B 86 4.48 -3.25 31.33
C ASN B 86 3.02 -3.64 31.18
N ILE B 87 2.71 -4.63 30.34
CA ILE B 87 1.35 -5.10 30.13
C ILE B 87 1.29 -6.58 30.47
N GLU B 88 0.22 -6.97 31.17
CA GLU B 88 0.08 -8.38 31.62
C GLU B 88 -0.57 -9.21 30.51
N PRO B 89 -0.17 -10.49 30.32
CA PRO B 89 -0.74 -11.34 29.29
C PRO B 89 -2.24 -11.59 29.53
N VAL B 90 -3.03 -11.62 28.46
CA VAL B 90 -4.49 -11.91 28.58
C VAL B 90 -4.71 -13.31 27.99
N THR B 91 -5.38 -14.21 28.73
CA THR B 91 -5.54 -15.61 28.26
C THR B 91 -6.84 -15.74 27.47
N PHE B 92 -6.77 -16.37 26.29
CA PHE B 92 -7.97 -16.59 25.44
C PHE B 92 -8.95 -17.50 26.20
N PRO B 93 -10.28 -17.24 26.18
CA PRO B 93 -11.23 -18.03 26.97
C PRO B 93 -11.34 -19.54 26.68
N HIS B 94 -11.12 -19.96 25.43
CA HIS B 94 -11.25 -21.35 25.03
C HIS B 94 -10.23 -21.65 23.94
N GLN B 95 -9.37 -22.63 24.20
CA GLN B 95 -8.29 -22.95 23.27
C GLN B 95 -8.84 -23.62 22.02
N ILE B 96 -8.09 -23.50 20.92
CA ILE B 96 -8.48 -24.02 19.62
C ILE B 96 -7.36 -24.88 19.09
N PRO B 97 -7.62 -26.14 18.72
CA PRO B 97 -6.53 -27.04 18.30
C PRO B 97 -5.91 -26.71 16.94
N SER B 98 -6.74 -26.63 15.91
CA SER B 98 -6.37 -26.38 14.51
C SER B 98 -7.66 -26.20 13.72
N PHE B 99 -7.58 -25.38 12.68
CA PHE B 99 -8.80 -25.13 11.91
C PHE B 99 -9.18 -26.29 11.00
N PRO B 100 -8.39 -26.67 9.98
CA PRO B 100 -8.80 -27.69 9.03
C PRO B 100 -8.78 -29.07 9.68
N VAL B 101 -9.92 -29.54 10.18
CA VAL B 101 -9.97 -30.93 10.72
C VAL B 101 -9.70 -31.86 9.53
N SER B 102 -8.83 -32.85 9.70
CA SER B 102 -8.45 -33.70 8.54
C SER B 102 -9.69 -34.46 8.05
N LYS B 103 -9.92 -34.45 6.73
CA LYS B 103 -11.05 -35.22 6.16
C LYS B 103 -10.50 -36.17 5.09
N ASN B 104 -10.80 -37.46 5.20
CA ASN B 104 -10.34 -38.45 4.19
C ASN B 104 -11.16 -38.30 2.90
N ASN B 105 -10.50 -38.34 1.74
CA ASN B 105 -11.23 -38.28 0.44
C ASN B 105 -12.09 -39.55 0.33
N VAL B 106 -13.28 -39.44 -0.26
CA VAL B 106 -14.22 -40.59 -0.28
C VAL B 106 -14.21 -41.32 -1.63
N LEU B 107 -13.16 -41.13 -2.44
CA LEU B 107 -13.04 -41.89 -3.71
C LEU B 107 -13.31 -43.38 -3.45
N GLN B 108 -14.13 -44.02 -4.28
CA GLN B 108 -14.52 -45.42 -4.10
C GLN B 108 -13.49 -46.33 -4.75
N PHE B 109 -12.46 -46.65 -3.99
CA PHE B 109 -11.42 -47.58 -4.41
C PHE B 109 -11.99 -49.00 -4.37
N PRO B 110 -11.46 -49.93 -5.19
CA PRO B 110 -12.21 -51.15 -5.51
C PRO B 110 -12.37 -52.12 -4.35
N GLN B 111 -13.10 -53.18 -4.64
CA GLN B 111 -13.72 -54.13 -3.72
C GLN B 111 -14.10 -55.34 -4.57
N PRO B 112 -14.67 -56.41 -4.00
CA PRO B 112 -15.33 -57.43 -4.83
C PRO B 112 -16.38 -56.83 -5.77
N GLY B 113 -16.35 -57.26 -7.01
CA GLY B 113 -17.21 -56.78 -8.08
C GLY B 113 -16.53 -56.97 -9.42
N SER B 114 -16.90 -56.13 -10.39
CA SER B 114 -16.31 -56.14 -11.72
C SER B 114 -16.51 -54.76 -12.35
N LYS B 115 -16.05 -54.64 -13.60
CA LYS B 115 -16.12 -53.40 -14.37
C LYS B 115 -16.52 -53.77 -15.80
N ASP B 116 -16.88 -52.77 -16.63
CA ASP B 116 -17.59 -53.07 -17.88
C ASP B 116 -16.67 -53.26 -19.08
N ALA B 117 -16.07 -52.18 -19.59
CA ALA B 117 -15.25 -52.35 -20.78
C ALA B 117 -13.93 -51.61 -20.75
N GLU B 118 -13.95 -50.35 -20.32
CA GLU B 118 -12.79 -49.48 -20.43
C GLU B 118 -12.61 -48.54 -19.25
N GLU B 119 -13.43 -48.64 -18.22
CA GLU B 119 -13.20 -47.89 -17.00
C GLU B 119 -12.09 -48.54 -16.20
N ARG B 120 -11.28 -47.72 -15.54
CA ARG B 120 -10.19 -48.24 -14.74
C ARG B 120 -10.73 -48.93 -13.48
N LYS B 121 -9.85 -49.67 -12.80
CA LYS B 121 -10.27 -50.42 -11.62
C LYS B 121 -10.55 -49.49 -10.44
N GLU B 122 -9.88 -48.35 -10.37
CA GLU B 122 -9.99 -47.48 -9.21
C GLU B 122 -11.27 -46.66 -9.19
N TYR B 123 -12.09 -46.70 -10.23
CA TYR B 123 -13.26 -45.82 -10.29
C TYR B 123 -14.38 -46.34 -9.40
N ILE B 124 -15.47 -45.58 -9.38
CA ILE B 124 -16.65 -45.94 -8.58
C ILE B 124 -17.33 -47.13 -9.24
N PRO B 125 -17.88 -48.08 -8.49
CA PRO B 125 -18.67 -49.14 -9.13
C PRO B 125 -19.97 -48.62 -9.68
N ASP B 126 -20.37 -49.17 -10.83
CA ASP B 126 -21.66 -48.84 -11.44
C ASP B 126 -22.73 -49.59 -10.65
N TYR B 127 -23.22 -48.95 -9.60
CA TYR B 127 -24.17 -49.61 -8.69
C TYR B 127 -25.56 -49.69 -9.30
N VAL C 843 12.81 43.36 41.20
CA VAL C 843 13.76 44.19 40.46
C VAL C 843 15.05 43.38 40.22
N ASN C 844 15.34 42.45 41.14
CA ASN C 844 16.51 41.59 40.96
C ASN C 844 16.32 40.58 39.84
N LEU C 845 15.09 40.11 39.63
CA LEU C 845 14.81 39.17 38.56
C LEU C 845 14.81 39.83 37.18
N SER C 846 14.59 41.15 37.11
CA SER C 846 14.41 41.81 35.83
C SER C 846 15.74 42.13 35.15
N GLU C 847 16.76 42.51 35.93
CA GLU C 847 18.03 42.88 35.35
C GLU C 847 18.98 41.70 35.19
N GLU C 848 18.78 40.65 36.01
CA GLU C 848 19.68 39.46 35.97
C GLU C 848 19.26 38.52 34.84
N SER C 849 18.05 38.66 34.31
CA SER C 849 17.61 37.78 33.24
C SER C 849 18.34 38.07 31.94
N ALA C 850 18.65 39.34 31.68
CA ALA C 850 19.35 39.72 30.47
C ALA C 850 20.85 39.54 30.55
N ARG C 851 21.39 39.12 31.69
CA ARG C 851 22.82 38.87 31.81
C ARG C 851 23.19 37.43 31.47
N ILE C 852 22.20 36.54 31.41
CA ILE C 852 22.45 35.18 30.93
C ILE C 852 22.54 35.18 29.41
N LEU C 853 21.89 36.14 28.76
CA LEU C 853 21.87 36.24 27.31
C LEU C 853 22.91 37.23 26.76
N ALA C 854 23.38 38.16 27.58
CA ALA C 854 24.37 39.14 27.10
C ALA C 854 25.74 38.48 26.90
N THR C 855 26.10 37.54 27.76
CA THR C 855 27.30 36.74 27.53
C THR C 855 27.12 35.73 26.40
N ASN C 856 25.88 35.46 25.98
CA ASN C 856 25.60 34.62 24.83
C ASN C 856 25.67 35.37 23.51
N SER C 857 26.27 36.55 23.50
CA SER C 857 26.56 37.30 22.29
C SER C 857 28.00 37.80 22.24
N GLU C 858 28.81 37.50 23.24
CA GLU C 858 30.21 37.88 23.28
C GLU C 858 31.17 36.71 23.04
N LEU C 859 30.81 35.51 23.48
CA LEU C 859 31.68 34.35 23.36
C LEU C 859 31.45 33.61 22.04
N VAL C 860 30.22 33.15 21.82
CA VAL C 860 29.90 32.30 20.68
C VAL C 860 29.55 33.16 19.47
N GLY C 861 30.03 32.75 18.31
CA GLY C 861 29.71 33.41 17.07
C GLY C 861 30.39 34.75 16.89
N THR C 862 31.72 34.76 16.99
CA THR C 862 32.47 36.01 16.81
C THR C 862 32.52 36.40 15.35
N LEU C 863 33.09 35.53 14.50
CA LEU C 863 33.08 35.74 13.06
C LEU C 863 31.92 34.97 12.43
N THR C 864 31.38 35.53 11.36
CA THR C 864 30.33 34.90 10.59
C THR C 864 30.96 34.23 9.37
N ARG C 865 30.66 32.96 9.17
CA ARG C 865 31.24 32.19 8.08
C ARG C 865 30.21 31.98 6.98
N SER C 866 30.60 31.25 5.94
CA SER C 866 29.70 30.78 4.91
C SER C 866 30.32 29.54 4.29
N CYS C 867 29.66 29.00 3.27
CA CYS C 867 30.08 27.73 2.70
C CYS C 867 29.54 27.61 1.28
N LYS C 868 30.34 26.98 0.41
CA LYS C 868 29.92 26.70 -0.97
C LYS C 868 29.20 25.36 -0.97
N ASP C 869 27.88 25.43 -0.77
CA ASP C 869 27.07 24.21 -0.78
C ASP C 869 26.92 23.72 -2.21
N GLU C 870 27.64 22.66 -2.55
CA GLU C 870 27.53 22.06 -3.87
C GLU C 870 26.19 21.34 -4.02
N THR C 871 25.82 21.08 -5.27
CA THR C 871 24.57 20.38 -5.57
C THR C 871 24.86 18.95 -5.96
N PHE C 872 23.81 18.14 -5.95
CA PHE C 872 23.91 16.75 -6.36
C PHE C 872 23.84 16.62 -7.88
N LEU C 873 22.83 17.23 -8.49
CA LEU C 873 22.69 17.25 -9.94
C LEU C 873 23.58 18.35 -10.53
N LEU C 874 23.42 18.64 -11.80
CA LEU C 874 24.12 19.72 -12.47
C LEU C 874 23.14 20.86 -12.74
N GLN C 875 23.58 22.09 -12.51
CA GLN C 875 22.66 23.22 -12.47
C GLN C 875 22.21 23.66 -13.85
N ALA C 876 23.14 23.71 -14.81
CA ALA C 876 22.83 24.19 -16.16
C ALA C 876 22.07 23.18 -17.04
N PRO C 877 22.32 21.85 -16.99
CA PRO C 877 21.38 20.95 -17.68
C PRO C 877 20.00 20.89 -17.05
N LEU C 878 19.88 21.12 -15.74
CA LEU C 878 18.58 21.02 -15.09
C LEU C 878 17.68 22.21 -15.42
N GLN C 879 18.24 23.41 -15.48
CA GLN C 879 17.43 24.60 -15.73
C GLN C 879 16.86 24.60 -17.14
N ARG C 880 17.58 24.05 -18.11
CA ARG C 880 17.01 23.87 -19.44
C ARG C 880 15.96 22.76 -19.45
N ARG C 881 16.09 21.79 -18.54
CA ARG C 881 15.15 20.67 -18.50
C ARG C 881 13.81 21.10 -17.90
N ILE C 882 13.83 21.98 -16.89
CA ILE C 882 12.61 22.42 -16.23
C ILE C 882 11.75 23.25 -17.18
N LEU C 883 12.39 24.07 -18.02
CA LEU C 883 11.64 24.93 -18.94
C LEU C 883 11.08 24.16 -20.14
N GLU C 884 11.56 22.94 -20.39
CA GLU C 884 10.96 22.11 -21.43
C GLU C 884 9.68 21.44 -20.93
N ILE C 885 9.59 21.15 -19.64
CA ILE C 885 8.38 20.59 -19.04
C ILE C 885 7.40 21.67 -18.63
N GLY C 886 7.75 22.94 -18.82
CA GLY C 886 6.85 24.02 -18.47
C GLY C 886 6.31 24.79 -19.66
N LYS C 887 6.81 24.50 -20.87
CA LYS C 887 6.32 25.21 -22.03
C LYS C 887 4.91 24.79 -22.43
N LYS C 888 4.47 23.61 -21.99
CA LYS C 888 3.09 23.21 -22.22
C LYS C 888 2.12 24.00 -21.36
N HIS C 889 2.47 24.19 -20.09
CA HIS C 889 1.58 24.80 -19.11
C HIS C 889 1.73 26.31 -19.03
N GLY C 890 2.48 26.92 -19.94
CA GLY C 890 2.59 28.37 -19.98
C GLY C 890 3.57 28.92 -18.97
N ILE C 891 4.76 28.33 -18.91
CA ILE C 891 5.80 28.72 -17.97
C ILE C 891 7.02 29.15 -18.76
N THR C 892 7.46 30.39 -18.56
CA THR C 892 8.59 30.94 -19.30
C THR C 892 9.88 30.92 -18.50
N GLU C 893 9.87 31.51 -17.31
CA GLU C 893 11.05 31.58 -16.46
C GLU C 893 10.83 30.77 -15.19
N LEU C 894 11.81 30.83 -14.30
CA LEU C 894 11.72 30.15 -13.01
C LEU C 894 12.43 30.97 -11.95
N HIS C 895 11.98 30.83 -10.71
CA HIS C 895 12.65 31.43 -9.57
C HIS C 895 14.01 30.74 -9.38
N PRO C 896 15.03 31.48 -8.90
CA PRO C 896 16.34 30.85 -8.66
C PRO C 896 16.33 29.82 -7.54
N ASP C 897 15.32 29.80 -6.68
CA ASP C 897 15.23 28.81 -5.61
C ASP C 897 14.84 27.43 -6.11
N VAL C 898 14.38 27.29 -7.35
CA VAL C 898 13.75 26.05 -7.78
C VAL C 898 14.79 25.00 -8.17
N VAL C 899 15.88 25.41 -8.83
CA VAL C 899 16.83 24.44 -9.37
C VAL C 899 17.62 23.78 -8.25
N SER C 900 17.91 24.50 -7.18
CA SER C 900 18.55 23.91 -6.03
C SER C 900 17.55 23.26 -5.08
N TYR C 901 16.26 23.37 -5.35
CA TYR C 901 15.24 22.62 -4.61
C TYR C 901 15.00 21.25 -5.22
N VAL C 902 14.98 21.16 -6.55
CA VAL C 902 14.84 19.87 -7.21
C VAL C 902 16.14 19.09 -7.13
N SER C 903 17.28 19.78 -7.08
CA SER C 903 18.55 19.08 -6.93
C SER C 903 18.72 18.53 -5.53
N HIS C 904 18.07 19.15 -4.55
CA HIS C 904 18.00 18.58 -3.21
C HIS C 904 16.88 17.57 -3.06
N ALA C 905 15.87 17.62 -3.94
CA ALA C 905 14.79 16.65 -3.88
C ALA C 905 15.25 15.28 -4.34
N THR C 906 15.88 15.21 -5.53
CA THR C 906 16.33 13.93 -6.04
C THR C 906 17.57 13.42 -5.33
N GLN C 907 18.26 14.25 -4.55
CA GLN C 907 19.32 13.73 -3.72
C GLN C 907 18.75 12.96 -2.54
N GLN C 908 17.74 13.50 -1.87
CA GLN C 908 17.11 12.78 -0.78
C GLN C 908 16.23 11.64 -1.27
N ARG C 909 15.78 11.69 -2.53
CA ARG C 909 15.01 10.59 -3.08
C ARG C 909 15.90 9.40 -3.38
N LEU C 910 17.03 9.63 -4.04
CA LEU C 910 17.94 8.53 -4.34
C LEU C 910 18.71 8.05 -3.12
N GLN C 911 18.81 8.87 -2.07
CA GLN C 911 19.48 8.41 -0.86
C GLN C 911 18.59 7.47 -0.05
N ASN C 912 17.28 7.62 -0.14
CA ASN C 912 16.37 6.66 0.48
C ASN C 912 16.45 5.31 -0.23
N LEU C 913 16.73 5.30 -1.53
CA LEU C 913 16.76 4.06 -2.28
C LEU C 913 18.06 3.28 -2.05
N VAL C 914 19.18 3.99 -1.90
CA VAL C 914 20.44 3.30 -1.65
C VAL C 914 20.51 2.79 -0.21
N GLU C 915 19.91 3.51 0.74
CA GLU C 915 19.87 3.03 2.12
C GLU C 915 18.97 1.80 2.27
N LYS C 916 18.04 1.58 1.36
CA LYS C 916 17.20 0.40 1.36
C LYS C 916 17.81 -0.73 0.54
N ILE C 917 18.58 -0.38 -0.49
CA ILE C 917 19.33 -1.36 -1.26
C ILE C 917 20.46 -1.95 -0.42
N SER C 918 21.18 -1.10 0.31
CA SER C 918 22.39 -1.55 1.01
C SER C 918 22.08 -2.41 2.21
N GLU C 919 20.90 -2.23 2.82
CA GLU C 919 20.49 -3.10 3.91
C GLU C 919 20.04 -4.47 3.41
N THR C 920 19.76 -4.58 2.11
CA THR C 920 19.35 -5.84 1.48
C THR C 920 20.56 -6.63 0.99
N ALA C 921 21.47 -5.97 0.28
CA ALA C 921 22.62 -6.66 -0.32
C ALA C 921 23.61 -7.17 0.72
N GLN C 922 23.64 -6.57 1.91
CA GLN C 922 24.54 -7.06 2.95
C GLN C 922 24.00 -8.32 3.63
N GLN C 923 22.70 -8.58 3.53
CA GLN C 923 22.14 -9.83 4.03
C GLN C 923 22.59 -11.01 3.17
N LYS C 924 22.86 -10.78 1.89
CA LYS C 924 23.29 -11.84 0.99
C LYS C 924 24.73 -12.26 1.22
N ASN C 925 25.50 -11.49 1.98
CA ASN C 925 26.83 -11.89 2.40
C ASN C 925 26.83 -12.58 3.74
N PHE C 926 25.67 -12.81 4.34
CA PHE C 926 25.55 -13.60 5.55
C PHE C 926 25.37 -15.06 5.19
N SER C 927 25.99 -15.94 5.97
CA SER C 927 25.92 -17.37 5.74
C SER C 927 25.54 -18.07 7.02
N TYR C 928 24.56 -18.97 6.94
CA TYR C 928 24.17 -19.81 8.07
C TYR C 928 24.76 -21.20 7.97
N LYS C 929 25.65 -21.44 7.00
CA LYS C 929 26.42 -22.67 6.97
C LYS C 929 27.32 -22.79 8.18
N ASP C 930 27.91 -21.67 8.60
CA ASP C 930 28.95 -21.61 9.61
C ASP C 930 28.48 -20.85 10.85
N ASP C 931 27.26 -21.10 11.28
CA ASP C 931 26.66 -20.40 12.41
C ASP C 931 26.08 -21.43 13.36
N ASP C 932 26.32 -21.24 14.64
CA ASP C 932 25.60 -21.98 15.67
C ASP C 932 24.19 -21.40 15.82
N ARG C 933 23.36 -22.12 16.55
CA ARG C 933 21.92 -21.90 16.80
C ARG C 933 21.07 -21.89 15.51
N TYR C 934 21.64 -22.27 14.37
CA TYR C 934 20.93 -22.36 13.10
C TYR C 934 21.27 -23.70 12.46
N GLU C 935 20.27 -24.56 12.29
CA GLU C 935 20.46 -25.85 11.66
C GLU C 935 19.67 -25.92 10.36
N GLN C 936 20.14 -26.76 9.44
CA GLN C 936 19.60 -26.83 8.10
C GLN C 936 18.36 -27.72 8.07
N ALA C 937 17.31 -27.24 7.41
CA ALA C 937 16.07 -28.03 7.30
C ALA C 937 16.05 -28.86 6.03
N SER C 938 16.14 -28.22 4.87
CA SER C 938 15.98 -28.94 3.61
C SER C 938 16.72 -28.20 2.49
N ASP C 939 17.46 -28.98 1.69
CA ASP C 939 18.18 -28.42 0.52
C ASP C 939 17.72 -29.07 -0.79
N VAL C 940 16.74 -28.48 -1.50
CA VAL C 940 16.23 -28.92 -2.83
C VAL C 940 17.37 -28.86 -3.84
N ARG C 941 18.32 -27.94 -3.66
CA ARG C 941 19.39 -27.78 -4.68
C ARG C 941 20.21 -29.06 -4.76
N ALA C 942 20.59 -29.66 -3.63
CA ALA C 942 21.30 -30.95 -3.62
C ALA C 942 20.40 -32.03 -4.21
N GLN C 943 19.11 -32.01 -3.86
CA GLN C 943 18.28 -33.08 -4.52
C GLN C 943 18.34 -32.94 -6.06
N LEU C 944 18.21 -31.72 -6.57
CA LEU C 944 18.22 -31.48 -8.04
C LEU C 944 19.58 -31.86 -8.64
N LYS C 945 20.68 -31.60 -7.93
CA LYS C 945 22.03 -32.00 -8.40
C LYS C 945 22.10 -33.52 -8.53
N PHE C 946 21.56 -34.28 -7.55
CA PHE C 946 21.54 -35.76 -7.74
C PHE C 946 20.68 -36.13 -8.96
N PHE C 947 19.52 -35.49 -9.13
CA PHE C 947 18.75 -35.88 -10.36
C PHE C 947 19.57 -35.58 -11.62
N GLU C 948 20.29 -34.45 -11.65
CA GLU C 948 21.10 -34.06 -12.83
C GLU C 948 22.22 -35.08 -13.06
N GLN C 949 22.87 -35.57 -12.00
CA GLN C 949 23.91 -36.61 -12.14
C GLN C 949 23.29 -37.88 -12.71
N LEU C 950 22.09 -38.27 -12.25
CA LEU C 950 21.44 -39.46 -12.87
C LEU C 950 21.20 -39.20 -14.37
N ASP C 951 20.75 -37.99 -14.73
CA ASP C 951 20.51 -37.67 -16.16
C ASP C 951 21.81 -37.73 -16.97
N GLN C 952 22.92 -37.23 -16.42
CA GLN C 952 24.23 -37.30 -17.11
C GLN C 952 24.67 -38.75 -17.28
N ILE C 953 24.44 -39.60 -16.28
CA ILE C 953 24.77 -41.04 -16.42
C ILE C 953 23.93 -41.63 -17.56
N GLU C 954 22.66 -41.26 -17.63
CA GLU C 954 21.80 -41.77 -18.74
C GLU C 954 22.37 -41.30 -20.08
N LYS C 955 22.80 -40.04 -20.16
CA LYS C 955 23.37 -39.49 -21.42
C LYS C 955 24.63 -40.26 -21.79
N GLN C 956 25.48 -40.58 -20.80
CA GLN C 956 26.73 -41.35 -21.05
C GLN C 956 26.38 -42.74 -21.57
N ARG C 957 25.36 -43.38 -21.00
CA ARG C 957 24.93 -44.72 -21.50
C ARG C 957 24.47 -44.57 -22.95
N LYS C 958 23.71 -43.51 -23.26
CA LYS C 958 23.22 -43.30 -24.64
C LYS C 958 24.40 -43.12 -25.58
N ASP C 959 25.42 -42.37 -25.15
CA ASP C 959 26.62 -42.10 -25.98
C ASP C 959 27.36 -43.43 -26.23
N GLU C 960 27.46 -44.27 -25.21
CA GLU C 960 28.14 -45.59 -25.35
C GLU C 960 27.35 -46.43 -26.37
N GLN C 961 26.02 -46.38 -26.29
CA GLN C 961 25.17 -47.13 -27.25
C GLN C 961 25.42 -46.61 -28.68
N GLU C 962 25.52 -45.29 -28.84
CA GLU C 962 25.77 -44.68 -30.17
C GLU C 962 27.13 -45.14 -30.68
N ARG C 963 28.14 -45.19 -29.79
CA ARG C 963 29.50 -45.64 -30.19
C ARG C 963 29.43 -47.09 -30.64
N GLU C 964 28.66 -47.92 -29.93
CA GLU C 964 28.50 -49.35 -30.32
C GLU C 964 27.83 -49.44 -31.69
N ILE C 965 26.83 -48.60 -31.94
CA ILE C 965 26.12 -48.60 -33.25
C ILE C 965 27.14 -48.21 -34.34
N LEU C 966 27.99 -47.23 -34.06
CA LEU C 966 29.03 -46.79 -35.04
C LEU C 966 29.99 -47.95 -35.32
N MET C 967 30.39 -48.68 -34.26
CA MET C 967 31.31 -49.83 -34.41
C MET C 967 30.64 -50.88 -35.31
N ARG C 968 29.34 -51.12 -35.09
CA ARG C 968 28.59 -52.11 -35.91
C ARG C 968 28.51 -51.62 -37.36
N ARG C 1054 37.16 -8.09 0.63
CA ARG C 1054 35.74 -8.32 0.43
C ARG C 1054 35.03 -7.03 0.05
N ILE C 1055 34.21 -7.09 -0.99
CA ILE C 1055 33.47 -5.93 -1.48
C ILE C 1055 32.06 -6.38 -1.86
N THR C 1056 31.06 -5.69 -1.33
CA THR C 1056 29.67 -6.09 -1.50
C THR C 1056 29.18 -5.64 -2.87
N ARG C 1057 28.46 -6.52 -3.55
CA ARG C 1057 27.85 -6.19 -4.83
C ARG C 1057 26.35 -6.02 -4.67
N VAL C 1058 25.74 -5.34 -5.64
CA VAL C 1058 24.31 -5.05 -5.65
C VAL C 1058 23.73 -5.53 -6.96
N ASN C 1059 22.71 -6.37 -6.89
CA ASN C 1059 22.04 -6.86 -8.08
C ASN C 1059 20.78 -6.02 -8.36
N LEU C 1060 20.21 -6.20 -9.54
CA LEU C 1060 18.96 -5.52 -9.88
C LEU C 1060 17.78 -6.10 -9.10
N ARG C 1061 17.90 -7.35 -8.63
CA ARG C 1061 16.84 -7.95 -7.84
C ARG C 1061 16.71 -7.28 -6.47
N ASP C 1062 17.81 -6.71 -5.96
CA ASP C 1062 17.74 -5.93 -4.73
C ASP C 1062 17.05 -4.60 -4.94
N LEU C 1063 17.05 -4.08 -6.17
CA LEU C 1063 16.37 -2.84 -6.51
C LEU C 1063 14.93 -3.08 -6.95
N ILE C 1064 14.66 -4.23 -7.57
CA ILE C 1064 13.29 -4.59 -7.91
C ILE C 1064 12.46 -4.80 -6.65
N PHE C 1065 13.05 -5.42 -5.63
CA PHE C 1065 12.37 -5.62 -4.36
C PHE C 1065 12.10 -4.31 -3.64
N CYS C 1066 13.02 -3.35 -3.74
CA CYS C 1066 12.81 -2.06 -3.11
C CYS C 1066 11.68 -1.28 -3.77
N LEU C 1067 11.48 -1.47 -5.07
CA LEU C 1067 10.44 -0.75 -5.78
C LEU C 1067 9.05 -1.37 -5.59
N GLU C 1068 8.99 -2.67 -5.34
CA GLU C 1068 7.69 -3.35 -5.27
C GLU C 1068 6.94 -3.05 -3.99
N ASN C 1069 7.65 -2.64 -2.94
CA ASN C 1069 7.08 -2.51 -1.61
C ASN C 1069 6.98 -1.05 -1.17
N GLU C 1070 6.59 -0.15 -2.06
CA GLU C 1070 6.61 1.26 -1.76
C GLU C 1070 5.25 1.95 -1.78
N ARG C 1071 4.28 1.40 -2.53
CA ARG C 1071 2.91 1.87 -2.76
C ARG C 1071 2.87 3.10 -3.67
N GLU C 1072 4.00 3.75 -3.89
CA GLU C 1072 4.12 4.78 -4.91
C GLU C 1072 4.69 4.23 -6.21
N THR C 1073 5.68 3.35 -6.11
CA THR C 1073 6.31 2.74 -7.28
C THR C 1073 5.88 1.30 -7.50
N SER C 1074 4.90 0.81 -6.75
CA SER C 1074 4.51 -0.60 -6.88
C SER C 1074 3.70 -0.84 -8.15
N HIS C 1075 2.63 -0.09 -8.33
CA HIS C 1075 1.84 -0.15 -9.57
C HIS C 1075 2.30 0.94 -10.54
N SER C 1076 3.61 0.95 -10.82
CA SER C 1076 4.20 1.98 -11.64
C SER C 1076 4.78 1.39 -12.92
N LEU C 1077 5.12 2.26 -13.87
CA LEU C 1077 5.78 1.84 -15.09
C LEU C 1077 7.26 1.61 -14.92
N LEU C 1078 7.85 2.12 -13.85
CA LEU C 1078 9.27 1.90 -13.61
C LEU C 1078 9.56 0.45 -13.23
N LEU C 1079 8.62 -0.22 -12.56
CA LEU C 1079 8.76 -1.66 -12.36
C LEU C 1079 8.52 -2.45 -13.63
N TYR C 1080 7.55 -2.04 -14.44
CA TYR C 1080 7.15 -2.83 -15.59
C TYR C 1080 8.22 -2.82 -16.67
N LYS C 1081 8.97 -1.73 -16.79
CA LYS C 1081 10.11 -1.71 -17.69
C LYS C 1081 11.30 -2.46 -17.12
N ALA C 1082 11.43 -2.50 -15.79
CA ALA C 1082 12.61 -3.07 -15.16
C ALA C 1082 12.47 -4.55 -14.84
N PHE C 1083 11.37 -5.17 -15.24
CA PHE C 1083 11.28 -6.63 -15.18
C PHE C 1083 11.90 -7.28 -16.40
N LEU C 1084 12.34 -6.48 -17.37
CA LEU C 1084 12.98 -6.97 -18.58
C LEU C 1084 14.41 -6.49 -18.75
N LYS C 1085 14.82 -5.42 -18.07
CA LYS C 1085 16.20 -4.98 -18.11
C LYS C 1085 16.61 -4.32 -16.80
N LEU D 202 -10.16 11.39 -57.61
CA LEU D 202 -11.00 10.63 -56.69
C LEU D 202 -10.74 11.05 -55.24
N SER D 203 -9.50 11.42 -54.95
CA SER D 203 -9.11 11.88 -53.62
C SER D 203 -9.58 13.30 -53.44
N ALA D 204 -10.72 13.48 -52.76
CA ALA D 204 -11.34 14.77 -52.58
C ALA D 204 -11.56 15.09 -51.10
N TYR D 205 -10.59 14.77 -50.25
CA TYR D 205 -10.66 15.15 -48.84
C TYR D 205 -9.90 16.46 -48.65
N ASN D 206 -10.60 17.56 -48.87
CA ASN D 206 -10.13 18.91 -48.59
C ASN D 206 -10.54 19.30 -47.17
N GLN D 207 -10.55 20.60 -46.88
CA GLN D 207 -11.09 21.25 -45.67
C GLN D 207 -10.45 20.71 -44.38
N GLN D 208 -9.15 20.97 -44.26
CA GLN D 208 -8.43 20.72 -43.03
C GLN D 208 -8.71 21.82 -42.00
N GLY D 209 -8.44 21.51 -40.74
CA GLY D 209 -8.47 22.53 -39.71
C GLY D 209 -7.31 22.46 -38.74
N ASP D 210 -6.46 23.50 -38.72
CA ASP D 210 -5.29 23.69 -37.87
C ASP D 210 -4.38 22.47 -37.83
N PRO D 211 -3.58 22.21 -38.87
CA PRO D 211 -2.82 20.96 -38.95
C PRO D 211 -1.66 20.84 -37.97
N THR D 212 -1.40 21.83 -37.12
CA THR D 212 -0.43 21.66 -36.05
C THR D 212 -1.05 20.99 -34.83
N MET D 213 -2.34 20.61 -34.88
CA MET D 213 -3.05 19.99 -33.72
C MET D 213 -3.53 18.56 -34.01
N TYR D 214 -3.21 18.02 -35.19
CA TYR D 214 -3.70 16.67 -35.59
C TYR D 214 -3.15 15.61 -34.62
N GLU D 215 -1.87 15.74 -34.26
CA GLU D 215 -1.25 14.75 -33.33
C GLU D 215 -1.98 14.82 -32.00
N GLU D 216 -2.28 16.02 -31.52
CA GLU D 216 -3.00 16.18 -30.23
C GLU D 216 -4.38 15.52 -30.32
N TYR D 217 -5.10 15.74 -31.42
CA TYR D 217 -6.46 15.16 -31.53
C TYR D 217 -6.33 13.63 -31.48
N TYR D 218 -5.37 13.07 -32.22
CA TYR D 218 -5.25 11.57 -32.24
C TYR D 218 -4.89 11.04 -30.85
N SER D 219 -3.98 11.73 -30.16
CA SER D 219 -3.57 11.28 -28.80
C SER D 219 -4.77 11.33 -27.86
N GLY D 220 -5.59 12.37 -27.98
CA GLY D 220 -6.80 12.48 -27.15
C GLY D 220 -7.77 11.36 -27.44
N LEU D 221 -7.93 11.01 -28.72
CA LEU D 221 -8.82 9.86 -29.06
C LEU D 221 -8.26 8.60 -28.40
N LYS D 222 -6.94 8.40 -28.46
CA LYS D 222 -6.35 7.18 -27.87
C LYS D 222 -6.64 7.17 -26.36
N HIS D 223 -6.48 8.32 -25.70
CA HIS D 223 -6.71 8.40 -24.24
C HIS D 223 -8.17 8.09 -23.90
N PHE D 224 -9.11 8.60 -24.70
CA PHE D 224 -10.54 8.31 -24.46
C PHE D 224 -10.80 6.82 -24.64
N ILE D 225 -10.20 6.20 -25.65
CA ILE D 225 -10.38 4.74 -25.85
C ILE D 225 -9.85 4.00 -24.61
N GLU D 226 -8.70 4.44 -24.09
CA GLU D 226 -8.13 3.81 -22.87
C GLU D 226 -9.06 3.98 -21.66
N CYS D 227 -9.65 5.15 -21.46
CA CYS D 227 -10.47 5.39 -20.23
C CYS D 227 -11.87 4.77 -20.34
N SER D 228 -12.32 4.43 -21.54
CA SER D 228 -13.65 3.80 -21.78
C SER D 228 -13.68 2.38 -21.22
N LEU D 229 -14.89 1.84 -20.99
CA LEU D 229 -15.03 0.50 -20.35
C LEU D 229 -14.44 -0.64 -21.18
N ASP D 230 -14.61 -1.88 -20.72
CA ASP D 230 -13.97 -3.04 -21.34
C ASP D 230 -14.74 -3.58 -22.54
N CYS D 231 -16.03 -3.23 -22.66
CA CYS D 231 -16.84 -3.67 -23.82
C CYS D 231 -16.67 -2.66 -24.97
N HIS D 232 -16.75 -1.36 -24.66
CA HIS D 232 -16.61 -0.29 -25.69
C HIS D 232 -15.22 -0.29 -26.32
N ARG D 233 -14.15 -0.57 -25.57
CA ARG D 233 -12.77 -0.42 -26.10
C ARG D 233 -12.59 -1.25 -27.37
N ALA D 234 -13.07 -2.50 -27.39
CA ALA D 234 -12.85 -3.36 -28.57
C ALA D 234 -13.54 -2.73 -29.78
N GLU D 235 -14.77 -2.24 -29.60
CA GLU D 235 -15.54 -1.62 -30.71
C GLU D 235 -14.86 -0.33 -31.19
N LEU D 236 -14.38 0.50 -30.27
CA LEU D 236 -13.79 1.82 -30.66
C LEU D 236 -12.42 1.67 -31.29
N SER D 237 -11.78 0.50 -31.17
CA SER D 237 -10.44 0.27 -31.75
C SER D 237 -10.48 0.37 -33.28
N GLN D 238 -11.56 -0.09 -33.91
CA GLN D 238 -11.59 -0.12 -35.40
C GLN D 238 -11.39 1.30 -35.94
N LEU D 239 -11.86 2.32 -35.24
CA LEU D 239 -11.74 3.72 -35.70
C LEU D 239 -10.27 4.11 -35.85
N PHE D 240 -9.37 3.57 -35.02
CA PHE D 240 -7.97 4.05 -35.06
C PHE D 240 -7.34 3.90 -36.44
N TYR D 241 -7.47 2.75 -37.09
CA TYR D 241 -6.76 2.65 -38.40
C TYR D 241 -7.32 3.55 -39.50
N PRO D 242 -8.64 3.58 -39.81
CA PRO D 242 -9.20 4.56 -40.76
C PRO D 242 -8.93 6.03 -40.43
N LEU D 243 -9.00 6.39 -39.15
CA LEU D 243 -8.67 7.79 -38.76
C LEU D 243 -7.21 8.08 -39.12
N PHE D 244 -6.26 7.22 -38.72
CA PHE D 244 -4.83 7.55 -38.94
C PHE D 244 -4.56 7.72 -40.44
N VAL D 245 -5.03 6.79 -41.26
CA VAL D 245 -4.68 6.89 -42.71
C VAL D 245 -5.29 8.18 -43.25
N HIS D 246 -6.54 8.47 -42.94
CA HIS D 246 -7.18 9.66 -43.54
C HIS D 246 -6.41 10.89 -43.08
N MET D 247 -6.07 11.00 -41.80
CA MET D 247 -5.42 12.24 -41.32
C MET D 247 -4.06 12.39 -42.01
N TYR D 248 -3.28 11.30 -42.10
CA TYR D 248 -1.92 11.44 -42.70
C TYR D 248 -2.07 11.87 -44.17
N LEU D 249 -3.01 11.25 -44.87
CA LEU D 249 -3.17 11.56 -46.31
C LEU D 249 -3.62 13.01 -46.47
N GLU D 250 -4.52 13.48 -45.61
CA GLU D 250 -5.02 14.88 -45.68
C GLU D 250 -3.83 15.81 -45.47
N LEU D 251 -2.99 15.51 -44.48
CA LEU D 251 -1.84 16.41 -44.20
C LEU D 251 -0.95 16.44 -45.44
N VAL D 252 -0.64 15.27 -46.00
CA VAL D 252 0.31 15.26 -47.15
C VAL D 252 -0.30 16.06 -48.31
N TYR D 253 -1.60 15.87 -48.56
CA TYR D 253 -2.26 16.53 -49.71
C TYR D 253 -2.30 18.04 -49.56
N ASN D 254 -2.51 18.54 -48.33
CA ASN D 254 -2.61 20.00 -48.14
C ASN D 254 -1.22 20.64 -48.06
N GLN D 255 -0.54 20.58 -46.91
CA GLN D 255 0.76 21.31 -46.79
C GLN D 255 1.61 20.72 -45.65
N HIS D 256 2.88 21.15 -45.54
CA HIS D 256 3.77 20.71 -44.43
C HIS D 256 3.87 19.19 -44.35
N GLU D 257 4.55 18.54 -45.30
CA GLU D 257 4.77 17.08 -45.26
C GLU D 257 5.61 16.72 -44.03
N ASN D 258 6.59 17.55 -43.66
CA ASN D 258 7.39 17.31 -42.43
C ASN D 258 6.47 16.89 -41.28
N GLU D 259 5.42 17.66 -40.99
CA GLU D 259 4.47 17.37 -39.88
C GLU D 259 3.79 16.04 -40.17
N ALA D 260 3.43 15.80 -41.44
CA ALA D 260 2.74 14.55 -41.79
C ALA D 260 3.66 13.38 -41.47
N LYS D 261 4.94 13.49 -41.81
CA LYS D 261 5.93 12.41 -41.56
C LYS D 261 6.10 12.19 -40.06
N SER D 262 6.14 13.26 -39.27
CA SER D 262 6.25 13.09 -37.80
C SER D 262 5.02 12.34 -37.29
N PHE D 263 3.83 12.71 -37.76
CA PHE D 263 2.58 12.07 -37.28
C PHE D 263 2.66 10.59 -37.66
N PHE D 264 3.10 10.31 -38.88
CA PHE D 264 3.13 8.91 -39.35
C PHE D 264 4.06 8.13 -38.46
N GLU D 265 5.27 8.64 -38.19
CA GLU D 265 6.21 7.82 -37.39
C GLU D 265 5.60 7.60 -36.01
N LYS D 266 5.03 8.66 -35.43
CA LYS D 266 4.50 8.55 -34.05
C LYS D 266 3.41 7.48 -33.97
N PHE D 267 2.51 7.41 -34.95
CA PHE D 267 1.42 6.42 -34.78
C PHE D 267 1.67 5.08 -35.51
N HIS D 268 2.78 4.96 -36.23
CA HIS D 268 3.06 3.72 -37.01
C HIS D 268 3.34 2.56 -36.07
N GLY D 269 3.12 2.76 -34.77
CA GLY D 269 3.21 1.62 -33.84
C GLY D 269 1.86 1.17 -33.31
N ASP D 270 0.99 2.13 -32.98
CA ASP D 270 -0.34 1.80 -32.38
C ASP D 270 -1.24 1.02 -33.35
N GLN D 271 -1.06 1.20 -34.67
CA GLN D 271 -1.97 0.53 -35.64
C GLN D 271 -1.92 -0.99 -35.46
N GLU D 272 -2.92 -1.70 -35.96
CA GLU D 272 -3.00 -3.17 -35.72
C GLU D 272 -1.85 -3.91 -36.42
N CYS D 273 -1.49 -5.09 -35.91
CA CYS D 273 -0.34 -5.85 -36.46
C CYS D 273 -0.58 -6.24 -37.92
N TYR D 274 -1.80 -6.66 -38.27
CA TYR D 274 -2.03 -7.14 -39.66
C TYR D 274 -1.73 -6.02 -40.65
N TYR D 275 -2.17 -4.78 -40.35
CA TYR D 275 -1.77 -3.67 -41.27
C TYR D 275 -0.25 -3.53 -41.12
N GLN D 276 0.47 -3.62 -42.25
CA GLN D 276 1.94 -3.48 -42.24
C GLN D 276 2.30 -3.08 -43.66
N ASP D 277 1.74 -3.78 -44.65
CA ASP D 277 1.92 -3.39 -46.08
C ASP D 277 1.27 -2.02 -46.34
N ASP D 278 0.08 -1.82 -45.77
CA ASP D 278 -0.64 -0.54 -45.95
C ASP D 278 0.20 0.57 -45.32
N LEU D 279 0.78 0.29 -44.16
CA LEU D 279 1.63 1.28 -43.46
C LEU D 279 2.84 1.62 -44.32
N ARG D 280 3.46 0.63 -44.97
CA ARG D 280 4.61 0.89 -45.88
C ARG D 280 4.18 1.77 -47.07
N VAL D 281 3.01 1.50 -47.67
CA VAL D 281 2.55 2.40 -48.76
C VAL D 281 2.32 3.83 -48.25
N LEU D 282 1.78 3.93 -47.03
CA LEU D 282 1.56 5.28 -46.43
C LEU D 282 2.91 5.97 -46.23
N SER D 283 3.93 5.24 -45.77
CA SER D 283 5.28 5.84 -45.62
C SER D 283 5.74 6.33 -46.99
N SER D 284 5.47 5.55 -48.03
CA SER D 284 5.83 5.98 -49.41
C SER D 284 5.13 7.28 -49.87
N LEU D 285 3.82 7.47 -49.64
CA LEU D 285 3.18 8.72 -50.23
C LEU D 285 3.59 10.06 -49.58
N THR D 286 4.82 10.55 -49.77
CA THR D 286 5.31 11.70 -48.99
C THR D 286 4.82 13.04 -49.51
N LYS D 287 4.76 13.23 -50.83
CA LYS D 287 4.39 14.52 -51.41
C LYS D 287 3.01 14.46 -52.04
N LYS D 288 2.49 15.64 -52.38
CA LYS D 288 1.13 15.78 -52.89
C LYS D 288 0.98 15.16 -54.28
N GLU D 289 2.01 15.24 -55.12
CA GLU D 289 1.92 14.72 -56.48
C GLU D 289 1.89 13.20 -56.52
N HIS D 290 2.28 12.53 -55.43
CA HIS D 290 2.04 11.09 -55.33
C HIS D 290 0.56 10.79 -55.16
N MET D 291 -0.21 11.71 -54.57
CA MET D 291 -1.64 11.53 -54.45
C MET D 291 -2.38 11.90 -55.73
N LYS D 292 -1.73 12.63 -56.64
CA LYS D 292 -2.36 12.96 -57.92
C LYS D 292 -2.47 11.76 -58.84
N GLY D 293 -1.66 10.72 -58.61
CA GLY D 293 -1.76 9.48 -59.35
C GLY D 293 -2.43 8.42 -58.50
N ASN D 294 -3.57 7.92 -58.99
CA ASN D 294 -4.29 6.86 -58.29
C ASN D 294 -3.63 5.49 -58.41
N GLU D 295 -2.66 5.35 -59.31
CA GLU D 295 -2.02 4.06 -59.55
C GLU D 295 -1.01 3.68 -58.47
N THR D 296 -0.58 4.62 -57.63
CA THR D 296 0.38 4.31 -56.57
C THR D 296 -0.33 3.86 -55.29
N MET D 297 -1.19 2.84 -55.43
CA MET D 297 -1.94 2.22 -54.35
C MET D 297 -2.79 3.25 -53.60
N LEU D 298 -3.57 4.00 -54.36
CA LEU D 298 -4.51 4.94 -53.77
C LEU D 298 -5.93 4.36 -53.74
N ASP D 299 -6.04 3.19 -53.09
CA ASP D 299 -7.32 2.64 -52.69
C ASP D 299 -7.52 2.80 -51.18
N PHE D 300 -6.99 3.89 -50.62
CA PHE D 300 -7.08 4.20 -49.20
C PHE D 300 -8.32 5.01 -48.86
N ARG D 301 -9.38 4.88 -49.64
CA ARG D 301 -10.59 5.67 -49.46
C ARG D 301 -11.33 5.24 -48.20
N THR D 302 -12.26 6.08 -47.76
CA THR D 302 -13.00 5.84 -46.53
C THR D 302 -14.25 5.01 -46.75
N SER D 303 -14.55 4.63 -47.98
CA SER D 303 -15.58 3.62 -48.25
C SER D 303 -15.00 2.22 -48.30
N LYS D 304 -13.70 2.07 -48.02
CA LYS D 304 -13.07 0.75 -47.96
C LYS D 304 -13.42 0.01 -46.68
N PHE D 305 -13.60 0.73 -45.58
CA PHE D 305 -13.84 0.14 -44.28
C PHE D 305 -15.28 0.39 -43.85
N VAL D 306 -15.87 -0.61 -43.18
CA VAL D 306 -17.21 -0.51 -42.61
C VAL D 306 -17.07 -0.72 -41.11
N LEU D 307 -17.72 0.14 -40.32
CA LEU D 307 -17.49 0.23 -38.88
C LEU D 307 -18.77 -0.16 -38.14
N ARG D 308 -18.77 -1.35 -37.55
CA ARG D 308 -19.94 -1.85 -36.81
C ARG D 308 -19.85 -1.41 -35.36
N ILE D 309 -20.30 -0.18 -35.10
CA ILE D 309 -20.28 0.43 -33.78
C ILE D 309 -21.71 0.53 -33.27
N SER D 310 -21.96 0.01 -32.07
CA SER D 310 -23.31 0.01 -31.53
C SER D 310 -23.71 1.42 -31.09
N ARG D 311 -25.00 1.58 -30.79
CA ARG D 311 -25.53 2.89 -30.41
C ARG D 311 -25.04 3.30 -29.03
N ASP D 312 -24.91 2.34 -28.11
CA ASP D 312 -24.51 2.65 -26.75
C ASP D 312 -23.06 3.11 -26.67
N SER D 313 -22.21 2.65 -27.58
CA SER D 313 -20.82 3.06 -27.62
C SER D 313 -20.58 4.28 -28.49
N TYR D 314 -21.44 4.54 -29.48
CA TYR D 314 -21.23 5.64 -30.41
C TYR D 314 -21.40 7.00 -29.73
N GLN D 315 -22.27 7.09 -28.73
CA GLN D 315 -22.57 8.38 -28.11
C GLN D 315 -21.48 8.80 -27.13
N LEU D 316 -20.72 7.87 -26.57
CA LEU D 316 -19.62 8.25 -25.69
C LEU D 316 -18.44 8.78 -26.50
N LEU D 317 -18.19 8.20 -27.67
CA LEU D 317 -17.17 8.73 -28.58
C LEU D 317 -17.62 10.05 -29.19
N LYS D 318 -18.92 10.22 -29.41
CA LYS D 318 -19.45 11.45 -30.00
C LYS D 318 -19.31 12.63 -29.02
N ARG D 319 -19.54 12.40 -27.73
CA ARG D 319 -19.38 13.46 -26.75
C ARG D 319 -17.91 13.78 -26.48
N HIS D 320 -17.00 12.86 -26.79
CA HIS D 320 -15.57 13.15 -26.63
C HIS D 320 -15.09 14.13 -27.69
N LEU D 321 -15.60 14.01 -28.92
CA LEU D 321 -15.14 14.82 -30.02
C LEU D 321 -15.75 16.21 -30.06
N GLN D 322 -16.75 16.49 -29.23
CA GLN D 322 -17.37 17.81 -29.17
C GLN D 322 -16.81 18.58 -27.97
N GLU D 323 -15.59 19.08 -28.13
CA GLU D 323 -15.08 20.03 -27.16
C GLU D 323 -15.36 21.48 -27.60
N LYS D 324 -14.93 21.86 -28.80
CA LYS D 324 -15.22 23.16 -29.40
C LYS D 324 -15.08 22.98 -30.91
N GLN D 325 -14.95 24.11 -31.64
CA GLN D 325 -15.08 24.13 -33.08
C GLN D 325 -13.74 23.94 -33.80
N ASN D 326 -12.79 23.22 -33.20
CA ASN D 326 -11.52 22.97 -33.85
C ASN D 326 -11.24 21.50 -34.16
N ASN D 327 -12.07 20.58 -33.67
CA ASN D 327 -11.78 19.15 -33.76
C ASN D 327 -12.11 18.66 -35.16
N GLN D 328 -11.08 18.57 -36.02
CA GLN D 328 -11.27 18.06 -37.37
C GLN D 328 -11.49 16.56 -37.39
N ILE D 329 -11.06 15.84 -36.35
CA ILE D 329 -11.31 14.41 -36.25
C ILE D 329 -12.79 14.11 -36.04
N TRP D 330 -13.57 15.08 -35.59
CA TRP D 330 -15.03 14.94 -35.59
C TRP D 330 -15.57 15.04 -37.00
N ASN D 331 -14.94 15.85 -37.85
CA ASN D 331 -15.41 16.07 -39.21
C ASN D 331 -15.05 14.94 -40.15
N ILE D 332 -14.24 13.98 -39.73
CA ILE D 332 -14.02 12.79 -40.52
C ILE D 332 -15.14 11.78 -40.31
N VAL D 333 -15.74 11.79 -39.11
CA VAL D 333 -16.76 10.81 -38.76
C VAL D 333 -18.06 11.11 -39.49
N GLN D 334 -18.50 12.38 -39.46
CA GLN D 334 -19.79 12.75 -40.03
C GLN D 334 -19.76 12.84 -41.55
N GLU D 335 -18.59 12.91 -42.16
CA GLU D 335 -18.47 13.15 -43.60
C GLU D 335 -17.89 11.98 -44.37
N HIS D 336 -16.72 11.48 -43.99
CA HIS D 336 -16.04 10.48 -44.80
C HIS D 336 -16.35 9.05 -44.37
N LEU D 337 -16.43 8.80 -43.07
CA LEU D 337 -16.62 7.45 -42.57
C LEU D 337 -18.10 7.05 -42.61
N TYR D 338 -18.37 5.86 -43.13
CA TYR D 338 -19.71 5.28 -43.10
C TYR D 338 -19.74 4.30 -41.93
N ILE D 339 -20.22 4.76 -40.79
CA ILE D 339 -20.27 3.96 -39.58
C ILE D 339 -21.57 3.16 -39.58
N ASP D 340 -21.46 1.84 -39.63
CA ASP D 340 -22.60 0.94 -39.71
C ASP D 340 -23.13 0.72 -38.29
N ILE D 341 -24.04 1.59 -37.87
CA ILE D 341 -24.61 1.53 -36.53
C ILE D 341 -25.53 0.31 -36.45
N PHE D 342 -25.11 -0.71 -35.71
CA PHE D 342 -25.98 -1.84 -35.42
C PHE D 342 -26.61 -1.66 -34.05
N ASP D 343 -27.87 -2.10 -33.95
CA ASP D 343 -28.66 -1.86 -32.75
C ASP D 343 -28.66 -3.07 -31.82
N ALA D 363 -15.35 -9.67 -45.78
CA ALA D 363 -13.93 -9.34 -45.84
C ALA D 363 -13.23 -9.74 -44.54
N LYS D 364 -12.52 -10.86 -44.57
CA LYS D 364 -11.76 -11.33 -43.41
C LYS D 364 -10.30 -10.87 -43.54
N ARG D 365 -10.13 -9.55 -43.41
CA ARG D 365 -8.82 -8.94 -43.50
C ARG D 365 -8.10 -8.84 -42.18
N GLU D 366 -8.77 -9.17 -41.06
CA GLU D 366 -8.17 -9.03 -39.74
C GLU D 366 -7.14 -10.12 -39.45
N ALA D 367 -6.01 -10.09 -40.16
CA ALA D 367 -4.91 -11.06 -40.07
C ALA D 367 -5.36 -12.48 -40.36
N ASN D 368 -6.39 -12.64 -41.20
CA ASN D 368 -6.89 -13.96 -41.55
C ASN D 368 -6.34 -14.46 -42.88
N LYS D 369 -5.68 -13.60 -43.65
CA LYS D 369 -5.02 -14.01 -44.89
C LYS D 369 -3.52 -14.15 -44.60
N SER D 370 -3.17 -15.25 -43.93
CA SER D 370 -1.78 -15.52 -43.62
C SER D 370 -1.55 -17.02 -43.73
N LYS D 371 -0.28 -17.41 -43.68
CA LYS D 371 0.11 -18.81 -43.67
C LYS D 371 0.14 -19.30 -42.23
N VAL D 372 -0.69 -20.29 -41.92
CA VAL D 372 -0.74 -20.88 -40.59
C VAL D 372 -0.53 -22.38 -40.74
N PHE D 373 0.52 -22.89 -40.11
CA PHE D 373 0.80 -24.33 -40.11
C PHE D 373 0.14 -24.95 -38.90
N PHE D 374 -1.02 -25.58 -39.10
CA PHE D 374 -1.80 -26.09 -37.98
C PHE D 374 -1.76 -27.60 -37.81
N GLY D 375 -1.30 -28.35 -38.82
CA GLY D 375 -1.25 -29.79 -38.71
C GLY D 375 -0.22 -30.25 -37.68
N LEU D 376 -0.43 -31.44 -37.15
CA LEU D 376 0.40 -31.93 -36.07
C LEU D 376 1.78 -32.32 -36.57
N LEU D 377 2.73 -32.43 -35.64
CA LEU D 377 4.08 -32.83 -35.98
C LEU D 377 4.14 -34.33 -36.23
N LYS D 378 5.26 -34.78 -36.78
CA LYS D 378 5.44 -36.15 -37.22
C LYS D 378 6.21 -36.95 -36.16
N GLU D 379 5.51 -37.85 -35.48
CA GLU D 379 6.12 -38.75 -34.51
C GLU D 379 5.50 -40.13 -34.71
N PRO D 380 6.32 -41.17 -34.94
CA PRO D 380 5.85 -42.55 -35.18
C PRO D 380 5.14 -43.17 -33.98
N LYS D 416 1.80 -40.94 -45.14
CA LYS D 416 1.15 -39.70 -45.55
C LYS D 416 1.76 -38.48 -44.84
N GLN D 417 2.06 -37.46 -45.63
CA GLN D 417 2.65 -36.23 -45.10
C GLN D 417 1.63 -35.09 -45.19
N ASP D 418 1.72 -34.17 -44.23
CA ASP D 418 0.78 -33.06 -44.16
C ASP D 418 1.46 -31.80 -44.69
N PRO D 419 0.86 -31.09 -45.64
CA PRO D 419 1.45 -29.83 -46.11
C PRO D 419 1.30 -28.70 -45.10
N ASN D 420 0.33 -28.77 -44.21
CA ASN D 420 0.13 -27.78 -43.17
C ASN D 420 0.83 -28.13 -41.87
N ALA D 421 1.71 -29.11 -41.88
CA ALA D 421 2.47 -29.41 -40.68
C ALA D 421 3.77 -28.62 -40.69
N PRO D 422 4.10 -27.91 -39.62
CA PRO D 422 5.34 -27.16 -39.58
C PRO D 422 6.52 -28.11 -39.39
N PRO D 423 7.72 -27.70 -39.80
CA PRO D 423 8.88 -28.56 -39.57
C PRO D 423 9.23 -28.65 -38.09
N GLN D 424 9.90 -29.75 -37.74
CA GLN D 424 10.32 -29.97 -36.36
C GLN D 424 11.44 -29.02 -35.96
N ASN D 425 12.24 -28.57 -36.93
CA ASN D 425 13.34 -27.65 -36.68
C ASN D 425 12.91 -26.19 -36.71
N ARG D 426 11.61 -25.91 -36.76
CA ARG D 426 11.13 -24.53 -36.80
C ARG D 426 11.21 -23.88 -35.42
N ILE D 427 10.47 -24.40 -34.46
CA ILE D 427 10.54 -23.97 -33.07
C ILE D 427 11.44 -24.96 -32.34
N PRO D 428 12.43 -24.50 -31.57
CA PRO D 428 13.28 -25.44 -30.84
C PRO D 428 12.52 -26.10 -29.69
N LEU D 429 12.17 -27.35 -29.88
CA LEU D 429 11.40 -28.21 -29.00
C LEU D 429 12.32 -29.20 -28.30
N PRO D 430 12.00 -29.60 -27.07
CA PRO D 430 12.90 -30.50 -26.33
C PRO D 430 12.91 -31.91 -26.91
N GLU D 431 13.94 -32.65 -26.53
CA GLU D 431 14.17 -34.00 -27.01
C GLU D 431 13.44 -34.99 -26.09
N LEU D 432 13.14 -36.18 -26.62
CA LEU D 432 12.55 -37.23 -25.82
C LEU D 432 13.63 -37.94 -25.03
N LYS D 433 13.32 -38.20 -23.75
CA LYS D 433 14.24 -39.02 -22.90
C LYS D 433 13.60 -40.40 -22.70
N ASP D 434 14.29 -41.29 -21.98
CA ASP D 434 13.79 -42.68 -21.78
C ASP D 434 12.47 -42.67 -21.00
N SER D 435 12.38 -41.82 -19.98
CA SER D 435 11.14 -41.75 -19.16
C SER D 435 9.98 -41.32 -20.06
N ASP D 436 10.23 -40.32 -20.91
CA ASP D 436 9.17 -39.84 -21.84
C ASP D 436 8.76 -40.98 -22.77
N LYS D 437 9.72 -41.76 -23.26
CA LYS D 437 9.40 -42.90 -24.15
C LYS D 437 8.54 -43.96 -23.43
N LEU D 438 8.86 -44.28 -22.17
CA LEU D 438 8.03 -45.24 -21.40
C LEU D 438 6.62 -44.67 -21.21
N ASP D 439 6.53 -43.36 -20.94
CA ASP D 439 5.20 -42.73 -20.76
C ASP D 439 4.42 -42.87 -22.06
N LYS D 440 5.07 -42.65 -23.19
CA LYS D 440 4.42 -42.78 -24.52
C LYS D 440 3.94 -44.22 -24.75
N ILE D 441 4.73 -45.22 -24.38
CA ILE D 441 4.26 -46.64 -24.52
C ILE D 441 3.03 -46.90 -23.64
N MET D 442 3.03 -46.40 -22.40
CA MET D 442 1.81 -46.58 -21.56
C MET D 442 0.62 -45.89 -22.22
N ASN D 443 0.85 -44.70 -22.77
CA ASN D 443 -0.24 -43.94 -23.42
C ASN D 443 -0.76 -44.73 -24.62
N MET D 444 0.13 -45.38 -25.37
CA MET D 444 -0.26 -46.22 -26.54
C MET D 444 -1.11 -47.41 -26.09
N LYS D 445 -0.77 -48.07 -24.97
CA LYS D 445 -1.69 -49.13 -24.49
C LYS D 445 -3.06 -48.51 -24.15
N GLU D 446 -3.04 -47.35 -23.49
CA GLU D 446 -4.36 -46.79 -23.15
C GLU D 446 -5.11 -46.44 -24.44
N THR D 447 -4.40 -45.99 -25.48
CA THR D 447 -5.01 -45.63 -26.79
C THR D 447 -5.63 -46.87 -27.43
N THR D 448 -4.95 -48.01 -27.33
CA THR D 448 -5.55 -49.26 -27.84
C THR D 448 -6.86 -49.53 -27.08
N LYS D 449 -6.92 -49.29 -25.76
CA LYS D 449 -8.26 -49.59 -25.14
C LYS D 449 -9.34 -48.51 -25.35
N ARG D 450 -9.33 -47.70 -26.41
CA ARG D 450 -10.15 -46.52 -26.61
C ARG D 450 -11.50 -46.88 -27.23
N VAL D 451 -12.48 -46.00 -27.03
CA VAL D 451 -13.84 -46.21 -27.52
C VAL D 451 -14.20 -45.07 -28.49
N ARG D 452 -14.64 -45.45 -29.69
CA ARG D 452 -15.06 -44.49 -30.70
C ARG D 452 -16.45 -44.01 -30.36
N LEU D 453 -16.60 -42.72 -30.05
CA LEU D 453 -17.83 -42.26 -29.41
C LEU D 453 -18.95 -42.05 -30.42
N GLY D 454 -18.80 -41.09 -31.32
CA GLY D 454 -19.84 -40.77 -32.28
C GLY D 454 -21.13 -40.26 -31.64
N PRO D 455 -22.24 -40.34 -32.38
CA PRO D 455 -23.52 -39.85 -31.85
C PRO D 455 -24.40 -40.89 -31.18
N ASP D 456 -24.05 -42.17 -31.25
CA ASP D 456 -24.84 -43.23 -30.63
C ASP D 456 -24.21 -43.81 -29.38
N CYS D 457 -22.88 -43.87 -29.31
CA CYS D 457 -22.16 -44.33 -28.12
C CYS D 457 -21.73 -43.10 -27.35
N LEU D 458 -22.51 -42.71 -26.35
CA LEU D 458 -22.19 -41.56 -25.54
C LEU D 458 -21.21 -41.97 -24.43
N PRO D 459 -20.32 -41.07 -24.02
CA PRO D 459 -19.33 -41.45 -23.00
C PRO D 459 -19.91 -41.42 -21.59
N SER D 460 -19.21 -42.12 -20.70
CA SER D 460 -19.56 -42.14 -19.29
C SER D 460 -18.84 -41.02 -18.57
N ILE D 461 -19.58 -40.14 -17.91
CA ILE D 461 -19.03 -38.95 -17.28
C ILE D 461 -18.83 -39.24 -15.80
N CYS D 462 -17.57 -39.29 -15.39
CA CYS D 462 -17.24 -39.27 -13.98
C CYS D 462 -17.37 -37.86 -13.43
N PHE D 463 -17.24 -37.73 -12.11
CA PHE D 463 -17.37 -36.41 -11.50
C PHE D 463 -16.59 -36.39 -10.20
N TYR D 464 -15.62 -35.49 -10.09
CA TYR D 464 -14.81 -35.32 -8.90
C TYR D 464 -15.25 -34.03 -8.20
N THR D 465 -16.26 -34.13 -7.35
CA THR D 465 -16.76 -32.95 -6.67
C THR D 465 -15.90 -32.60 -5.46
N PHE D 466 -15.74 -31.30 -5.23
CA PHE D 466 -14.92 -30.78 -4.13
C PHE D 466 -15.86 -30.40 -3.00
N LEU D 467 -15.73 -31.08 -1.86
CA LEU D 467 -16.81 -31.07 -0.88
C LEU D 467 -16.79 -29.82 0.01
N ASN D 468 -15.73 -29.65 0.80
CA ASN D 468 -15.71 -28.64 1.83
C ASN D 468 -15.00 -27.36 1.40
N ALA D 469 -14.94 -27.08 0.10
CA ALA D 469 -14.45 -25.79 -0.37
C ALA D 469 -15.58 -24.79 -0.28
N TYR D 470 -15.50 -23.86 0.67
CA TYR D 470 -16.60 -22.94 0.96
C TYR D 470 -16.63 -21.83 -0.09
N GLN D 471 -17.05 -22.22 -1.30
CA GLN D 471 -17.01 -21.39 -2.52
C GLN D 471 -15.61 -20.82 -2.74
N GLY D 472 -14.63 -21.71 -2.76
CA GLY D 472 -13.26 -21.28 -2.86
C GLY D 472 -12.36 -22.12 -3.75
N LEU D 473 -12.92 -22.75 -4.78
CA LEU D 473 -12.11 -23.46 -5.77
C LEU D 473 -12.08 -22.63 -7.04
N THR D 474 -10.88 -22.20 -7.43
CA THR D 474 -10.72 -21.31 -8.57
C THR D 474 -9.99 -21.92 -9.76
N ALA D 475 -9.29 -23.05 -9.59
CA ALA D 475 -8.48 -23.59 -10.66
C ALA D 475 -8.28 -25.09 -10.48
N VAL D 476 -8.60 -25.86 -11.53
CA VAL D 476 -8.40 -27.30 -11.53
C VAL D 476 -7.52 -27.64 -12.73
N ASP D 477 -6.70 -28.69 -12.60
CA ASP D 477 -6.08 -29.29 -13.76
C ASP D 477 -5.86 -30.77 -13.49
N VAL D 478 -6.11 -31.60 -14.50
CA VAL D 478 -5.90 -33.03 -14.44
C VAL D 478 -4.79 -33.38 -15.42
N THR D 479 -3.99 -34.39 -15.09
CA THR D 479 -2.88 -34.80 -15.94
C THR D 479 -3.39 -35.49 -17.21
N ASP D 480 -2.43 -35.91 -18.06
CA ASP D 480 -2.79 -36.55 -19.31
C ASP D 480 -3.32 -37.95 -19.08
N ASP D 481 -2.62 -38.75 -18.29
CA ASP D 481 -3.20 -39.95 -17.69
C ASP D 481 -3.78 -39.56 -16.34
N SER D 482 -5.07 -39.84 -16.14
CA SER D 482 -5.83 -39.28 -15.03
C SER D 482 -5.41 -39.95 -13.73
N SER D 483 -4.26 -39.53 -13.21
CA SER D 483 -3.75 -40.05 -11.95
C SER D 483 -3.40 -38.96 -10.94
N LEU D 484 -3.68 -37.69 -11.24
CA LEU D 484 -3.40 -36.58 -10.35
C LEU D 484 -4.38 -35.46 -10.65
N ILE D 485 -4.83 -34.78 -9.61
CA ILE D 485 -5.73 -33.63 -9.74
C ILE D 485 -5.19 -32.52 -8.86
N ALA D 486 -4.89 -31.38 -9.47
CA ALA D 486 -4.53 -30.19 -8.71
C ALA D 486 -5.75 -29.33 -8.48
N GLY D 487 -5.71 -28.57 -7.40
CA GLY D 487 -6.79 -27.67 -7.09
C GLY D 487 -6.26 -26.32 -6.66
N GLY D 488 -6.70 -25.26 -7.35
CA GLY D 488 -6.25 -23.94 -6.99
C GLY D 488 -7.28 -23.21 -6.18
N PHE D 489 -6.96 -22.90 -4.93
CA PHE D 489 -7.95 -22.42 -3.98
C PHE D 489 -7.75 -20.94 -3.68
N ALA D 490 -8.85 -20.30 -3.27
CA ALA D 490 -8.87 -18.85 -3.04
C ALA D 490 -8.24 -18.44 -1.72
N ASP D 491 -7.80 -19.40 -0.91
CA ASP D 491 -7.03 -19.12 0.29
C ASP D 491 -5.54 -19.31 0.07
N SER D 492 -5.08 -19.03 -1.16
CA SER D 492 -3.67 -18.99 -1.55
C SER D 492 -2.97 -20.33 -1.40
N THR D 493 -3.70 -21.43 -1.56
CA THR D 493 -3.14 -22.76 -1.43
C THR D 493 -3.37 -23.55 -2.72
N VAL D 494 -2.43 -24.46 -2.99
CA VAL D 494 -2.50 -25.35 -4.14
C VAL D 494 -2.38 -26.78 -3.61
N ARG D 495 -3.41 -27.58 -3.84
CA ARG D 495 -3.47 -28.93 -3.31
C ARG D 495 -3.46 -29.94 -4.46
N VAL D 496 -2.67 -31.00 -4.30
CA VAL D 496 -2.48 -32.02 -5.32
C VAL D 496 -2.99 -33.33 -4.76
N TRP D 497 -3.98 -33.92 -5.43
CA TRP D 497 -4.61 -35.16 -4.99
C TRP D 497 -4.22 -36.30 -5.92
N SER D 498 -4.06 -37.48 -5.33
CA SER D 498 -3.94 -38.70 -6.11
C SER D 498 -5.34 -39.31 -6.25
N VAL D 499 -5.70 -39.66 -7.48
CA VAL D 499 -7.00 -40.26 -7.75
C VAL D 499 -6.79 -41.71 -8.14
N THR D 500 -5.74 -42.30 -7.61
CA THR D 500 -5.29 -43.66 -7.87
C THR D 500 -4.79 -44.21 -6.55
N PRO D 501 -4.94 -45.52 -6.29
CA PRO D 501 -4.43 -46.10 -5.04
C PRO D 501 -2.92 -45.98 -4.86
N LYS D 502 -2.16 -45.71 -5.93
CA LYS D 502 -0.77 -45.30 -5.77
C LYS D 502 -0.70 -43.95 -5.07
N LYS D 503 0.08 -43.87 -4.01
CA LYS D 503 0.11 -42.70 -3.17
C LYS D 503 1.15 -41.69 -3.64
N LEU D 504 1.09 -40.49 -3.07
CA LEU D 504 2.01 -39.41 -3.41
C LEU D 504 3.23 -39.49 -2.50
N ARG D 505 4.42 -39.55 -3.11
CA ARG D 505 5.65 -39.73 -2.36
C ARG D 505 6.67 -38.68 -2.77
N SER D 506 7.42 -38.18 -1.79
CA SER D 506 8.53 -37.28 -2.05
C SER D 506 9.82 -38.07 -2.17
N VAL D 507 10.85 -37.41 -2.69
CA VAL D 507 12.16 -38.04 -2.81
C VAL D 507 12.92 -37.86 -1.51
N LYS D 508 14.02 -38.60 -1.33
CA LYS D 508 14.80 -38.54 -0.11
C LYS D 508 15.49 -37.19 0.03
N GLN D 509 15.97 -36.91 1.24
CA GLN D 509 16.81 -35.71 1.41
C GLN D 509 18.21 -36.03 0.84
N ALA D 510 19.14 -35.07 0.86
CA ALA D 510 20.43 -35.28 0.16
C ALA D 510 21.22 -36.49 0.65
N SER D 511 21.34 -36.69 1.97
CA SER D 511 22.19 -37.81 2.46
C SER D 511 21.60 -39.14 2.01
N ASP D 512 20.28 -39.26 2.12
CA ASP D 512 19.59 -40.51 1.74
C ASP D 512 19.74 -40.73 0.23
N LEU D 513 19.65 -39.66 -0.56
CA LEU D 513 19.84 -39.78 -2.03
C LEU D 513 21.26 -40.27 -2.32
N SER D 514 22.25 -39.74 -1.61
CA SER D 514 23.65 -40.19 -1.80
C SER D 514 23.76 -41.68 -1.46
N LEU D 515 23.14 -42.15 -0.37
CA LEU D 515 23.30 -43.58 0.02
C LEU D 515 22.94 -44.49 -1.17
N ILE D 516 21.83 -44.24 -1.85
CA ILE D 516 21.36 -45.15 -2.94
C ILE D 516 22.34 -45.13 -4.12
N ASP D 517 22.56 -46.30 -4.74
CA ASP D 517 23.53 -46.41 -5.88
C ASP D 517 22.82 -46.13 -7.20
N LYS D 518 23.42 -45.29 -8.04
CA LYS D 518 22.81 -44.92 -9.36
C LYS D 518 22.97 -46.05 -10.38
N GLU D 519 22.17 -46.03 -11.46
CA GLU D 519 22.26 -47.03 -12.55
C GLU D 519 22.17 -48.48 -12.03
N SER D 520 21.18 -48.76 -11.17
CA SER D 520 21.00 -50.13 -10.62
C SER D 520 19.74 -50.79 -11.19
N ASP D 521 19.08 -50.18 -12.18
CA ASP D 521 17.89 -50.78 -12.86
C ASP D 521 16.73 -50.89 -11.86
N ASP D 522 16.49 -49.84 -11.07
CA ASP D 522 15.40 -49.80 -10.04
C ASP D 522 15.58 -48.50 -9.24
N VAL D 523 16.44 -47.60 -9.75
CA VAL D 523 16.79 -46.34 -9.02
C VAL D 523 15.58 -45.42 -8.80
N LEU D 524 14.70 -45.29 -9.79
CA LEU D 524 13.57 -44.35 -9.60
C LEU D 524 12.75 -44.84 -8.43
N GLU D 525 12.51 -46.16 -8.37
CA GLU D 525 11.72 -46.76 -7.27
C GLU D 525 12.44 -46.54 -5.94
N ARG D 526 13.77 -46.71 -5.92
CA ARG D 526 14.54 -46.43 -4.68
C ARG D 526 14.44 -44.97 -4.21
N ILE D 527 14.44 -43.97 -5.11
CA ILE D 527 14.52 -42.52 -4.70
C ILE D 527 13.31 -41.93 -3.95
N MET D 528 12.18 -42.61 -3.75
CA MET D 528 10.96 -42.13 -3.10
C MET D 528 10.99 -42.40 -1.61
N ASP D 529 10.83 -41.33 -0.82
CA ASP D 529 10.82 -41.42 0.63
C ASP D 529 9.48 -41.98 1.09
N GLU D 530 9.53 -43.12 1.78
CA GLU D 530 8.34 -43.83 2.22
C GLU D 530 7.65 -43.20 3.42
N LYS D 531 8.31 -42.27 4.12
CA LYS D 531 7.71 -41.69 5.31
C LYS D 531 6.61 -40.69 4.97
N THR D 532 6.79 -39.93 3.89
CA THR D 532 5.82 -38.95 3.45
C THR D 532 5.04 -39.56 2.29
N ALA D 533 3.99 -40.31 2.62
CA ALA D 533 3.21 -41.06 1.64
C ALA D 533 1.74 -40.69 1.74
N SER D 534 1.46 -39.38 1.77
CA SER D 534 0.09 -38.92 1.86
C SER D 534 -0.62 -39.06 0.51
N GLU D 535 -1.94 -38.88 0.54
CA GLU D 535 -2.75 -38.79 -0.66
C GLU D 535 -3.18 -37.36 -0.94
N LEU D 536 -2.60 -36.40 -0.23
CA LEU D 536 -2.88 -34.99 -0.45
C LEU D 536 -1.65 -34.22 -0.01
N LYS D 537 -1.10 -33.41 -0.91
CA LYS D 537 0.13 -32.66 -0.63
C LYS D 537 -0.17 -31.18 -0.84
N ILE D 538 -0.31 -30.46 0.26
CA ILE D 538 -0.63 -29.03 0.20
C ILE D 538 0.63 -28.25 -0.11
N LEU D 539 0.52 -27.28 -1.01
CA LEU D 539 1.65 -26.47 -1.44
C LEU D 539 1.37 -25.01 -1.11
N TYR D 540 2.27 -24.40 -0.34
CA TYR D 540 2.17 -23.00 0.04
C TYR D 540 3.23 -22.20 -0.69
N GLY D 541 2.97 -20.91 -0.87
CA GLY D 541 3.87 -20.07 -1.65
C GLY D 541 3.22 -18.96 -2.43
N HIS D 542 1.90 -18.94 -2.48
CA HIS D 542 1.17 -17.86 -3.12
C HIS D 542 0.62 -16.91 -2.08
N SER D 543 0.44 -15.65 -2.47
CA SER D 543 -0.11 -14.63 -1.59
C SER D 543 -1.50 -14.18 -2.01
N GLY D 544 -2.17 -14.92 -2.89
CA GLY D 544 -3.48 -14.57 -3.34
C GLY D 544 -4.17 -15.77 -3.95
N PRO D 545 -5.45 -15.63 -4.31
CA PRO D 545 -6.18 -16.72 -4.96
C PRO D 545 -5.56 -17.18 -6.27
N VAL D 546 -5.11 -18.42 -6.29
CA VAL D 546 -4.48 -19.00 -7.46
C VAL D 546 -5.53 -19.36 -8.50
N TYR D 547 -5.39 -18.81 -9.70
CA TYR D 547 -6.45 -18.77 -10.70
C TYR D 547 -6.20 -19.66 -11.91
N GLY D 548 -5.06 -20.33 -11.98
CA GLY D 548 -4.82 -21.24 -13.07
C GLY D 548 -3.72 -22.22 -12.74
N ALA D 549 -3.99 -23.51 -12.92
CA ALA D 549 -2.99 -24.54 -12.69
C ALA D 549 -2.86 -25.38 -13.96
N SER D 550 -1.71 -26.01 -14.12
CA SER D 550 -1.44 -26.85 -15.27
C SER D 550 -0.28 -27.77 -14.97
N PHE D 551 -0.47 -29.07 -15.18
CA PHE D 551 0.61 -30.01 -15.00
C PHE D 551 1.53 -29.99 -16.23
N SER D 552 2.59 -30.76 -16.15
CA SER D 552 3.51 -30.96 -17.26
C SER D 552 3.38 -32.39 -17.76
N PRO D 553 3.59 -32.64 -19.06
CA PRO D 553 3.35 -33.99 -19.61
C PRO D 553 4.26 -35.08 -19.08
N ASP D 554 5.38 -34.76 -18.42
CA ASP D 554 6.19 -35.76 -17.75
C ASP D 554 5.79 -35.96 -16.30
N ARG D 555 4.68 -35.34 -15.88
CA ARG D 555 4.01 -35.47 -14.58
C ARG D 555 4.84 -34.99 -13.39
N ASN D 556 5.98 -34.35 -13.64
CA ASN D 556 6.56 -33.45 -12.67
C ASN D 556 6.04 -32.05 -13.00
N TYR D 557 6.58 -31.02 -12.34
CA TYR D 557 6.49 -29.62 -12.77
C TYR D 557 5.04 -29.12 -12.85
N LEU D 558 4.39 -29.01 -11.70
CA LEU D 558 3.11 -28.32 -11.65
C LEU D 558 3.35 -26.82 -11.76
N LEU D 559 2.45 -26.13 -12.45
CA LEU D 559 2.45 -24.67 -12.53
C LEU D 559 1.24 -24.12 -11.80
N SER D 560 1.34 -22.86 -11.38
CA SER D 560 0.21 -22.16 -10.78
C SER D 560 0.44 -20.66 -10.95
N SER D 561 -0.65 -19.91 -10.87
CA SER D 561 -0.61 -18.49 -11.14
C SER D 561 -1.73 -17.81 -10.35
N SER D 562 -1.37 -16.84 -9.51
CA SER D 562 -2.31 -16.21 -8.61
C SER D 562 -2.41 -14.72 -8.90
N GLU D 563 -3.14 -14.01 -8.04
CA GLU D 563 -3.40 -12.60 -8.23
C GLU D 563 -2.32 -11.72 -7.58
N ASP D 564 -1.26 -12.30 -7.04
CA ASP D 564 -0.11 -11.52 -6.60
C ASP D 564 0.88 -11.27 -7.72
N GLY D 565 0.54 -11.63 -8.95
CA GLY D 565 1.33 -11.33 -10.12
C GLY D 565 2.42 -12.32 -10.44
N THR D 566 2.59 -13.36 -9.65
CA THR D 566 3.65 -14.33 -9.88
C THR D 566 3.10 -15.63 -10.45
N VAL D 567 4.01 -16.42 -10.99
CA VAL D 567 3.73 -17.72 -11.57
C VAL D 567 4.79 -18.67 -11.02
N ARG D 568 4.37 -19.69 -10.29
CA ARG D 568 5.31 -20.55 -9.59
C ARG D 568 5.39 -21.92 -10.25
N LEU D 569 6.59 -22.49 -10.27
CA LEU D 569 6.84 -23.80 -10.84
C LEU D 569 7.10 -24.75 -9.69
N TRP D 570 6.07 -25.47 -9.28
CA TRP D 570 6.20 -26.46 -8.21
C TRP D 570 6.80 -27.73 -8.77
N SER D 571 7.68 -28.35 -8.00
CA SER D 571 8.13 -29.68 -8.35
C SER D 571 7.14 -30.71 -7.84
N LEU D 572 7.10 -31.86 -8.50
CA LEU D 572 6.29 -32.98 -8.04
C LEU D 572 7.16 -34.18 -7.69
N GLN D 573 8.44 -33.95 -7.42
CA GLN D 573 9.32 -34.92 -6.81
C GLN D 573 9.74 -34.50 -5.41
N THR D 574 9.99 -33.21 -5.21
CA THR D 574 10.27 -32.68 -3.88
C THR D 574 9.05 -32.02 -3.25
N PHE D 575 8.04 -31.71 -4.06
CA PHE D 575 6.79 -31.05 -3.65
C PHE D 575 7.06 -29.70 -2.98
N THR D 576 8.05 -28.97 -3.48
CA THR D 576 8.34 -27.62 -3.06
C THR D 576 8.47 -26.75 -4.30
N CYS D 577 8.29 -25.44 -4.11
CA CYS D 577 8.40 -24.51 -5.22
C CYS D 577 9.84 -24.39 -5.69
N LEU D 578 10.02 -24.11 -6.98
CA LEU D 578 11.34 -24.00 -7.57
C LEU D 578 11.64 -22.59 -8.06
N VAL D 579 10.81 -22.01 -8.93
CA VAL D 579 11.01 -20.66 -9.44
C VAL D 579 9.71 -19.89 -9.24
N GLY D 580 9.82 -18.57 -9.11
CA GLY D 580 8.68 -17.69 -9.16
C GLY D 580 8.85 -16.63 -10.22
N TYR D 581 8.01 -16.64 -11.25
CA TYR D 581 8.21 -15.84 -12.44
C TYR D 581 7.49 -14.51 -12.28
N LYS D 582 8.25 -13.44 -12.09
CA LYS D 582 7.72 -12.15 -11.64
C LYS D 582 7.56 -11.15 -12.79
N GLY D 583 7.15 -11.60 -13.96
CA GLY D 583 6.93 -10.68 -15.07
C GLY D 583 5.78 -9.72 -14.89
N HIS D 584 4.57 -10.23 -14.69
CA HIS D 584 3.42 -9.37 -14.48
C HIS D 584 3.48 -8.73 -13.10
N ASN D 585 2.88 -7.54 -12.99
CA ASN D 585 2.59 -6.95 -11.69
C ASN D 585 1.14 -7.16 -11.27
N TYR D 586 0.29 -7.54 -12.20
CA TYR D 586 -1.15 -7.65 -12.05
C TYR D 586 -1.54 -9.11 -12.00
N PRO D 587 -2.78 -9.43 -11.58
CA PRO D 587 -3.23 -10.84 -11.55
C PRO D 587 -3.07 -11.60 -12.85
N VAL D 588 -2.56 -12.82 -12.76
CA VAL D 588 -2.37 -13.71 -13.88
C VAL D 588 -3.55 -14.66 -13.91
N TRP D 589 -4.38 -14.58 -14.95
CA TRP D 589 -5.64 -15.30 -14.95
C TRP D 589 -5.52 -16.74 -15.41
N ASP D 590 -4.50 -17.09 -16.19
CA ASP D 590 -4.36 -18.46 -16.67
C ASP D 590 -2.90 -18.75 -16.96
N THR D 591 -2.55 -20.03 -16.88
CA THR D 591 -1.23 -20.50 -17.27
C THR D 591 -1.36 -21.93 -17.77
N GLN D 592 -0.44 -22.32 -18.65
CA GLN D 592 -0.48 -23.65 -19.26
C GLN D 592 0.87 -23.95 -19.88
N PHE D 593 1.35 -25.18 -19.68
CA PHE D 593 2.52 -25.67 -20.39
C PHE D 593 2.24 -25.87 -21.88
N SER D 594 3.33 -26.04 -22.61
CA SER D 594 3.29 -26.58 -23.95
C SER D 594 2.93 -28.05 -23.88
N PRO D 595 2.35 -28.62 -24.95
CA PRO D 595 2.12 -30.07 -24.99
C PRO D 595 3.41 -30.89 -25.00
N TYR D 596 4.56 -30.30 -25.29
CA TYR D 596 5.84 -30.99 -25.23
C TYR D 596 6.65 -30.65 -23.98
N GLY D 597 6.21 -29.68 -23.19
CA GLY D 597 6.63 -29.58 -21.82
C GLY D 597 7.86 -28.77 -21.51
N TYR D 598 8.20 -27.80 -22.34
CA TYR D 598 9.32 -26.91 -22.05
C TYR D 598 8.89 -25.46 -21.91
N TYR D 599 8.10 -24.96 -22.85
CA TYR D 599 7.60 -23.60 -22.80
C TYR D 599 6.30 -23.56 -22.01
N PHE D 600 5.94 -22.36 -21.56
CA PHE D 600 4.60 -22.14 -21.05
C PHE D 600 4.21 -20.69 -21.28
N VAL D 601 2.92 -20.43 -21.19
CA VAL D 601 2.32 -19.15 -21.53
C VAL D 601 1.45 -18.74 -20.35
N SER D 602 1.39 -17.44 -20.07
CA SER D 602 0.66 -16.96 -18.89
C SER D 602 0.09 -15.58 -19.18
N GLY D 603 -1.22 -15.53 -19.45
CA GLY D 603 -1.88 -14.26 -19.67
C GLY D 603 -2.45 -13.68 -18.40
N GLY D 604 -2.40 -12.35 -18.30
CA GLY D 604 -2.80 -11.69 -17.08
C GLY D 604 -3.63 -10.43 -17.23
N HIS D 605 -3.79 -9.69 -16.15
CA HIS D 605 -4.62 -8.48 -16.15
C HIS D 605 -3.94 -7.31 -16.86
N ASP D 606 -2.63 -7.38 -17.08
CA ASP D 606 -1.91 -6.31 -17.77
C ASP D 606 -2.04 -6.38 -19.29
N ARG D 607 -2.99 -7.17 -19.80
CA ARG D 607 -3.41 -7.24 -21.20
C ARG D 607 -2.32 -7.72 -22.14
N VAL D 608 -1.29 -8.40 -21.63
CA VAL D 608 -0.36 -9.12 -22.48
C VAL D 608 -0.43 -10.58 -22.10
N ALA D 609 0.29 -11.43 -22.83
CA ALA D 609 0.38 -12.84 -22.51
C ALA D 609 1.80 -13.28 -22.84
N ARG D 610 2.63 -13.45 -21.82
CA ARG D 610 4.03 -13.72 -22.05
C ARG D 610 4.24 -15.19 -22.37
N LEU D 611 5.42 -15.51 -22.91
CA LEU D 611 5.81 -16.88 -23.17
C LEU D 611 7.16 -17.13 -22.52
N TRP D 612 7.21 -18.11 -21.63
CA TRP D 612 8.38 -18.42 -20.83
C TRP D 612 8.94 -19.77 -21.25
N ALA D 613 10.03 -20.20 -20.61
CA ALA D 613 10.70 -21.41 -21.06
C ALA D 613 11.25 -22.32 -19.97
N THR D 614 10.94 -22.08 -18.68
CA THR D 614 11.50 -22.77 -17.51
C THR D 614 13.02 -22.72 -17.44
N ASP D 615 13.67 -21.80 -18.15
CA ASP D 615 15.11 -21.60 -18.07
C ASP D 615 15.50 -20.14 -17.93
N HIS D 616 14.63 -19.23 -18.35
CA HIS D 616 14.91 -17.80 -18.31
C HIS D 616 13.90 -17.16 -17.37
N TYR D 617 14.40 -16.30 -16.48
CA TYR D 617 13.58 -15.59 -15.53
C TYR D 617 12.77 -14.46 -16.17
N GLN D 618 12.98 -14.19 -17.46
CA GLN D 618 12.31 -13.24 -18.31
C GLN D 618 11.61 -13.97 -19.45
N PRO D 619 10.52 -13.43 -20.00
CA PRO D 619 9.81 -14.14 -21.07
C PRO D 619 10.59 -14.15 -22.38
N LEU D 620 10.20 -15.07 -23.25
CA LEU D 620 10.78 -15.16 -24.58
C LEU D 620 9.99 -14.33 -25.58
N ARG D 621 8.66 -14.39 -25.51
CA ARG D 621 7.78 -13.63 -26.37
C ARG D 621 6.74 -12.93 -25.51
N ILE D 622 6.35 -11.74 -25.93
CA ILE D 622 5.26 -11.01 -25.27
C ILE D 622 4.18 -10.75 -26.31
N PHE D 623 3.01 -11.34 -26.09
CA PHE D 623 1.91 -11.28 -27.04
C PHE D 623 0.98 -10.15 -26.63
N ALA D 624 1.25 -8.95 -27.16
CA ALA D 624 0.60 -7.72 -26.71
C ALA D 624 -0.24 -7.16 -27.86
N GLY D 625 -1.49 -7.62 -27.96
CA GLY D 625 -2.40 -7.03 -28.91
C GLY D 625 -3.79 -6.76 -28.35
N HIS D 626 -4.07 -7.31 -27.18
CA HIS D 626 -5.42 -7.24 -26.63
C HIS D 626 -5.67 -5.87 -26.01
N LEU D 627 -6.95 -5.58 -25.77
CA LEU D 627 -7.35 -4.28 -25.27
C LEU D 627 -7.98 -4.30 -23.89
N ALA D 628 -8.44 -5.45 -23.40
CA ALA D 628 -9.13 -5.50 -22.12
C ALA D 628 -8.40 -6.33 -21.09
N ASP D 629 -8.07 -7.58 -21.40
CA ASP D 629 -7.38 -8.51 -20.51
C ASP D 629 -6.79 -9.60 -21.37
N VAL D 630 -6.31 -10.67 -20.73
CA VAL D 630 -6.14 -11.98 -21.34
C VAL D 630 -6.67 -12.96 -20.31
N ASN D 631 -7.86 -13.52 -20.55
CA ASN D 631 -8.47 -14.40 -19.56
C ASN D 631 -7.89 -15.80 -19.63
N CYS D 632 -7.86 -16.40 -20.82
CA CYS D 632 -7.46 -17.78 -20.97
C CYS D 632 -6.49 -17.91 -22.14
N THR D 633 -5.40 -18.65 -21.93
CA THR D 633 -4.41 -18.91 -22.96
C THR D 633 -4.36 -20.41 -23.24
N ARG D 634 -4.11 -20.76 -24.50
CA ARG D 634 -4.00 -22.15 -24.89
C ARG D 634 -2.83 -22.32 -25.86
N PHE D 635 -2.23 -23.49 -25.84
CA PHE D 635 -1.24 -23.87 -26.82
C PHE D 635 -1.90 -24.70 -27.93
N HIS D 636 -1.42 -24.51 -29.15
CA HIS D 636 -1.76 -25.42 -30.23
C HIS D 636 -1.10 -26.77 -29.98
N PRO D 637 -1.65 -27.85 -30.53
CA PRO D 637 -0.94 -29.14 -30.48
C PRO D 637 0.40 -29.17 -31.20
N ASN D 638 0.66 -28.23 -32.11
CA ASN D 638 2.01 -28.02 -32.62
C ASN D 638 2.93 -27.44 -31.55
N SER D 639 2.36 -26.69 -30.61
CA SER D 639 3.04 -25.70 -29.75
C SER D 639 3.83 -24.69 -30.56
N ASN D 640 3.36 -24.38 -31.77
CA ASN D 640 3.91 -23.31 -32.58
C ASN D 640 3.01 -22.09 -32.60
N TYR D 641 1.76 -22.23 -32.16
CA TYR D 641 0.83 -21.12 -32.09
C TYR D 641 0.17 -21.11 -30.73
N VAL D 642 -0.26 -19.93 -30.30
CA VAL D 642 -0.84 -19.73 -28.97
C VAL D 642 -2.13 -18.94 -29.15
N ALA D 643 -3.23 -19.46 -28.64
CA ALA D 643 -4.52 -18.78 -28.68
C ALA D 643 -4.82 -18.17 -27.32
N THR D 644 -5.09 -16.87 -27.30
CA THR D 644 -5.39 -16.13 -26.07
C THR D 644 -6.74 -15.44 -26.21
N GLY D 645 -7.80 -16.10 -25.78
CA GLY D 645 -9.08 -15.44 -25.64
C GLY D 645 -9.07 -14.47 -24.47
N SER D 646 -9.90 -13.45 -24.56
CA SER D 646 -9.76 -12.32 -23.66
C SER D 646 -11.10 -11.65 -23.41
N ALA D 647 -11.06 -10.56 -22.64
CA ALA D 647 -12.25 -9.90 -22.13
C ALA D 647 -12.72 -8.75 -23.00
N ASP D 648 -12.09 -8.53 -24.15
CA ASP D 648 -12.61 -7.59 -25.14
C ASP D 648 -13.48 -8.27 -26.17
N ARG D 649 -14.07 -9.43 -25.81
CA ARG D 649 -14.93 -10.24 -26.67
C ARG D 649 -14.24 -10.67 -27.97
N THR D 650 -12.92 -10.80 -27.93
CA THR D 650 -12.13 -11.24 -29.07
C THR D 650 -11.23 -12.39 -28.64
N VAL D 651 -10.70 -13.09 -29.63
CA VAL D 651 -9.75 -14.18 -29.39
C VAL D 651 -8.78 -14.21 -30.58
N ARG D 652 -7.49 -14.21 -30.27
CA ARG D 652 -6.45 -14.10 -31.28
C ARG D 652 -5.57 -15.34 -31.25
N LEU D 653 -4.97 -15.64 -32.40
CA LEU D 653 -3.89 -16.61 -32.49
C LEU D 653 -2.58 -15.87 -32.58
N TRP D 654 -1.57 -16.36 -31.88
CA TRP D 654 -0.25 -15.77 -31.95
C TRP D 654 0.71 -16.78 -32.56
N ASP D 655 1.91 -16.31 -32.86
CA ASP D 655 2.95 -17.16 -33.43
C ASP D 655 4.12 -17.19 -32.45
N VAL D 656 4.53 -18.40 -32.06
CA VAL D 656 5.61 -18.54 -31.08
C VAL D 656 6.93 -18.09 -31.69
N LEU D 657 7.19 -18.47 -32.93
CA LEU D 657 8.22 -17.80 -33.70
C LEU D 657 7.74 -16.39 -34.05
N ASN D 658 8.64 -15.42 -33.91
CA ASN D 658 8.52 -14.03 -34.36
C ASN D 658 7.33 -13.25 -33.80
N GLY D 659 6.56 -13.80 -32.86
CA GLY D 659 5.64 -13.04 -32.04
C GLY D 659 4.46 -12.38 -32.70
N ASN D 660 4.25 -12.58 -34.00
CA ASN D 660 3.23 -11.83 -34.73
C ASN D 660 1.83 -12.31 -34.39
N CYS D 661 0.79 -11.51 -34.68
CA CYS D 661 -0.61 -12.00 -34.48
C CYS D 661 -1.14 -12.57 -35.80
N VAL D 662 -1.40 -13.87 -35.86
CA VAL D 662 -1.77 -14.51 -37.15
C VAL D 662 -3.28 -14.70 -37.36
N ARG D 663 -4.13 -14.39 -36.40
CA ARG D 663 -5.61 -14.44 -36.63
C ARG D 663 -6.36 -13.65 -35.57
N ILE D 664 -7.56 -13.16 -35.88
CA ILE D 664 -8.39 -12.38 -34.91
C ILE D 664 -9.85 -12.76 -35.12
N PHE D 665 -10.44 -13.50 -34.20
CA PHE D 665 -11.82 -13.94 -34.26
C PHE D 665 -12.70 -13.03 -33.41
N THR D 666 -13.68 -12.38 -34.03
CA THR D 666 -14.57 -11.44 -33.36
C THR D 666 -16.00 -11.94 -33.55
N GLY D 667 -16.48 -12.76 -32.61
CA GLY D 667 -17.84 -13.25 -32.72
C GLY D 667 -18.67 -13.22 -31.45
N HIS D 668 -18.05 -12.98 -30.31
CA HIS D 668 -18.74 -13.15 -29.04
C HIS D 668 -19.45 -11.87 -28.62
N LYS D 669 -20.28 -12.01 -27.59
CA LYS D 669 -20.98 -10.88 -26.97
C LYS D 669 -20.66 -10.81 -25.48
N GLY D 670 -19.59 -11.44 -25.04
CA GLY D 670 -19.16 -11.40 -23.67
C GLY D 670 -17.69 -11.76 -23.56
N PRO D 671 -17.11 -11.58 -22.38
CA PRO D 671 -15.70 -11.95 -22.17
C PRO D 671 -15.49 -13.45 -22.27
N ILE D 672 -14.52 -13.86 -23.10
CA ILE D 672 -14.22 -15.28 -23.32
C ILE D 672 -13.57 -15.85 -22.07
N HIS D 673 -14.13 -16.95 -21.57
CA HIS D 673 -13.61 -17.59 -20.37
C HIS D 673 -13.13 -19.02 -20.59
N SER D 674 -13.28 -19.56 -21.80
CA SER D 674 -12.86 -20.93 -22.05
C SER D 674 -12.42 -21.08 -23.48
N LEU D 675 -11.41 -21.93 -23.68
CA LEU D 675 -10.84 -22.21 -24.98
C LEU D 675 -10.43 -23.67 -25.04
N THR D 676 -10.46 -24.23 -26.24
CA THR D 676 -9.94 -25.57 -26.48
C THR D 676 -9.62 -25.70 -27.96
N PHE D 677 -8.74 -26.66 -28.27
CA PHE D 677 -8.35 -26.97 -29.63
C PHE D 677 -8.86 -28.36 -30.00
N SER D 678 -9.33 -28.50 -31.24
CA SER D 678 -9.64 -29.83 -31.76
C SER D 678 -8.33 -30.61 -31.93
N PRO D 679 -8.35 -31.93 -31.68
CA PRO D 679 -7.08 -32.68 -31.60
C PRO D 679 -6.36 -32.86 -32.92
N ASN D 680 -6.98 -32.56 -34.06
CA ASN D 680 -6.28 -32.57 -35.33
C ASN D 680 -5.64 -31.23 -35.66
N GLY D 681 -6.08 -30.15 -35.01
CA GLY D 681 -5.46 -28.86 -35.17
C GLY D 681 -6.21 -27.89 -36.06
N ARG D 682 -7.27 -28.34 -36.72
CA ARG D 682 -7.95 -27.47 -37.69
C ARG D 682 -8.87 -26.46 -37.03
N PHE D 683 -9.41 -26.77 -35.87
CA PHE D 683 -10.50 -25.98 -35.31
C PHE D 683 -10.16 -25.48 -33.91
N LEU D 684 -11.09 -24.70 -33.36
CA LEU D 684 -10.89 -24.00 -32.10
C LEU D 684 -12.27 -23.55 -31.60
N ALA D 685 -12.55 -23.82 -30.32
CA ALA D 685 -13.85 -23.50 -29.74
C ALA D 685 -13.68 -22.59 -28.55
N THR D 686 -14.51 -21.57 -28.46
CA THR D 686 -14.48 -20.62 -27.35
C THR D 686 -15.79 -20.65 -26.59
N GLY D 687 -15.83 -19.90 -25.50
CA GLY D 687 -17.02 -19.79 -24.68
C GLY D 687 -16.95 -18.56 -23.82
N ALA D 688 -18.08 -17.87 -23.62
CA ALA D 688 -18.08 -16.58 -22.97
C ALA D 688 -19.24 -16.50 -21.99
N THR D 689 -19.39 -15.32 -21.38
CA THR D 689 -20.40 -15.11 -20.35
C THR D 689 -21.82 -15.03 -20.89
N ASP D 690 -22.00 -14.94 -22.21
CA ASP D 690 -23.34 -14.97 -22.78
C ASP D 690 -23.92 -16.37 -22.84
N GLY D 691 -23.14 -17.39 -22.54
CA GLY D 691 -23.60 -18.76 -22.64
C GLY D 691 -23.67 -19.22 -24.09
N ARG D 692 -22.52 -19.29 -24.74
CA ARG D 692 -22.48 -19.60 -26.16
C ARG D 692 -21.11 -20.17 -26.51
N VAL D 693 -21.12 -21.21 -27.32
CA VAL D 693 -19.89 -21.85 -27.80
C VAL D 693 -19.80 -21.60 -29.30
N LEU D 694 -18.74 -20.94 -29.73
CA LEU D 694 -18.51 -20.61 -31.13
C LEU D 694 -17.34 -21.43 -31.65
N LEU D 695 -17.57 -22.15 -32.73
CA LEU D 695 -16.54 -22.97 -33.35
C LEU D 695 -15.90 -22.18 -34.48
N TRP D 696 -14.58 -22.13 -34.50
CA TRP D 696 -13.83 -21.43 -35.53
C TRP D 696 -12.98 -22.41 -36.33
N ASP D 697 -12.66 -22.02 -37.56
CA ASP D 697 -11.70 -22.72 -38.38
C ASP D 697 -10.40 -21.92 -38.39
N ILE D 698 -9.29 -22.58 -38.07
CA ILE D 698 -8.01 -21.84 -37.97
C ILE D 698 -7.50 -21.54 -39.38
N GLY D 699 -7.63 -22.49 -40.31
CA GLY D 699 -7.05 -22.27 -41.66
C GLY D 699 -7.66 -21.07 -42.35
N HIS D 700 -8.98 -20.94 -42.32
CA HIS D 700 -9.65 -19.73 -42.87
C HIS D 700 -10.37 -19.14 -41.66
N GLY D 701 -10.19 -17.86 -41.37
CA GLY D 701 -10.75 -17.35 -40.10
C GLY D 701 -12.24 -17.11 -40.21
N LEU D 702 -13.02 -18.18 -40.26
CA LEU D 702 -14.48 -18.06 -40.38
C LEU D 702 -15.13 -18.84 -39.25
N MET D 703 -16.19 -18.28 -38.65
CA MET D 703 -16.94 -19.03 -37.61
C MET D 703 -17.77 -20.11 -38.32
N VAL D 704 -17.33 -21.37 -38.25
CA VAL D 704 -18.04 -22.46 -38.92
C VAL D 704 -19.17 -23.07 -38.09
N GLY D 705 -19.38 -22.60 -36.87
CA GLY D 705 -20.49 -23.10 -36.08
C GLY D 705 -20.86 -22.15 -34.97
N GLU D 706 -21.96 -22.50 -34.29
CA GLU D 706 -22.44 -21.74 -33.13
C GLU D 706 -23.33 -22.67 -32.32
N LEU D 707 -22.94 -22.92 -31.08
CA LEU D 707 -23.64 -23.87 -30.21
C LEU D 707 -24.29 -23.07 -29.09
N LYS D 708 -25.62 -22.97 -29.11
CA LYS D 708 -26.33 -22.00 -28.29
C LYS D 708 -27.24 -22.63 -27.25
N GLY D 709 -26.76 -23.67 -26.57
CA GLY D 709 -27.59 -24.35 -25.59
C GLY D 709 -27.53 -23.82 -24.18
N HIS D 710 -26.37 -23.33 -23.77
CA HIS D 710 -26.10 -23.02 -22.37
C HIS D 710 -26.87 -21.78 -21.92
N THR D 711 -26.78 -21.50 -20.61
CA THR D 711 -27.45 -20.37 -19.98
C THR D 711 -26.47 -19.40 -19.36
N ASP D 712 -25.50 -19.88 -18.60
CA ASP D 712 -24.54 -19.04 -17.90
C ASP D 712 -23.16 -19.22 -18.53
N THR D 713 -22.15 -18.64 -17.88
CA THR D 713 -20.78 -18.57 -18.41
C THR D 713 -20.18 -19.96 -18.62
N VAL D 714 -19.81 -20.25 -19.86
CA VAL D 714 -19.19 -21.53 -20.20
C VAL D 714 -17.75 -21.47 -19.72
N CYS D 715 -17.50 -21.99 -18.52
CA CYS D 715 -16.19 -21.92 -17.91
C CYS D 715 -15.34 -23.16 -18.18
N SER D 716 -15.80 -24.07 -19.03
CA SER D 716 -15.05 -25.29 -19.31
C SER D 716 -15.42 -25.82 -20.68
N LEU D 717 -14.40 -26.12 -21.47
CA LEU D 717 -14.57 -26.65 -22.81
C LEU D 717 -13.52 -27.71 -23.06
N ARG D 718 -13.90 -28.81 -23.70
CA ARG D 718 -12.96 -29.85 -24.04
C ARG D 718 -13.50 -30.66 -25.21
N PHE D 719 -12.64 -30.92 -26.20
CA PHE D 719 -12.97 -31.84 -27.28
C PHE D 719 -12.72 -33.27 -26.80
N SER D 720 -12.95 -34.23 -27.69
CA SER D 720 -12.70 -35.62 -27.36
C SER D 720 -11.21 -35.93 -27.55
N ARG D 721 -10.84 -37.19 -27.49
CA ARG D 721 -9.44 -37.56 -27.67
C ARG D 721 -9.10 -37.80 -29.14
N ASP D 722 -10.06 -38.25 -29.94
CA ASP D 722 -9.90 -38.34 -31.38
C ASP D 722 -10.65 -37.26 -32.14
N GLY D 723 -11.44 -36.45 -31.44
CA GLY D 723 -12.24 -35.43 -32.08
C GLY D 723 -13.66 -35.83 -32.38
N GLU D 724 -14.21 -36.80 -31.65
CA GLU D 724 -15.57 -37.26 -31.94
C GLU D 724 -16.61 -36.28 -31.42
N ILE D 725 -16.55 -35.94 -30.13
CA ILE D 725 -17.55 -35.07 -29.52
C ILE D 725 -16.85 -33.89 -28.85
N LEU D 726 -17.63 -32.85 -28.56
CA LEU D 726 -17.18 -31.68 -27.83
C LEU D 726 -17.99 -31.58 -26.54
N ALA D 727 -17.30 -31.43 -25.41
CA ALA D 727 -17.94 -31.36 -24.10
C ALA D 727 -17.80 -29.96 -23.54
N SER D 728 -18.85 -29.48 -22.88
CA SER D 728 -18.91 -28.09 -22.45
C SER D 728 -19.64 -28.00 -21.12
N GLY D 729 -18.93 -27.62 -20.07
CA GLY D 729 -19.51 -27.41 -18.76
C GLY D 729 -19.53 -25.92 -18.45
N SER D 730 -20.52 -25.51 -17.67
CA SER D 730 -20.76 -24.08 -17.43
C SER D 730 -21.18 -23.88 -15.99
N MET D 731 -21.59 -22.65 -15.67
CA MET D 731 -22.18 -22.31 -14.39
C MET D 731 -23.68 -22.58 -14.35
N ASP D 732 -24.23 -23.13 -15.41
CA ASP D 732 -25.62 -23.59 -15.51
C ASP D 732 -25.80 -24.96 -14.85
N ASN D 733 -24.71 -25.54 -14.33
CA ASN D 733 -24.63 -26.87 -13.74
C ASN D 733 -25.06 -27.95 -14.74
N THR D 734 -24.45 -27.89 -15.92
CA THR D 734 -24.70 -28.85 -16.99
C THR D 734 -23.39 -29.31 -17.60
N VAL D 735 -23.40 -30.51 -18.17
CA VAL D 735 -22.30 -31.03 -18.98
C VAL D 735 -22.92 -31.48 -20.29
N ARG D 736 -22.92 -30.60 -21.29
CA ARG D 736 -23.48 -30.93 -22.59
C ARG D 736 -22.42 -31.52 -23.50
N LEU D 737 -22.81 -32.52 -24.29
CA LEU D 737 -21.93 -33.15 -25.25
C LEU D 737 -22.45 -32.83 -26.64
N TRP D 738 -21.68 -32.06 -27.40
CA TRP D 738 -22.05 -31.69 -28.75
C TRP D 738 -21.46 -32.70 -29.74
N ASP D 739 -21.59 -32.42 -31.03
CA ASP D 739 -21.07 -33.29 -32.08
C ASP D 739 -19.93 -32.57 -32.79
N ALA D 740 -18.72 -33.13 -32.69
CA ALA D 740 -17.56 -32.56 -33.35
C ALA D 740 -17.30 -33.18 -34.72
N ILE D 741 -18.31 -33.81 -35.31
CA ILE D 741 -18.25 -34.32 -36.67
C ILE D 741 -19.31 -33.68 -37.56
N LYS D 742 -20.54 -33.56 -37.04
CA LYS D 742 -21.65 -32.99 -37.81
C LYS D 742 -21.45 -31.51 -38.08
N ALA D 743 -20.76 -30.80 -37.19
CA ALA D 743 -20.53 -29.37 -37.37
C ALA D 743 -19.31 -29.07 -38.23
N PHE D 744 -18.45 -30.07 -38.48
CA PHE D 744 -17.14 -29.83 -39.08
C PHE D 744 -16.98 -30.58 -40.40
N GLU D 745 -17.98 -30.50 -41.28
CA GLU D 745 -17.94 -31.18 -42.56
C GLU D 745 -17.45 -30.31 -43.70
N ASP D 746 -16.55 -29.37 -43.41
CA ASP D 746 -15.93 -28.50 -44.40
C ASP D 746 -14.43 -28.79 -44.49
N LEU D 747 -14.09 -30.08 -44.45
CA LEU D 747 -12.66 -30.49 -44.37
C LEU D 747 -12.07 -30.74 -45.75
N GLU D 748 -11.13 -29.89 -46.16
CA GLU D 748 -10.38 -30.05 -47.41
C GLU D 748 -9.07 -29.27 -47.36
N THR D 754 -13.32 -21.14 -51.37
CA THR D 754 -14.60 -20.49 -51.16
C THR D 754 -14.60 -19.08 -51.76
N ALA D 755 -13.58 -18.30 -51.37
CA ALA D 755 -13.28 -16.96 -51.87
C ALA D 755 -14.44 -15.97 -51.66
N THR D 756 -15.26 -16.19 -50.64
CA THR D 756 -16.37 -15.29 -50.35
C THR D 756 -16.28 -14.66 -48.96
N GLY D 757 -15.94 -15.43 -47.92
CA GLY D 757 -15.92 -14.93 -46.57
C GLY D 757 -17.13 -15.31 -45.73
N HIS D 758 -17.99 -16.20 -46.22
CA HIS D 758 -19.18 -16.59 -45.47
C HIS D 758 -19.52 -18.03 -45.84
N ILE D 759 -20.32 -18.67 -44.98
CA ILE D 759 -20.55 -20.11 -45.05
C ILE D 759 -22.04 -20.40 -44.98
N ASN D 760 -22.83 -19.35 -44.68
CA ASN D 760 -24.30 -19.38 -44.62
C ASN D 760 -24.81 -20.38 -43.59
N LEU D 761 -24.51 -20.05 -42.33
CA LEU D 761 -24.82 -20.95 -41.22
C LEU D 761 -26.31 -20.99 -40.92
N PRO D 762 -26.95 -22.16 -40.92
CA PRO D 762 -28.31 -22.27 -40.35
C PRO D 762 -28.26 -22.45 -38.85
N GLU D 763 -29.41 -22.68 -38.22
CA GLU D 763 -29.50 -22.97 -36.79
C GLU D 763 -29.78 -24.47 -36.66
N ASN D 764 -28.85 -25.20 -36.06
CA ASN D 764 -28.86 -26.66 -36.08
C ASN D 764 -28.46 -27.28 -34.74
N SER D 765 -28.83 -26.64 -33.62
CA SER D 765 -28.42 -27.10 -32.30
C SER D 765 -29.38 -28.14 -31.71
N GLN D 766 -30.14 -28.84 -32.55
CA GLN D 766 -30.87 -30.02 -32.12
C GLN D 766 -30.30 -31.31 -32.72
N GLU D 767 -29.62 -31.21 -33.86
CA GLU D 767 -28.91 -32.33 -34.44
C GLU D 767 -27.44 -32.35 -34.06
N LEU D 768 -27.00 -31.37 -33.25
CA LEU D 768 -25.65 -31.33 -32.71
C LEU D 768 -25.60 -31.69 -31.24
N LEU D 769 -26.58 -31.25 -30.46
CA LEU D 769 -26.63 -31.59 -29.05
C LEU D 769 -27.01 -33.05 -28.85
N LEU D 770 -26.28 -33.73 -27.98
CA LEU D 770 -26.54 -35.18 -27.84
C LEU D 770 -27.16 -35.42 -26.46
N GLY D 771 -26.40 -35.14 -25.40
CA GLY D 771 -26.93 -35.30 -24.04
C GLY D 771 -26.65 -34.10 -23.16
N THR D 772 -27.65 -33.61 -22.44
CA THR D 772 -27.42 -32.52 -21.47
C THR D 772 -27.46 -33.16 -20.08
N TYR D 773 -26.37 -33.09 -19.31
CA TYR D 773 -26.38 -33.80 -18.01
C TYR D 773 -26.34 -32.78 -16.87
N MET D 774 -27.43 -32.70 -16.10
CA MET D 774 -27.53 -31.73 -14.98
C MET D 774 -26.66 -32.20 -13.81
N THR D 775 -26.10 -31.26 -13.03
CA THR D 775 -25.27 -31.61 -11.86
C THR D 775 -25.94 -31.07 -10.60
N LYS D 776 -25.64 -31.66 -9.43
CA LYS D 776 -26.35 -31.28 -8.18
C LYS D 776 -25.81 -29.96 -7.63
N SER D 777 -26.38 -28.83 -8.06
CA SER D 777 -26.02 -27.52 -7.51
C SER D 777 -24.52 -27.22 -7.58
N THR D 778 -23.82 -27.85 -8.52
CA THR D 778 -22.39 -27.67 -8.66
C THR D 778 -22.03 -27.29 -10.08
N PRO D 779 -21.28 -26.19 -10.27
CA PRO D 779 -20.78 -25.85 -11.60
C PRO D 779 -19.70 -26.81 -12.05
N VAL D 780 -19.43 -26.79 -13.35
CA VAL D 780 -18.45 -27.70 -13.94
C VAL D 780 -17.21 -26.92 -14.32
N VAL D 781 -16.22 -26.88 -13.43
CA VAL D 781 -15.07 -26.01 -13.61
C VAL D 781 -14.11 -26.58 -14.64
N HIS D 782 -13.90 -27.91 -14.62
CA HIS D 782 -12.95 -28.55 -15.50
C HIS D 782 -13.61 -29.70 -16.22
N LEU D 783 -13.15 -29.96 -17.44
CA LEU D 783 -13.57 -31.11 -18.22
C LEU D 783 -12.34 -31.78 -18.81
N HIS D 784 -12.34 -33.12 -18.81
CA HIS D 784 -11.16 -33.86 -19.19
C HIS D 784 -11.57 -35.19 -19.79
N PHE D 785 -10.90 -35.56 -20.87
CA PHE D 785 -11.03 -36.89 -21.46
C PHE D 785 -9.77 -37.68 -21.17
N THR D 786 -9.92 -38.92 -20.77
CA THR D 786 -8.77 -39.77 -20.48
C THR D 786 -8.21 -40.29 -21.81
N ARG D 787 -7.18 -41.15 -21.76
CA ARG D 787 -6.69 -41.78 -22.98
C ARG D 787 -7.75 -42.69 -23.60
N ARG D 788 -8.62 -43.25 -22.78
CA ARG D 788 -9.90 -43.78 -23.23
C ARG D 788 -10.93 -42.66 -23.08
N ASN D 789 -11.85 -42.57 -24.03
CA ASN D 789 -12.74 -41.40 -24.10
C ASN D 789 -13.76 -41.47 -22.97
N LEU D 790 -13.31 -41.05 -21.78
CA LEU D 790 -14.09 -41.10 -20.55
C LEU D 790 -14.03 -39.71 -19.93
N VAL D 791 -15.18 -39.08 -19.78
CA VAL D 791 -15.22 -37.70 -19.30
C VAL D 791 -14.99 -37.68 -17.79
N LEU D 792 -14.14 -36.76 -17.34
CA LEU D 792 -13.98 -36.42 -15.94
C LEU D 792 -14.46 -35.00 -15.73
N ALA D 793 -14.55 -34.58 -14.47
CA ALA D 793 -15.01 -33.22 -14.18
C ALA D 793 -14.42 -32.77 -12.85
N ALA D 794 -14.90 -31.63 -12.36
CA ALA D 794 -14.42 -31.06 -11.10
C ALA D 794 -15.52 -30.17 -10.54
N GLY D 795 -15.85 -30.38 -9.27
CA GLY D 795 -17.13 -29.87 -8.80
C GLY D 795 -17.23 -28.53 -8.12
N ALA D 796 -16.53 -28.32 -7.00
CA ALA D 796 -16.76 -27.22 -6.07
C ALA D 796 -18.25 -27.10 -5.71
N TYR D 797 -18.74 -28.13 -5.01
CA TYR D 797 -20.14 -28.23 -4.63
C TYR D 797 -20.59 -27.08 -3.74
N SER D 798 -21.44 -26.22 -4.27
CA SER D 798 -21.91 -25.03 -3.56
C SER D 798 -23.41 -25.08 -3.40
N PRO D 799 -23.95 -25.37 -2.21
CA PRO D 799 -25.40 -25.50 -2.02
C PRO D 799 -26.12 -24.16 -2.09
N LEU E 9 -30.06 2.36 -21.37
CA LEU E 9 -30.24 3.19 -22.56
C LEU E 9 -29.26 4.37 -22.55
N SER E 10 -29.17 5.04 -21.40
CA SER E 10 -28.33 6.22 -21.26
C SER E 10 -27.25 5.99 -20.21
N ASN E 11 -26.29 6.90 -20.21
CA ASN E 11 -25.23 6.91 -19.20
C ASN E 11 -25.83 7.33 -17.87
N THR E 12 -25.88 6.41 -16.91
CA THR E 12 -26.48 6.66 -15.61
C THR E 12 -25.39 7.01 -14.61
N VAL E 13 -25.57 8.14 -13.91
CA VAL E 13 -24.60 8.63 -12.95
C VAL E 13 -25.30 8.88 -11.62
N LEU E 14 -24.50 9.11 -10.59
CA LEU E 14 -25.02 9.54 -9.30
C LEU E 14 -25.63 10.93 -9.43
N PRO E 15 -26.66 11.24 -8.65
CA PRO E 15 -27.33 12.55 -8.80
C PRO E 15 -26.46 13.70 -8.35
N SER E 16 -26.66 14.85 -9.00
CA SER E 16 -25.88 16.04 -8.68
C SER E 16 -26.26 16.62 -7.33
N GLU E 17 -27.47 16.35 -6.83
CA GLU E 17 -27.86 16.80 -5.50
C GLU E 17 -27.28 15.94 -4.39
N SER E 18 -26.70 14.80 -4.73
CA SER E 18 -25.97 13.99 -3.76
C SER E 18 -24.57 14.51 -3.49
N MET E 19 -24.07 15.43 -4.33
CA MET E 19 -22.76 16.04 -4.12
C MET E 19 -22.85 17.36 -3.38
N LYS E 20 -24.01 18.00 -3.36
CA LYS E 20 -24.21 19.15 -2.48
C LYS E 20 -24.27 18.72 -1.03
N VAL E 21 -24.87 17.56 -0.77
CA VAL E 21 -24.96 17.02 0.58
C VAL E 21 -23.57 16.62 1.08
N VAL E 22 -22.76 16.03 0.20
CA VAL E 22 -21.42 15.60 0.57
C VAL E 22 -20.51 16.81 0.81
N ALA E 23 -20.69 17.87 0.01
CA ALA E 23 -19.86 19.07 0.14
C ALA E 23 -20.16 19.85 1.40
N GLU E 24 -21.30 19.63 2.04
CA GLU E 24 -21.59 20.29 3.31
C GLU E 24 -21.13 19.49 4.51
N SER E 25 -20.84 18.20 4.34
CA SER E 25 -20.09 17.46 5.36
C SER E 25 -18.65 17.98 5.44
N MET E 26 -18.14 18.50 4.32
CA MET E 26 -16.80 19.07 4.25
C MET E 26 -16.75 20.46 4.86
N GLY E 27 -17.79 21.26 4.66
CA GLY E 27 -17.81 22.62 5.17
C GLY E 27 -17.96 23.65 4.07
N ILE E 28 -18.16 23.18 2.84
CA ILE E 28 -18.30 24.05 1.68
C ILE E 28 -19.75 24.52 1.63
N ALA E 29 -19.96 25.82 1.81
CA ALA E 29 -21.31 26.35 1.96
C ALA E 29 -22.07 26.35 0.64
N GLN E 30 -21.52 27.00 -0.38
CA GLN E 30 -22.18 27.12 -1.67
C GLN E 30 -21.30 26.50 -2.75
N ILE E 31 -21.83 25.50 -3.44
CA ILE E 31 -21.16 24.83 -4.54
C ILE E 31 -22.05 24.94 -5.78
N GLN E 32 -21.51 25.50 -6.85
CA GLN E 32 -22.31 25.78 -8.04
C GLN E 32 -22.56 24.50 -8.83
N GLU E 33 -23.63 24.52 -9.62
CA GLU E 33 -24.15 23.31 -10.26
C GLU E 33 -23.24 22.78 -11.37
N GLU E 34 -22.32 23.58 -11.89
CA GLU E 34 -21.36 23.07 -12.86
C GLU E 34 -20.22 22.33 -12.18
N THR E 35 -19.94 22.64 -10.91
CA THR E 35 -18.97 21.89 -10.13
C THR E 35 -19.56 20.55 -9.69
N CYS E 36 -20.85 20.53 -9.33
CA CYS E 36 -21.50 19.30 -8.92
C CYS E 36 -21.64 18.33 -10.09
N GLN E 37 -21.84 18.84 -11.30
CA GLN E 37 -21.82 17.98 -12.47
C GLN E 37 -20.43 17.47 -12.77
N LEU E 38 -19.40 18.27 -12.45
CA LEU E 38 -18.02 17.85 -12.63
C LEU E 38 -17.60 16.79 -11.63
N LEU E 39 -18.26 16.72 -10.48
CA LEU E 39 -17.90 15.72 -9.46
C LEU E 39 -18.56 14.38 -9.74
N THR E 40 -19.81 14.39 -10.19
CA THR E 40 -20.59 13.16 -10.25
C THR E 40 -20.37 12.35 -11.52
N ASP E 41 -19.79 12.91 -12.57
CA ASP E 41 -19.45 12.10 -13.72
C ASP E 41 -18.06 11.50 -13.59
N GLU E 42 -17.32 11.87 -12.56
CA GLU E 42 -16.04 11.25 -12.23
C GLU E 42 -16.22 10.13 -11.21
N VAL E 43 -17.03 10.34 -10.18
CA VAL E 43 -17.21 9.32 -9.17
C VAL E 43 -18.10 8.20 -9.68
N SER E 44 -19.02 8.47 -10.61
CA SER E 44 -19.76 7.40 -11.24
C SER E 44 -18.98 6.75 -12.38
N TYR E 45 -17.87 7.36 -12.79
CA TYR E 45 -16.97 6.71 -13.73
C TYR E 45 -16.05 5.75 -13.00
N ARG E 46 -15.62 6.09 -11.78
CA ARG E 46 -14.78 5.19 -10.99
C ARG E 46 -15.58 4.10 -10.31
N ILE E 47 -16.89 4.25 -10.18
CA ILE E 47 -17.72 3.15 -9.67
C ILE E 47 -17.85 2.07 -10.73
N LYS E 48 -18.04 2.46 -11.99
CA LYS E 48 -18.17 1.50 -13.07
C LYS E 48 -16.86 0.78 -13.40
N GLU E 49 -15.71 1.33 -13.02
CA GLU E 49 -14.45 0.64 -13.22
C GLU E 49 -14.09 -0.32 -12.11
N ILE E 50 -14.73 -0.20 -10.94
CA ILE E 50 -14.59 -1.20 -9.90
C ILE E 50 -15.80 -2.12 -9.87
N ALA E 51 -16.93 -1.73 -10.46
CA ALA E 51 -18.01 -2.68 -10.67
C ALA E 51 -17.62 -3.74 -11.69
N GLN E 52 -16.86 -3.36 -12.72
CA GLN E 52 -16.50 -4.31 -13.77
C GLN E 52 -15.20 -5.04 -13.47
N ASP E 53 -14.38 -4.57 -12.54
CA ASP E 53 -13.20 -5.32 -12.13
C ASP E 53 -13.45 -6.22 -10.93
N ALA E 54 -14.50 -5.95 -10.14
CA ALA E 54 -14.96 -6.94 -9.18
C ALA E 54 -15.57 -8.14 -9.89
N LEU E 55 -16.23 -7.90 -11.03
CA LEU E 55 -16.81 -8.94 -11.85
C LEU E 55 -15.77 -9.82 -12.52
N LYS E 56 -14.51 -9.43 -12.55
CA LYS E 56 -13.46 -10.28 -13.10
C LYS E 56 -12.90 -11.24 -12.07
N PHE E 57 -13.12 -10.99 -10.79
CA PHE E 57 -12.82 -11.97 -9.76
C PHE E 57 -14.02 -12.85 -9.43
N MET E 58 -15.23 -12.39 -9.76
CA MET E 58 -16.42 -13.23 -9.65
C MET E 58 -16.49 -14.27 -10.75
N HIS E 59 -15.89 -14.00 -11.90
CA HIS E 59 -15.95 -14.91 -13.03
C HIS E 59 -14.74 -15.83 -13.11
N MET E 60 -13.55 -15.31 -12.84
CA MET E 60 -12.36 -16.15 -12.91
C MET E 60 -12.27 -17.06 -11.68
N GLY E 61 -12.56 -16.52 -10.51
CA GLY E 61 -12.88 -17.35 -9.37
C GLY E 61 -14.36 -17.63 -9.40
N LYS E 62 -14.75 -18.84 -9.80
CA LYS E 62 -16.11 -19.13 -10.28
C LYS E 62 -17.12 -19.10 -9.15
N ARG E 63 -17.86 -17.98 -9.02
CA ARG E 63 -18.69 -17.77 -7.84
C ARG E 63 -20.12 -17.35 -8.12
N GLN E 64 -20.38 -16.61 -9.20
CA GLN E 64 -21.65 -15.97 -9.60
C GLN E 64 -22.43 -15.31 -8.46
N LYS E 65 -21.74 -14.69 -7.51
CA LYS E 65 -22.43 -14.09 -6.37
C LYS E 65 -22.00 -12.64 -6.13
N LEU E 66 -20.75 -12.31 -6.46
CA LEU E 66 -20.11 -11.01 -6.20
C LEU E 66 -20.15 -10.67 -4.71
N THR E 67 -19.37 -11.46 -3.95
CA THR E 67 -19.14 -11.17 -2.55
C THR E 67 -18.33 -9.89 -2.39
N THR E 68 -18.25 -9.41 -1.14
CA THR E 68 -17.55 -8.16 -0.88
C THR E 68 -16.03 -8.32 -0.87
N SER E 69 -15.52 -9.55 -0.97
CA SER E 69 -14.10 -9.75 -1.17
C SER E 69 -13.70 -9.62 -2.64
N ASP E 70 -14.68 -9.48 -3.53
CA ASP E 70 -14.38 -9.20 -4.94
C ASP E 70 -14.09 -7.72 -5.16
N ILE E 71 -14.83 -6.85 -4.47
CA ILE E 71 -14.57 -5.42 -4.56
C ILE E 71 -13.27 -5.06 -3.87
N ASP E 72 -12.96 -5.74 -2.75
CA ASP E 72 -11.72 -5.49 -2.04
C ASP E 72 -10.51 -6.00 -2.81
N TYR E 73 -10.69 -7.01 -3.67
CA TYR E 73 -9.63 -7.40 -4.58
C TYR E 73 -9.48 -6.44 -5.75
N ALA E 74 -10.50 -5.65 -6.05
CA ALA E 74 -10.41 -4.70 -7.14
C ALA E 74 -9.95 -3.33 -6.68
N LEU E 75 -10.29 -2.92 -5.46
CA LEU E 75 -9.69 -1.71 -4.89
C LEU E 75 -8.19 -1.90 -4.66
N LYS E 76 -7.78 -3.12 -4.33
CA LYS E 76 -6.36 -3.45 -4.25
C LYS E 76 -5.69 -3.38 -5.62
N LEU E 77 -6.47 -3.60 -6.68
CA LEU E 77 -5.96 -3.57 -8.04
C LEU E 77 -5.83 -2.16 -8.58
N LYS E 78 -6.65 -1.22 -8.11
CA LYS E 78 -6.61 0.16 -8.57
C LYS E 78 -5.77 1.05 -7.67
N ASN E 79 -5.02 0.46 -6.73
CA ASN E 79 -4.08 1.07 -5.78
C ASN E 79 -4.76 1.86 -4.67
N VAL E 80 -6.09 2.01 -4.70
CA VAL E 80 -6.80 2.82 -3.73
C VAL E 80 -6.90 2.04 -2.41
N GLU E 81 -6.90 2.79 -1.30
CA GLU E 81 -6.87 2.21 0.04
C GLU E 81 -8.14 1.39 0.30
N PRO E 82 -8.03 0.25 0.99
CA PRO E 82 -9.20 -0.61 1.19
C PRO E 82 -10.26 0.01 2.10
N LEU E 83 -11.44 -0.59 2.05
CA LEU E 83 -12.58 -0.19 2.87
C LEU E 83 -12.71 -1.18 4.01
N TYR E 84 -12.46 -0.72 5.23
CA TYR E 84 -12.34 -1.59 6.39
C TYR E 84 -13.71 -1.86 7.00
N GLY E 85 -13.99 -3.12 7.29
CA GLY E 85 -15.16 -3.49 8.04
C GLY E 85 -16.35 -3.94 7.23
N PHE E 86 -16.14 -4.62 6.10
CA PHE E 86 -17.23 -5.06 5.23
C PHE E 86 -17.20 -6.56 5.00
N HIS E 87 -16.48 -7.31 5.83
CA HIS E 87 -16.46 -8.76 5.76
C HIS E 87 -17.29 -9.40 6.87
N ALA E 88 -17.80 -8.61 7.81
CA ALA E 88 -18.67 -9.14 8.84
C ALA E 88 -20.07 -9.38 8.30
N GLN E 89 -20.79 -10.28 8.96
CA GLN E 89 -22.11 -10.70 8.50
C GLN E 89 -23.14 -9.61 8.76
N GLU E 90 -23.36 -8.77 7.76
CA GLU E 90 -24.33 -7.68 7.84
C GLU E 90 -25.28 -7.72 6.67
N PHE E 91 -26.07 -6.68 6.50
CA PHE E 91 -27.11 -6.60 5.48
C PHE E 91 -27.24 -5.11 5.11
N ILE E 92 -28.39 -4.74 4.57
CA ILE E 92 -28.64 -3.35 4.17
C ILE E 92 -29.75 -2.70 5.01
N PRO E 93 -29.42 -2.16 6.21
CA PRO E 93 -30.43 -1.38 6.95
C PRO E 93 -30.34 0.12 6.73
N PHE E 94 -31.48 0.79 6.70
CA PHE E 94 -31.53 2.24 6.60
C PHE E 94 -32.66 2.74 7.49
N ARG E 95 -32.45 3.92 8.08
CA ARG E 95 -33.39 4.46 9.06
C ARG E 95 -33.81 5.86 8.63
N PHE E 96 -35.09 6.04 8.37
CA PHE E 96 -35.62 7.29 7.85
C PHE E 96 -35.76 8.33 8.96
N ALA E 97 -35.34 9.56 8.67
CA ALA E 97 -35.51 10.69 9.57
C ALA E 97 -36.33 11.75 8.87
N SER E 98 -37.52 12.04 9.41
CA SER E 98 -38.44 12.96 8.74
C SER E 98 -37.99 14.40 8.90
N GLY E 99 -37.97 14.91 10.12
CA GLY E 99 -37.44 16.23 10.39
C GLY E 99 -38.35 17.36 9.94
N GLY E 100 -37.90 18.58 10.25
CA GLY E 100 -38.64 19.78 9.90
C GLY E 100 -38.24 20.37 8.56
N GLY E 101 -38.11 19.51 7.54
CA GLY E 101 -37.76 19.95 6.20
C GLY E 101 -36.48 19.37 5.67
N ARG E 102 -35.76 18.55 6.43
CA ARG E 102 -34.51 17.94 6.00
C ARG E 102 -34.69 16.43 6.02
N GLU E 103 -34.84 15.83 4.84
CA GLU E 103 -35.16 14.42 4.70
C GLU E 103 -33.89 13.63 4.40
N LEU E 104 -33.63 12.61 5.21
CA LEU E 104 -32.36 11.88 5.11
C LEU E 104 -32.54 10.47 5.64
N TYR E 105 -31.49 9.67 5.46
CA TYR E 105 -31.42 8.29 5.92
C TYR E 105 -30.07 8.08 6.59
N PHE E 106 -30.03 7.28 7.66
CA PHE E 106 -28.77 7.05 8.36
C PHE E 106 -28.71 5.59 8.79
N TYR E 107 -27.73 5.26 9.63
CA TYR E 107 -27.46 3.87 9.99
C TYR E 107 -28.14 3.43 11.29
N GLU E 108 -28.13 4.27 12.32
CA GLU E 108 -28.55 3.94 13.68
C GLU E 108 -27.76 2.72 14.19
N GLU E 109 -26.47 2.96 14.38
CA GLU E 109 -25.58 1.95 14.92
C GLU E 109 -25.91 1.66 16.38
N LYS E 110 -25.64 0.42 16.79
CA LYS E 110 -25.94 -0.04 18.13
C LYS E 110 -24.66 -0.44 18.84
N GLU E 111 -24.76 -0.61 20.16
CA GLU E 111 -23.63 -0.94 21.00
C GLU E 111 -23.82 -2.32 21.62
N VAL E 112 -22.76 -2.84 22.22
CA VAL E 112 -22.78 -4.14 22.87
C VAL E 112 -21.69 -4.14 23.93
N ASP E 113 -22.01 -4.69 25.10
CA ASP E 113 -21.03 -4.77 26.17
C ASP E 113 -19.90 -5.70 25.79
N LEU E 114 -18.68 -5.33 26.18
CA LEU E 114 -17.48 -6.02 25.72
C LEU E 114 -17.39 -7.44 26.24
N SER E 115 -17.92 -7.70 27.44
CA SER E 115 -17.87 -9.05 27.99
C SER E 115 -18.87 -9.99 27.32
N ASP E 116 -19.79 -9.48 26.52
CA ASP E 116 -20.72 -10.30 25.75
C ASP E 116 -20.21 -10.62 24.35
N ILE E 117 -19.00 -10.20 24.02
CA ILE E 117 -18.28 -10.73 22.88
C ILE E 117 -17.14 -11.67 23.31
N ILE E 118 -16.62 -11.49 24.52
CA ILE E 118 -15.64 -12.43 25.05
C ILE E 118 -16.33 -13.74 25.41
N ASN E 119 -17.62 -13.68 25.75
CA ASN E 119 -18.40 -14.84 26.17
C ASN E 119 -19.53 -15.15 25.19
N THR E 120 -19.24 -15.06 23.90
CA THR E 120 -20.20 -15.50 22.90
C THR E 120 -20.04 -17.00 22.67
N PRO E 121 -21.10 -17.72 22.29
CA PRO E 121 -20.92 -19.13 21.88
C PRO E 121 -20.15 -19.21 20.58
N LEU E 122 -19.05 -19.95 20.60
CA LEU E 122 -18.19 -20.09 19.44
C LEU E 122 -18.89 -20.93 18.36
N PRO E 123 -18.76 -20.57 17.09
CA PRO E 123 -19.25 -21.44 16.02
C PRO E 123 -18.41 -22.70 15.90
N ARG E 124 -18.95 -23.67 15.16
CA ARG E 124 -18.31 -24.95 15.01
C ARG E 124 -17.12 -24.88 14.06
N VAL E 125 -16.14 -25.73 14.31
CA VAL E 125 -14.86 -25.74 13.59
C VAL E 125 -15.11 -26.14 12.13
N PRO E 126 -14.46 -25.50 11.17
CA PRO E 126 -14.65 -25.86 9.76
C PRO E 126 -13.97 -27.16 9.40
N LEU E 127 -14.35 -27.68 8.23
CA LEU E 127 -13.81 -28.92 7.69
C LEU E 127 -12.84 -28.61 6.57
N ASP E 128 -11.91 -29.53 6.34
CA ASP E 128 -10.92 -29.36 5.28
C ASP E 128 -11.46 -29.88 3.96
N VAL E 129 -10.88 -29.36 2.87
CA VAL E 129 -11.30 -29.73 1.52
C VAL E 129 -10.91 -31.17 1.25
N CYS E 130 -11.88 -31.97 0.83
CA CYS E 130 -11.64 -33.34 0.41
C CYS E 130 -12.34 -33.58 -0.90
N LEU E 131 -12.01 -34.69 -1.53
CA LEU E 131 -12.49 -35.03 -2.85
C LEU E 131 -13.54 -36.14 -2.76
N LYS E 132 -14.47 -36.14 -3.71
CA LYS E 132 -15.48 -37.18 -3.78
C LYS E 132 -15.78 -37.51 -5.22
N ALA E 133 -15.76 -38.79 -5.56
CA ALA E 133 -16.00 -39.27 -6.90
C ALA E 133 -17.37 -39.93 -6.97
N HIS E 134 -18.11 -39.65 -8.04
CA HIS E 134 -19.40 -40.30 -8.27
C HIS E 134 -19.72 -40.24 -9.75
N TRP E 135 -20.46 -41.23 -10.23
CA TRP E 135 -20.84 -41.27 -11.64
C TRP E 135 -21.94 -40.26 -11.92
N LEU E 136 -21.76 -39.48 -12.97
CA LEU E 136 -22.76 -38.51 -13.41
C LEU E 136 -23.65 -39.07 -14.51
N SER E 137 -23.07 -39.82 -15.44
CA SER E 137 -23.82 -40.51 -16.49
C SER E 137 -23.10 -41.80 -16.79
N ILE E 138 -23.84 -42.91 -16.88
CA ILE E 138 -23.23 -44.19 -17.17
C ILE E 138 -23.68 -44.68 -18.54
N GLU E 139 -22.92 -44.33 -19.58
CA GLU E 139 -23.14 -44.67 -20.99
C GLU E 139 -24.49 -44.21 -21.52
N GLY E 140 -25.07 -43.19 -20.89
CA GLY E 140 -26.44 -42.83 -21.18
C GLY E 140 -27.00 -41.85 -20.16
N CYS E 141 -28.16 -42.18 -19.60
CA CYS E 141 -28.81 -41.30 -18.64
C CYS E 141 -28.12 -41.38 -17.28
N GLN E 142 -28.48 -40.45 -16.42
CA GLN E 142 -27.87 -40.34 -15.11
C GLN E 142 -28.37 -41.43 -14.17
N PRO E 143 -27.54 -41.93 -13.27
CA PRO E 143 -28.01 -42.86 -12.24
C PRO E 143 -28.79 -42.13 -11.16
N ALA E 144 -29.62 -42.90 -10.45
CA ALA E 144 -30.44 -42.35 -9.37
C ALA E 144 -29.74 -42.49 -8.01
N ILE E 145 -28.50 -42.02 -7.94
CA ILE E 145 -27.75 -41.97 -6.69
C ILE E 145 -28.05 -40.63 -6.05
N PRO E 146 -27.94 -40.45 -4.72
CA PRO E 146 -28.34 -39.18 -4.11
C PRO E 146 -27.41 -38.00 -4.37
N GLU E 147 -26.31 -38.20 -5.12
CA GLU E 147 -25.46 -37.10 -5.54
C GLU E 147 -25.97 -36.40 -6.80
N ASN E 148 -27.08 -36.87 -7.36
CA ASN E 148 -27.68 -36.35 -8.58
C ASN E 148 -28.97 -35.60 -8.27
N PRO E 149 -29.46 -34.77 -9.19
CA PRO E 149 -30.83 -34.28 -9.06
C PRO E 149 -31.82 -35.42 -9.18
N PRO E 150 -32.96 -35.23 -8.46
CA PRO E 150 -34.02 -36.21 -8.41
C PRO E 150 -34.57 -36.74 -9.74
N PRO E 151 -35.03 -35.93 -10.72
CA PRO E 151 -35.57 -36.58 -11.91
C PRO E 151 -34.54 -36.74 -13.03
N MET F 12 -33.93 2.92 1.62
CA MET F 12 -33.18 3.19 0.40
C MET F 12 -33.21 4.67 0.04
N PRO F 13 -32.08 5.34 0.20
CA PRO F 13 -31.98 6.73 -0.28
C PRO F 13 -31.84 6.78 -1.79
N LYS F 14 -31.86 8.01 -2.31
CA LYS F 14 -31.89 8.21 -3.76
C LYS F 14 -30.56 7.87 -4.42
N ASP F 15 -29.47 7.76 -3.65
CA ASP F 15 -28.18 7.38 -4.20
C ASP F 15 -27.86 5.90 -3.98
N ALA F 16 -28.63 5.20 -3.14
CA ALA F 16 -28.58 3.74 -3.12
C ALA F 16 -29.58 3.14 -4.10
N GLN F 17 -30.63 3.87 -4.44
CA GLN F 17 -31.52 3.47 -5.52
C GLN F 17 -30.87 3.65 -6.88
N MET F 18 -29.89 4.54 -6.97
CA MET F 18 -29.13 4.76 -8.20
C MET F 18 -27.88 3.89 -8.26
N MET F 19 -27.41 3.38 -7.13
CA MET F 19 -26.26 2.48 -7.14
C MET F 19 -26.64 1.08 -7.62
N ALA F 20 -27.89 0.67 -7.41
CA ALA F 20 -28.35 -0.59 -7.98
C ALA F 20 -28.56 -0.48 -9.48
N GLN F 21 -28.89 0.72 -9.97
CA GLN F 21 -29.04 0.94 -11.40
C GLN F 21 -27.70 0.86 -12.12
N ILE F 22 -26.62 1.30 -11.47
CA ILE F 22 -25.30 1.27 -12.08
C ILE F 22 -24.81 -0.17 -12.21
N LEU F 23 -25.00 -0.98 -11.18
CA LEU F 23 -24.58 -2.37 -11.24
C LEU F 23 -25.46 -3.19 -12.18
N LYS F 24 -26.74 -2.83 -12.30
CA LYS F 24 -27.61 -3.51 -13.24
C LYS F 24 -27.25 -3.14 -14.67
N ASP F 25 -26.78 -1.92 -14.90
CA ASP F 25 -26.32 -1.50 -16.23
C ASP F 25 -25.05 -2.22 -16.64
N MET F 26 -24.27 -2.72 -15.69
CA MET F 26 -23.14 -3.57 -15.97
C MET F 26 -23.63 -5.01 -16.09
N GLY F 27 -22.72 -5.98 -16.08
CA GLY F 27 -23.13 -7.37 -16.13
C GLY F 27 -23.37 -7.98 -14.75
N ILE F 28 -23.85 -7.18 -13.81
CA ILE F 28 -24.06 -7.61 -12.43
C ILE F 28 -25.56 -7.67 -12.19
N THR F 29 -26.12 -8.88 -12.25
CA THR F 29 -27.53 -9.09 -11.93
C THR F 29 -27.73 -9.67 -10.54
N GLU F 30 -26.79 -10.45 -10.04
CA GLU F 30 -26.87 -11.09 -8.73
C GLU F 30 -25.68 -10.64 -7.90
N TYR F 31 -25.94 -9.77 -6.92
CA TYR F 31 -24.91 -9.29 -6.02
C TYR F 31 -25.35 -9.49 -4.58
N GLU F 32 -24.38 -9.44 -3.68
CA GLU F 32 -24.67 -9.43 -2.26
C GLU F 32 -25.31 -8.09 -1.88
N PRO F 33 -26.20 -8.08 -0.88
CA PRO F 33 -26.78 -6.80 -0.45
C PRO F 33 -25.82 -5.91 0.33
N ARG F 34 -24.68 -6.43 0.75
CA ARG F 34 -23.65 -5.63 1.40
C ARG F 34 -22.88 -4.76 0.42
N VAL F 35 -22.99 -5.05 -0.88
CA VAL F 35 -22.23 -4.35 -1.90
C VAL F 35 -22.68 -2.89 -2.03
N ILE F 36 -23.99 -2.66 -1.91
CA ILE F 36 -24.52 -1.30 -2.04
C ILE F 36 -24.10 -0.43 -0.87
N ASN F 37 -23.96 -1.02 0.32
CA ASN F 37 -23.38 -0.29 1.44
C ASN F 37 -21.89 -0.05 1.27
N GLN F 38 -21.21 -0.88 0.45
CA GLN F 38 -19.78 -0.68 0.23
C GLN F 38 -19.54 0.34 -0.87
N MET F 39 -20.35 0.33 -1.91
CA MET F 39 -20.18 1.27 -3.02
C MET F 39 -20.67 2.67 -2.69
N LEU F 40 -21.33 2.86 -1.55
CA LEU F 40 -21.65 4.20 -1.06
C LEU F 40 -20.59 4.74 -0.12
N GLU F 41 -19.82 3.87 0.54
CA GLU F 41 -18.70 4.31 1.34
C GLU F 41 -17.51 4.68 0.46
N PHE F 42 -17.33 3.97 -0.65
CA PHE F 42 -16.30 4.37 -1.61
C PHE F 42 -16.66 5.68 -2.30
N ALA F 43 -17.94 5.88 -2.61
CA ALA F 43 -18.37 7.11 -3.27
C ALA F 43 -18.41 8.29 -2.33
N PHE F 44 -18.47 8.06 -1.01
CA PHE F 44 -18.32 9.14 -0.06
C PHE F 44 -16.87 9.44 0.23
N ARG F 45 -16.00 8.42 0.20
CA ARG F 45 -14.59 8.66 0.46
C ARG F 45 -13.91 9.34 -0.73
N TYR F 46 -14.44 9.15 -1.93
CA TYR F 46 -13.82 9.72 -3.12
C TYR F 46 -14.10 11.22 -3.24
N VAL F 47 -15.37 11.61 -3.08
CA VAL F 47 -15.71 13.02 -3.23
C VAL F 47 -15.17 13.84 -2.06
N THR F 48 -15.04 13.26 -0.88
CA THR F 48 -14.41 13.97 0.23
C THR F 48 -12.90 13.85 0.24
N THR F 49 -12.30 13.20 -0.76
CA THR F 49 -10.86 13.28 -0.99
C THR F 49 -10.54 14.23 -2.14
N ILE F 50 -11.40 14.31 -3.13
CA ILE F 50 -11.27 15.31 -4.19
C ILE F 50 -11.49 16.71 -3.62
N LEU F 51 -12.54 16.87 -2.81
CA LEU F 51 -12.81 18.16 -2.19
C LEU F 51 -11.82 18.48 -1.06
N ASP F 52 -11.12 17.47 -0.53
CA ASP F 52 -9.95 17.73 0.30
C ASP F 52 -8.89 18.45 -0.50
N ASP F 53 -8.49 17.88 -1.63
CA ASP F 53 -7.43 18.47 -2.45
C ASP F 53 -7.90 19.73 -3.16
N ALA F 54 -9.20 19.87 -3.39
CA ALA F 54 -9.71 21.09 -4.02
C ALA F 54 -9.76 22.26 -3.06
N LYS F 55 -9.65 22.02 -1.76
CA LYS F 55 -9.51 23.10 -0.80
C LYS F 55 -8.06 23.46 -0.55
N ILE F 56 -7.14 22.51 -0.76
CA ILE F 56 -5.72 22.81 -0.68
C ILE F 56 -5.29 23.67 -1.86
N TYR F 57 -5.88 23.43 -3.03
CA TYR F 57 -5.51 24.15 -4.22
C TYR F 57 -6.18 25.51 -4.33
N SER F 58 -7.32 25.70 -3.66
CA SER F 58 -7.95 27.01 -3.63
C SER F 58 -7.17 27.98 -2.75
N SER F 59 -6.61 27.48 -1.65
CA SER F 59 -5.80 28.32 -0.78
C SER F 59 -4.41 28.55 -1.36
N HIS F 60 -3.94 27.67 -2.24
CA HIS F 60 -2.64 27.85 -2.86
C HIS F 60 -2.67 28.92 -3.93
N ALA F 61 -3.78 29.06 -4.64
CA ALA F 61 -3.99 30.17 -5.56
C ALA F 61 -4.58 31.38 -4.86
N LYS F 62 -4.87 31.26 -3.56
CA LYS F 62 -5.33 32.34 -2.68
C LYS F 62 -6.65 32.95 -3.17
N LYS F 63 -7.66 32.11 -3.25
CA LYS F 63 -9.02 32.54 -3.56
C LYS F 63 -9.93 32.19 -2.39
N ALA F 64 -11.17 32.69 -2.45
CA ALA F 64 -12.08 32.61 -1.32
C ALA F 64 -12.84 31.28 -1.30
N THR F 65 -13.54 30.96 -2.37
CA THR F 65 -14.36 29.77 -2.45
C THR F 65 -13.59 28.64 -3.12
N VAL F 66 -14.30 27.56 -3.42
CA VAL F 66 -13.77 26.46 -4.22
C VAL F 66 -14.46 26.52 -5.57
N ASP F 67 -13.74 26.98 -6.59
CA ASP F 67 -14.31 27.11 -7.92
C ASP F 67 -14.22 25.77 -8.66
N ALA F 68 -14.75 25.75 -9.88
CA ALA F 68 -14.78 24.51 -10.65
C ALA F 68 -13.42 24.15 -11.21
N ASP F 69 -12.55 25.14 -11.42
CA ASP F 69 -11.21 24.84 -11.92
C ASP F 69 -10.32 24.25 -10.84
N ASP F 70 -10.70 24.39 -9.56
CA ASP F 70 -9.97 23.73 -8.49
C ASP F 70 -10.35 22.26 -8.41
N VAL F 71 -11.65 21.96 -8.56
CA VAL F 71 -12.10 20.58 -8.55
C VAL F 71 -11.65 19.86 -9.81
N ARG F 72 -11.53 20.58 -10.93
CA ARG F 72 -11.03 19.99 -12.17
C ARG F 72 -9.56 19.61 -12.06
N LEU F 73 -8.78 20.40 -11.31
CA LEU F 73 -7.39 20.03 -11.08
C LEU F 73 -7.29 18.90 -10.06
N ALA F 74 -8.15 18.93 -9.03
CA ALA F 74 -8.10 17.90 -7.99
C ALA F 74 -8.52 16.53 -8.51
N ILE F 75 -9.34 16.49 -9.57
CA ILE F 75 -9.65 15.24 -10.22
C ILE F 75 -8.43 14.72 -10.99
N GLN F 76 -7.79 15.61 -11.76
CA GLN F 76 -6.72 15.18 -12.65
C GLN F 76 -5.40 14.95 -11.94
N CYS F 77 -5.18 15.60 -10.80
CA CYS F 77 -3.92 15.44 -10.08
C CYS F 77 -3.96 14.31 -9.06
N ARG F 78 -5.03 13.53 -9.04
CA ARG F 78 -5.07 12.29 -8.26
C ARG F 78 -5.70 11.17 -9.07
N ALA F 79 -5.39 11.16 -10.37
CA ALA F 79 -5.64 10.02 -11.24
C ALA F 79 -4.36 9.26 -11.55
N ASP F 80 -3.27 9.59 -10.86
CA ASP F 80 -1.97 8.97 -11.06
C ASP F 80 -1.50 8.16 -9.85
N GLN F 81 -1.93 8.53 -8.64
CA GLN F 81 -1.56 7.82 -7.43
C GLN F 81 -2.71 7.04 -6.81
N SER F 82 -3.91 7.61 -6.81
CA SER F 82 -5.06 6.94 -6.21
C SER F 82 -5.66 5.90 -7.14
N PHE F 83 -5.62 6.14 -8.45
CA PHE F 83 -6.21 5.26 -9.45
C PHE F 83 -5.27 5.07 -10.64
N THR F 84 -4.03 4.67 -10.35
CA THR F 84 -3.07 4.39 -11.41
C THR F 84 -3.54 3.23 -12.29
N SER F 85 -3.16 3.30 -13.55
CA SER F 85 -3.73 2.48 -14.60
C SER F 85 -2.81 1.33 -14.97
N PRO F 86 -3.35 0.27 -15.57
CA PRO F 86 -2.49 -0.69 -16.27
C PRO F 86 -1.85 -0.03 -17.49
N PRO F 87 -0.70 -0.52 -17.96
CA PRO F 87 0.07 0.23 -18.96
C PRO F 87 -0.67 0.32 -20.28
N PRO F 88 -0.47 1.41 -21.03
CA PRO F 88 -1.28 1.65 -22.22
C PRO F 88 -0.87 0.74 -23.39
N ARG F 89 -1.73 0.73 -24.41
CA ARG F 89 -1.52 -0.17 -25.54
C ARG F 89 -0.35 0.27 -26.42
N ASP F 90 -0.05 1.56 -26.45
CA ASP F 90 1.07 2.04 -27.25
C ASP F 90 2.41 1.75 -26.60
N PHE F 91 2.43 1.44 -25.30
CA PHE F 91 3.65 1.11 -24.59
C PHE F 91 3.90 -0.39 -24.56
N LEU F 92 2.85 -1.19 -24.45
CA LEU F 92 2.98 -2.64 -24.45
C LEU F 92 3.35 -3.19 -25.81
N LEU F 93 3.03 -2.46 -26.89
CA LEU F 93 3.44 -2.88 -28.22
C LEU F 93 4.92 -2.64 -28.47
N ASP F 94 5.45 -1.53 -27.95
CA ASP F 94 6.85 -1.22 -28.16
C ASP F 94 7.77 -2.07 -27.28
N ILE F 95 7.30 -2.44 -26.09
CA ILE F 95 8.06 -3.32 -25.23
C ILE F 95 8.11 -4.73 -25.80
N ALA F 96 7.00 -5.16 -26.41
CA ALA F 96 6.93 -6.51 -26.96
C ALA F 96 7.74 -6.65 -28.23
N ARG F 97 7.65 -5.68 -29.14
CA ARG F 97 8.22 -5.84 -30.47
C ARG F 97 9.74 -5.69 -30.50
N GLN F 98 10.37 -5.32 -29.39
CA GLN F 98 11.82 -5.50 -29.27
C GLN F 98 12.17 -6.77 -28.51
N ARG F 99 11.26 -7.28 -27.68
CA ARG F 99 11.42 -8.58 -27.05
C ARG F 99 11.14 -9.70 -28.04
N ASN F 100 10.21 -9.49 -28.98
CA ASN F 100 9.82 -10.49 -29.95
C ASN F 100 10.75 -10.57 -31.17
N GLN F 101 11.91 -9.93 -31.12
CA GLN F 101 12.83 -9.94 -32.25
C GLN F 101 14.09 -10.76 -32.01
N THR F 102 14.49 -10.96 -30.76
CA THR F 102 15.58 -11.87 -30.48
C THR F 102 15.11 -13.31 -30.73
N PRO F 103 15.94 -14.15 -31.32
CA PRO F 103 15.51 -15.51 -31.64
C PRO F 103 15.38 -16.37 -30.40
N LEU F 104 14.65 -17.46 -30.55
CA LEU F 104 14.55 -18.45 -29.49
C LEU F 104 15.87 -19.22 -29.41
N PRO F 105 16.43 -19.41 -28.23
CA PRO F 105 17.68 -20.16 -28.12
C PRO F 105 17.46 -21.65 -28.32
N LEU F 106 18.56 -22.36 -28.48
CA LEU F 106 18.53 -23.80 -28.63
C LEU F 106 18.65 -24.47 -27.26
N ILE F 107 18.35 -25.76 -27.23
CA ILE F 107 18.27 -26.52 -25.99
C ILE F 107 19.39 -27.54 -25.95
N LYS F 108 20.10 -27.60 -24.82
CA LYS F 108 21.06 -28.66 -24.59
C LYS F 108 20.33 -30.00 -24.48
N PRO F 109 20.96 -31.10 -24.93
CA PRO F 109 20.24 -32.39 -24.99
C PRO F 109 19.90 -32.99 -23.64
N TYR F 110 20.87 -33.04 -22.72
CA TYR F 110 20.68 -33.69 -21.42
C TYR F 110 21.17 -32.76 -20.32
N SER F 111 20.24 -31.98 -19.75
CA SER F 111 20.55 -31.06 -18.67
C SER F 111 19.73 -31.34 -17.42
N GLY F 112 19.03 -32.47 -17.36
CA GLY F 112 18.25 -32.85 -16.20
C GLY F 112 17.08 -31.92 -15.96
N PRO F 113 16.93 -31.46 -14.71
CA PRO F 113 15.99 -30.37 -14.43
C PRO F 113 16.48 -29.06 -15.04
N ARG F 114 15.66 -28.49 -15.92
CA ARG F 114 15.97 -27.23 -16.56
C ARG F 114 15.43 -26.09 -15.71
N LEU F 115 16.31 -25.22 -15.24
CA LEU F 115 15.97 -24.20 -14.26
C LEU F 115 16.81 -22.95 -14.55
N PRO F 116 16.39 -21.79 -14.06
CA PRO F 116 17.22 -20.58 -14.13
C PRO F 116 18.49 -20.70 -13.30
N PRO F 117 19.40 -19.72 -13.37
CA PRO F 117 20.51 -19.69 -12.42
C PRO F 117 20.05 -19.54 -10.97
N ASP F 118 20.94 -19.92 -10.05
CA ASP F 118 20.58 -20.19 -8.66
C ASP F 118 20.14 -18.94 -7.90
N ARG F 119 20.41 -17.74 -8.41
CA ARG F 119 19.96 -16.54 -7.74
C ARG F 119 18.58 -16.09 -8.17
N TYR F 120 17.94 -16.81 -9.11
CA TYR F 120 16.58 -16.52 -9.52
C TYR F 120 15.59 -17.60 -9.13
N CYS F 121 16.06 -18.79 -8.73
CA CYS F 121 15.19 -19.86 -8.30
C CYS F 121 14.91 -19.73 -6.80
N LEU F 122 14.09 -20.63 -6.28
CA LEU F 122 13.80 -20.69 -4.86
C LEU F 122 14.46 -21.87 -4.17
N THR F 123 15.41 -22.53 -4.84
CA THR F 123 16.17 -23.60 -4.23
C THR F 123 17.29 -23.01 -3.39
N ALA F 124 17.26 -23.28 -2.08
CA ALA F 124 18.20 -22.70 -1.14
C ALA F 124 18.25 -23.60 0.08
N PRO F 125 19.34 -23.56 0.86
CA PRO F 125 19.47 -24.50 2.00
C PRO F 125 18.44 -24.36 3.11
N ASN F 126 17.79 -23.20 3.26
CA ASN F 126 16.53 -23.04 3.99
C ASN F 126 16.64 -23.44 5.46
N TYR F 127 17.40 -22.64 6.21
CA TYR F 127 17.77 -22.99 7.57
C TYR F 127 16.62 -22.77 8.54
N ARG F 128 16.87 -23.11 9.81
CA ARG F 128 15.92 -22.87 10.90
C ARG F 128 16.70 -22.84 12.21
N LEU F 129 16.06 -22.27 13.23
CA LEU F 129 16.71 -22.06 14.52
C LEU F 129 16.82 -23.36 15.29
N LYS F 130 17.93 -23.50 16.01
CA LYS F 130 18.10 -24.61 16.95
C LYS F 130 17.20 -24.37 18.14
N SER F 131 16.19 -25.23 18.32
CA SER F 131 15.25 -25.11 19.44
C SER F 131 15.95 -25.56 20.70
N LEU F 132 16.71 -24.65 21.30
CA LEU F 132 17.47 -24.95 22.50
C LEU F 132 16.60 -24.77 23.74
N THR G 114 22.24 -10.48 19.52
CA THR G 114 21.14 -10.40 18.51
C THR G 114 19.86 -9.92 19.17
N PRO G 115 19.35 -8.72 18.80
CA PRO G 115 18.16 -8.16 19.48
C PRO G 115 16.95 -9.08 19.29
N LEU G 116 16.76 -9.60 18.07
CA LEU G 116 15.57 -10.45 17.81
C LEU G 116 15.66 -11.71 18.68
N VAL G 117 16.85 -12.30 18.78
CA VAL G 117 17.03 -13.53 19.60
C VAL G 117 16.75 -13.21 21.07
N ASP G 118 17.23 -12.06 21.55
CA ASP G 118 16.99 -11.67 22.97
C ASP G 118 15.49 -11.50 23.20
N PHE G 119 14.80 -10.88 22.24
CA PHE G 119 13.35 -10.66 22.37
C PHE G 119 12.63 -12.01 22.39
N LEU G 120 13.07 -12.97 21.58
CA LEU G 120 12.46 -14.33 21.56
C LEU G 120 12.69 -15.00 22.92
N MET G 121 13.86 -14.80 23.50
CA MET G 121 14.13 -15.36 24.86
C MET G 121 13.17 -14.73 25.88
N GLN G 122 12.95 -13.41 25.80
CA GLN G 122 11.96 -12.77 26.72
C GLN G 122 10.57 -13.35 26.47
N LEU G 123 10.20 -13.57 25.21
CA LEU G 123 8.88 -14.10 24.80
C LEU G 123 8.67 -15.50 25.39
N GLU G 124 9.75 -16.29 25.50
CA GLU G 124 9.65 -17.64 26.13
C GLU G 124 8.82 -17.64 27.43
N ASP G 125 8.12 -16.55 27.77
CA ASP G 125 7.18 -16.46 28.92
C ASP G 125 5.83 -15.85 28.49
N TYR G 126 5.83 -14.82 27.65
CA TYR G 126 4.56 -14.13 27.28
C TYR G 126 3.72 -15.02 26.37
N THR G 127 2.42 -15.09 26.63
CA THR G 127 1.51 -15.85 25.73
C THR G 127 0.56 -14.83 25.08
N PRO G 128 0.50 -14.71 23.74
CA PRO G 128 -0.33 -13.68 23.11
C PRO G 128 -1.83 -13.99 23.13
N THR G 129 -2.68 -12.95 23.06
CA THR G 129 -4.12 -13.16 23.03
C THR G 129 -4.55 -13.87 21.75
N ILE G 130 -3.96 -13.49 20.61
CA ILE G 130 -4.26 -14.09 19.33
C ILE G 130 -3.70 -15.51 19.33
N PRO G 131 -4.52 -16.53 19.10
CA PRO G 131 -4.04 -17.91 19.17
C PRO G 131 -3.14 -18.25 17.98
N ASP G 132 -2.43 -19.37 18.13
CA ASP G 132 -1.46 -19.76 17.12
C ASP G 132 -2.13 -20.33 15.87
N ALA G 133 -3.34 -20.87 16.00
CA ALA G 133 -4.03 -21.36 14.81
C ALA G 133 -4.59 -20.22 13.98
N VAL G 134 -4.98 -19.11 14.62
CA VAL G 134 -5.45 -17.95 13.88
C VAL G 134 -4.31 -17.28 13.14
N THR G 135 -3.20 -17.04 13.83
CA THR G 135 -2.04 -16.44 13.19
C THR G 135 -1.42 -17.40 12.18
N GLY G 136 -1.34 -18.69 12.52
CA GLY G 136 -0.78 -19.67 11.61
C GLY G 136 -1.61 -19.93 10.36
N TYR G 137 -2.86 -19.46 10.35
CA TYR G 137 -3.68 -19.50 9.14
C TYR G 137 -3.46 -18.26 8.28
N TYR G 138 -3.28 -17.09 8.90
CA TYR G 138 -3.09 -15.87 8.12
C TYR G 138 -1.69 -15.77 7.54
N LEU G 139 -0.73 -16.55 8.06
CA LEU G 139 0.53 -16.72 7.36
C LEU G 139 0.42 -17.70 6.21
N ASN G 140 -0.57 -18.62 6.25
CA ASN G 140 -0.75 -19.57 5.17
C ASN G 140 -1.35 -18.89 3.94
N ARG G 141 -2.24 -17.92 4.14
CA ARG G 141 -2.72 -17.12 3.04
C ARG G 141 -1.67 -16.15 2.54
N ALA G 142 -0.70 -15.81 3.38
CA ALA G 142 0.36 -14.89 2.99
C ALA G 142 1.50 -15.58 2.26
N GLY G 143 1.63 -16.90 2.40
CA GLY G 143 2.56 -17.60 1.54
C GLY G 143 3.49 -18.63 2.15
N PHE G 144 3.33 -18.96 3.42
CA PHE G 144 4.21 -19.98 4.00
C PHE G 144 3.51 -20.68 5.15
N GLU G 145 3.92 -21.91 5.39
CA GLU G 145 3.50 -22.67 6.56
C GLU G 145 4.54 -22.49 7.65
N ALA G 146 4.13 -21.86 8.75
CA ALA G 146 5.06 -21.55 9.83
C ALA G 146 5.42 -22.81 10.58
N SER G 147 6.68 -23.25 10.44
CA SER G 147 7.12 -24.48 11.08
C SER G 147 7.51 -24.24 12.54
N ASP G 148 8.33 -23.21 12.78
CA ASP G 148 8.77 -22.90 14.14
C ASP G 148 7.66 -22.14 14.86
N PRO G 149 7.15 -22.65 15.98
CA PRO G 149 6.06 -21.97 16.69
C PRO G 149 6.51 -20.76 17.52
N ARG G 150 7.70 -20.23 17.28
CA ARG G 150 8.11 -18.98 17.98
C ARG G 150 7.93 -17.80 17.02
N ILE G 151 8.10 -18.05 15.72
CA ILE G 151 7.87 -16.98 14.70
C ILE G 151 6.39 -16.58 14.74
N ILE G 152 5.52 -17.57 14.88
CA ILE G 152 4.05 -17.29 14.96
C ILE G 152 3.86 -16.42 16.19
N ARG G 153 4.50 -16.75 17.30
CA ARG G 153 4.32 -15.98 18.56
C ARG G 153 4.78 -14.54 18.34
N LEU G 154 5.94 -14.34 17.72
CA LEU G 154 6.45 -12.95 17.56
C LEU G 154 5.45 -12.18 16.69
N ILE G 155 4.98 -12.77 15.59
CA ILE G 155 4.08 -11.98 14.71
C ILE G 155 2.79 -11.65 15.47
N SER G 156 2.28 -12.61 16.22
CA SER G 156 1.00 -12.40 16.96
C SER G 156 1.21 -11.27 17.97
N LEU G 157 2.34 -11.27 18.68
CA LEU G 157 2.64 -10.22 19.69
C LEU G 157 2.75 -8.85 19.02
N ALA G 158 3.40 -8.77 17.85
CA ALA G 158 3.46 -7.48 17.14
C ALA G 158 2.04 -6.99 16.80
N ALA G 159 1.20 -7.90 16.29
CA ALA G 159 -0.17 -7.49 15.93
C ALA G 159 -0.93 -7.03 17.17
N GLN G 160 -0.73 -7.74 18.29
CA GLN G 160 -1.45 -7.42 19.54
C GLN G 160 -1.01 -6.02 20.00
N LYS G 161 0.29 -5.73 19.91
CA LYS G 161 0.79 -4.39 20.31
C LYS G 161 0.13 -3.35 19.41
N PHE G 162 0.04 -3.59 18.10
CA PHE G 162 -0.56 -2.53 17.25
C PHE G 162 -2.01 -2.29 17.69
N ILE G 163 -2.77 -3.37 17.87
CA ILE G 163 -4.22 -3.13 18.19
C ILE G 163 -4.30 -2.40 19.54
N SER G 164 -3.48 -2.80 20.51
CA SER G 164 -3.52 -2.21 21.86
C SER G 164 -3.20 -0.73 21.78
N ASP G 165 -2.19 -0.34 20.99
CA ASP G 165 -1.83 1.08 20.85
C ASP G 165 -3.01 1.83 20.24
N ILE G 166 -3.63 1.30 19.18
CA ILE G 166 -4.75 2.11 18.63
C ILE G 166 -5.83 2.28 19.70
N ALA G 167 -6.17 1.19 20.40
CA ALA G 167 -7.26 1.28 21.39
C ALA G 167 -6.92 2.25 22.51
N ASN G 168 -5.67 2.24 22.99
CA ASN G 168 -5.23 3.12 24.10
C ASN G 168 -5.25 4.57 23.65
N ASP G 169 -4.85 4.86 22.41
CA ASP G 169 -4.95 6.26 21.91
C ASP G 169 -6.42 6.68 21.89
N ALA G 170 -7.31 5.77 21.45
CA ALA G 170 -8.75 6.11 21.47
C ALA G 170 -9.20 6.40 22.91
N LEU G 171 -8.78 5.58 23.86
CA LEU G 171 -9.21 5.76 25.27
C LEU G 171 -8.70 7.10 25.77
N GLN G 172 -7.47 7.48 25.41
CA GLN G 172 -6.89 8.76 25.83
C GLN G 172 -7.70 9.93 25.25
N HIS G 173 -8.09 9.87 23.97
CA HIS G 173 -8.95 10.96 23.45
C HIS G 173 -10.26 11.00 24.26
N CYS G 174 -10.82 9.82 24.53
CA CYS G 174 -12.12 9.81 25.24
C CYS G 174 -11.95 10.43 26.64
N LYS G 175 -10.88 10.09 27.36
CA LYS G 175 -10.67 10.61 28.73
C LYS G 175 -10.44 12.12 28.66
N MET G 176 -9.71 12.58 27.64
CA MET G 176 -9.43 14.02 27.46
C MET G 176 -10.74 14.79 27.27
N LYS G 177 -11.74 14.24 26.56
CA LYS G 177 -12.97 15.09 26.44
C LYS G 177 -13.69 15.39 27.79
N GLY G 178 -13.01 15.90 28.84
CA GLY G 178 -13.58 16.12 30.15
C GLY G 178 -12.53 16.07 31.25
N LYS G 189 -19.69 11.03 32.48
CA LYS G 189 -18.86 10.76 31.32
C LYS G 189 -17.62 9.94 31.70
N ASP G 190 -17.29 9.97 32.98
CA ASP G 190 -16.11 9.29 33.49
C ASP G 190 -16.40 7.92 34.08
N ARG G 191 -17.55 7.33 33.75
CA ARG G 191 -17.91 6.04 34.34
C ARG G 191 -17.61 4.88 33.40
N LYS G 192 -18.22 4.89 32.21
CA LYS G 192 -18.07 3.81 31.25
C LYS G 192 -17.67 4.39 29.89
N TYR G 193 -16.56 3.91 29.37
CA TYR G 193 -15.99 4.42 28.13
C TYR G 193 -16.43 3.53 26.97
N THR G 194 -17.19 4.11 26.05
CA THR G 194 -17.70 3.40 24.88
C THR G 194 -16.77 3.64 23.70
N LEU G 195 -16.39 2.56 23.00
CA LEU G 195 -15.53 2.66 21.82
C LEU G 195 -16.36 3.11 20.62
N THR G 196 -16.70 4.40 20.63
CA THR G 196 -17.47 5.01 19.57
C THR G 196 -16.51 5.33 18.42
N MET G 197 -17.05 5.44 17.21
CA MET G 197 -16.26 5.81 16.04
C MET G 197 -15.66 7.21 16.14
N GLU G 198 -16.21 8.09 16.98
CA GLU G 198 -15.65 9.42 17.15
C GLU G 198 -14.31 9.41 17.86
N ASP G 199 -13.99 8.34 18.59
CA ASP G 199 -12.71 8.21 19.25
C ASP G 199 -11.74 7.31 18.50
N LEU G 200 -12.24 6.40 17.67
CA LEU G 200 -11.39 5.49 16.93
C LEU G 200 -10.89 6.09 15.62
N THR G 201 -11.69 6.93 14.96
CA THR G 201 -11.34 7.50 13.66
C THR G 201 -10.18 8.50 13.75
N PRO G 202 -10.10 9.41 14.74
CA PRO G 202 -8.84 10.16 14.86
C PRO G 202 -7.68 9.32 15.40
N ALA G 203 -7.96 8.26 16.15
CA ALA G 203 -6.89 7.42 16.68
C ALA G 203 -6.29 6.50 15.63
N LEU G 204 -7.00 6.24 14.54
CA LEU G 204 -6.47 5.40 13.47
C LEU G 204 -5.62 6.20 12.50
N SER G 205 -5.87 7.51 12.38
CA SER G 205 -5.16 8.34 11.41
C SER G 205 -3.71 8.57 11.79
N GLU G 206 -3.33 8.32 13.04
CA GLU G 206 -1.92 8.43 13.42
C GLU G 206 -1.11 7.30 12.82
N TYR G 207 -1.74 6.18 12.53
CA TYR G 207 -1.18 5.11 11.74
C TYR G 207 -1.79 5.21 10.33
N GLY G 208 -1.49 4.24 9.48
CA GLY G 208 -1.93 4.36 8.11
C GLY G 208 -3.31 3.76 7.84
N ILE G 209 -4.29 4.11 8.66
CA ILE G 209 -5.66 3.68 8.47
C ILE G 209 -6.52 4.94 8.43
N ASN G 210 -7.06 5.24 7.26
CA ASN G 210 -7.83 6.47 7.04
C ASN G 210 -9.25 6.06 6.67
N VAL G 211 -10.09 5.85 7.68
CA VAL G 211 -11.50 5.58 7.42
C VAL G 211 -12.23 6.90 7.23
N LYS G 212 -13.33 6.85 6.49
CA LYS G 212 -14.18 8.03 6.27
C LYS G 212 -15.60 7.51 6.14
N LYS G 213 -16.32 7.50 7.25
CA LYS G 213 -17.66 6.93 7.21
C LYS G 213 -18.68 8.02 6.91
N PRO G 214 -19.69 7.72 6.09
CA PRO G 214 -20.72 8.71 5.81
C PRO G 214 -21.76 8.77 6.92
N HIS G 215 -22.50 9.87 6.93
CA HIS G 215 -23.73 9.98 7.67
C HIS G 215 -24.76 10.63 6.77
N TYR G 216 -26.02 10.57 7.21
CA TYR G 216 -27.20 11.25 6.66
C TYR G 216 -27.29 11.13 5.14
N PHE G 217 -27.46 9.89 4.68
CA PHE G 217 -27.69 9.63 3.26
C PHE G 217 -28.99 10.29 2.80
N THR G 218 -28.88 11.22 1.87
CA THR G 218 -30.06 11.98 1.45
C THR G 218 -30.95 11.20 0.50
N SER H 114 37.38 19.95 31.61
CA SER H 114 38.47 20.82 31.17
C SER H 114 38.03 22.28 31.14
N GLU H 115 38.59 23.05 30.20
CA GLU H 115 38.26 24.45 30.07
C GLU H 115 37.36 24.75 28.87
N GLU H 116 37.19 23.79 27.95
CA GLU H 116 36.19 23.91 26.90
C GLU H 116 34.90 23.17 27.25
N GLN H 117 35.01 22.06 27.98
CA GLN H 117 33.83 21.34 28.43
C GLN H 117 33.00 22.15 29.41
N LEU H 118 33.63 22.98 30.22
CA LEU H 118 32.90 23.84 31.13
C LEU H 118 32.24 25.01 30.40
N ASN H 119 32.87 25.49 29.32
CA ASN H 119 32.22 26.51 28.51
C ASN H 119 31.11 25.93 27.66
N ARG H 120 31.27 24.68 27.18
CA ARG H 120 30.23 24.05 26.38
C ARG H 120 29.02 23.67 27.22
N TYR H 121 29.25 23.21 28.45
CA TYR H 121 28.16 22.91 29.36
C TYR H 121 27.42 24.18 29.80
N GLU H 122 28.09 25.33 29.77
CA GLU H 122 27.43 26.59 30.07
C GLU H 122 26.46 26.97 28.96
N MET H 123 26.84 26.76 27.70
CA MET H 123 25.97 27.08 26.59
C MET H 123 24.88 26.04 26.39
N TYR H 124 25.09 24.81 26.85
CA TYR H 124 24.07 23.78 26.73
C TYR H 124 22.87 24.06 27.62
N ARG H 125 23.08 24.74 28.74
CA ARG H 125 22.03 25.02 29.70
C ARG H 125 21.45 26.43 29.58
N ARG H 126 22.29 27.43 29.37
CA ARG H 126 21.83 28.81 29.41
C ARG H 126 21.11 29.26 28.16
N SER H 127 21.27 28.54 27.05
CA SER H 127 20.69 28.94 25.78
C SER H 127 19.21 28.56 25.71
N ALA H 128 18.40 29.47 25.16
CA ALA H 128 16.98 29.23 25.02
C ALA H 128 16.41 30.15 23.96
N PHE H 129 15.32 29.71 23.34
CA PHE H 129 14.54 30.61 22.49
C PHE H 129 13.79 31.60 23.37
N PRO H 130 13.67 32.85 22.95
CA PRO H 130 13.00 33.85 23.80
C PRO H 130 11.50 33.64 23.84
N LYS H 131 10.93 33.77 25.04
CA LYS H 131 9.49 33.60 25.22
C LYS H 131 8.69 34.74 24.62
N ALA H 132 9.31 35.91 24.40
CA ALA H 132 8.61 37.04 23.83
C ALA H 132 8.37 36.89 22.33
N ALA H 133 9.04 35.94 21.67
CA ALA H 133 8.87 35.73 20.24
C ALA H 133 8.06 34.48 19.90
N ILE H 134 8.17 33.43 20.71
CA ILE H 134 7.41 32.21 20.44
C ILE H 134 5.93 32.43 20.79
N LYS H 135 5.66 33.21 21.84
CA LYS H 135 4.29 33.63 22.14
C LYS H 135 3.72 34.50 21.02
N ARG H 136 4.58 35.25 20.33
CA ARG H 136 4.15 35.95 19.13
C ARG H 136 4.01 34.97 17.96
N LEU H 137 4.80 33.90 17.94
CA LEU H 137 4.78 32.97 16.83
C LEU H 137 3.62 31.98 16.92
N ILE H 138 3.30 31.49 18.11
CA ILE H 138 2.19 30.55 18.25
C ILE H 138 0.86 31.26 18.05
N GLN H 139 0.72 32.46 18.60
CA GLN H 139 -0.53 33.22 18.48
C GLN H 139 -0.84 33.65 17.06
N SER H 140 0.16 33.69 16.17
CA SER H 140 -0.09 33.89 14.75
C SER H 140 -0.62 32.64 14.08
N ILE H 141 -0.64 31.50 14.76
CA ILE H 141 -1.17 30.26 14.21
C ILE H 141 -2.53 29.93 14.81
N THR H 142 -2.72 30.19 16.11
CA THR H 142 -4.02 29.91 16.74
C THR H 142 -5.05 30.95 16.31
N GLY H 143 -4.75 32.22 16.53
CA GLY H 143 -5.69 33.26 16.19
C GLY H 143 -6.03 34.17 17.36
N THR H 144 -6.18 33.62 18.56
CA THR H 144 -6.61 34.41 19.69
C THR H 144 -5.56 34.57 20.79
N SER H 145 -5.12 33.49 21.45
CA SER H 145 -4.32 33.58 22.67
C SER H 145 -3.87 32.20 23.10
N VAL H 146 -2.72 32.15 23.77
CA VAL H 146 -2.23 30.97 24.45
C VAL H 146 -1.91 31.34 25.90
N SER H 147 -1.40 30.38 26.65
CA SER H 147 -1.07 30.57 28.06
C SER H 147 0.44 30.48 28.26
N GLN H 148 0.88 30.90 29.45
CA GLN H 148 2.30 30.91 29.75
C GLN H 148 2.87 29.52 29.90
N ASN H 149 2.07 28.56 30.36
CA ASN H 149 2.57 27.21 30.53
C ASN H 149 2.61 26.44 29.21
N VAL H 150 2.00 26.98 28.15
CA VAL H 150 2.16 26.45 26.81
C VAL H 150 3.49 26.89 26.22
N VAL H 151 3.79 28.19 26.34
CA VAL H 151 5.01 28.78 25.79
C VAL H 151 6.24 28.25 26.52
N ILE H 152 6.10 27.93 27.81
CA ILE H 152 7.22 27.34 28.57
C ILE H 152 7.52 25.93 28.06
N ALA H 153 6.49 25.16 27.74
CA ALA H 153 6.71 23.82 27.22
C ALA H 153 7.15 23.85 25.76
N MET H 154 6.54 24.70 24.93
CA MET H 154 6.87 24.75 23.51
C MET H 154 8.25 25.33 23.26
N SER H 155 8.75 26.18 24.15
CA SER H 155 10.13 26.61 24.06
C SER H 155 11.10 25.54 24.54
N GLY H 156 10.62 24.53 25.25
CA GLY H 156 11.47 23.49 25.78
C GLY H 156 11.55 22.28 24.87
N ILE H 157 10.47 21.98 24.16
CA ILE H 157 10.48 20.86 23.22
C ILE H 157 11.36 21.20 22.02
N SER H 158 11.33 22.47 21.60
CA SER H 158 12.11 22.88 20.44
C SER H 158 13.61 22.92 20.73
N LYS H 159 14.00 23.01 21.99
CA LYS H 159 15.41 22.84 22.33
C LYS H 159 15.82 21.38 22.29
N VAL H 160 14.91 20.46 22.66
CA VAL H 160 15.19 19.04 22.51
C VAL H 160 15.25 18.66 21.04
N PHE H 161 14.40 19.30 20.21
CA PHE H 161 14.38 18.96 18.79
C PHE H 161 15.62 19.46 18.07
N VAL H 162 16.14 20.62 18.47
CA VAL H 162 17.42 21.08 17.96
C VAL H 162 18.54 20.15 18.41
N GLY H 163 18.49 19.73 19.68
CA GLY H 163 19.42 18.73 20.17
C GLY H 163 19.20 17.35 19.61
N GLU H 164 18.04 17.09 18.99
CA GLU H 164 17.86 15.84 18.26
C GLU H 164 18.54 15.89 16.90
N VAL H 165 18.65 17.07 16.30
CA VAL H 165 19.25 17.20 14.97
C VAL H 165 20.76 17.34 15.06
N VAL H 166 21.26 18.23 15.93
CA VAL H 166 22.70 18.51 15.98
C VAL H 166 23.47 17.31 16.52
N GLU H 167 22.90 16.61 17.51
CA GLU H 167 23.54 15.40 18.00
C GLU H 167 23.52 14.27 16.97
N GLU H 168 22.59 14.33 16.02
CA GLU H 168 22.52 13.38 14.92
C GLU H 168 23.19 13.88 13.65
N ALA H 169 23.28 15.20 13.45
CA ALA H 169 24.08 15.73 12.35
C ALA H 169 25.57 15.64 12.62
N LEU H 170 25.98 15.51 13.89
CA LEU H 170 27.36 15.21 14.20
C LEU H 170 27.64 13.72 14.14
N ASP H 171 26.61 12.89 14.00
CA ASP H 171 26.82 11.49 13.68
C ASP H 171 26.99 11.28 12.19
N VAL H 172 26.36 12.13 11.38
CA VAL H 172 26.56 12.11 9.94
C VAL H 172 27.98 12.56 9.60
N CYS H 173 28.46 13.61 10.28
CA CYS H 173 29.79 14.13 10.02
C CYS H 173 30.88 13.18 10.52
N GLU H 174 30.64 12.48 11.63
CA GLU H 174 31.61 11.52 12.10
C GLU H 174 31.61 10.25 11.25
N LYS H 175 30.48 9.93 10.63
CA LYS H 175 30.41 8.77 9.74
C LYS H 175 31.21 9.03 8.46
N TRP H 176 31.01 10.19 7.85
CA TRP H 176 31.79 10.58 6.69
C TRP H 176 33.15 11.10 7.16
N GLY H 177 34.00 11.47 6.21
CA GLY H 177 35.34 11.90 6.54
C GLY H 177 35.53 13.41 6.66
N GLU H 178 34.75 14.07 7.50
CA GLU H 178 34.81 15.51 7.63
C GLU H 178 35.07 15.91 9.07
N MET H 179 35.16 17.23 9.30
CA MET H 179 35.56 17.74 10.64
C MET H 179 34.34 18.34 11.38
N PRO H 180 34.50 18.89 12.61
CA PRO H 180 33.38 19.51 13.35
C PRO H 180 32.60 20.65 12.69
N PRO H 181 33.17 21.59 11.89
CA PRO H 181 32.35 22.63 11.26
C PRO H 181 31.22 21.91 10.50
N LEU H 182 29.98 22.36 10.70
CA LEU H 182 28.85 21.61 10.08
C LEU H 182 28.38 22.23 8.78
N GLN H 183 28.68 21.59 7.65
CA GLN H 183 28.16 22.00 6.37
C GLN H 183 26.69 21.62 6.27
N PRO H 184 25.93 22.26 5.36
CA PRO H 184 24.55 21.84 5.13
C PRO H 184 24.39 20.42 4.58
N LYS H 185 25.46 19.79 4.06
CA LYS H 185 25.36 18.40 3.65
C LYS H 185 25.04 17.48 4.81
N HIS H 186 25.61 17.77 5.99
CA HIS H 186 25.30 17.00 7.18
C HIS H 186 23.96 17.40 7.79
N MET H 187 23.34 18.48 7.34
CA MET H 187 22.07 18.92 7.90
C MET H 187 20.86 18.48 7.09
N ARG H 188 20.96 18.41 5.76
CA ARG H 188 19.89 17.79 4.98
C ARG H 188 19.87 16.28 5.20
N GLU H 189 21.04 15.68 5.42
CA GLU H 189 21.12 14.27 5.74
C GLU H 189 20.60 14.00 7.15
N ALA H 190 20.69 14.99 8.04
CA ALA H 190 20.18 14.82 9.39
C ALA H 190 18.66 14.76 9.40
N VAL H 191 18.01 15.62 8.61
CA VAL H 191 16.55 15.58 8.51
C VAL H 191 16.08 14.35 7.74
N ARG H 192 16.91 13.83 6.83
CA ARG H 192 16.51 12.63 6.09
C ARG H 192 16.52 11.40 6.98
N ARG H 193 17.54 11.24 7.81
CA ARG H 193 17.61 10.07 8.69
C ARG H 193 16.60 10.17 9.83
N LEU H 194 16.29 11.38 10.28
CA LEU H 194 15.29 11.54 11.34
C LEU H 194 13.89 11.27 10.83
N LYS H 195 13.61 11.61 9.57
CA LYS H 195 12.28 11.41 9.03
C LYS H 195 12.00 9.94 8.75
N SER H 196 13.04 9.16 8.43
CA SER H 196 12.86 7.75 8.18
C SER H 196 12.60 6.95 9.45
N LYS H 197 12.90 7.53 10.62
CA LYS H 197 12.55 6.94 11.90
C LYS H 197 11.32 7.62 12.52
N GLY H 198 10.56 8.36 11.72
CA GLY H 198 9.32 8.96 12.18
C GLY H 198 9.47 10.11 13.15
N GLN H 199 10.68 10.63 13.34
CA GLN H 199 10.89 11.67 14.36
C GLN H 199 10.40 13.04 13.90
N ILE H 200 10.37 13.29 12.60
CA ILE H 200 9.98 14.59 12.09
C ILE H 200 8.55 14.54 11.59
N PRO H 201 7.58 15.14 12.29
CA PRO H 201 6.18 14.96 11.90
C PRO H 201 5.72 15.91 10.81
N ASN H 202 5.05 15.36 9.80
CA ASN H 202 4.46 16.12 8.71
C ASN H 202 2.98 15.81 8.67
N SER H 203 2.15 16.82 8.93
CA SER H 203 0.70 16.64 8.94
C SER H 203 0.06 17.00 7.61
N LYS H 204 0.81 16.91 6.51
CA LYS H 204 0.27 17.17 5.18
C LYS H 204 0.45 15.98 4.25
N HIS H 205 0.95 14.86 4.76
CA HIS H 205 1.13 13.64 3.98
C HIS H 205 0.25 12.55 4.61
N LYS H 206 -0.90 12.30 3.99
CA LYS H 206 -1.81 11.25 4.43
C LYS H 206 -1.21 9.90 4.09
N LYS H 207 -0.60 9.25 5.08
CA LYS H 207 0.09 7.99 4.82
C LYS H 207 -0.88 6.82 4.84
N ILE H 208 -0.46 5.72 4.22
CA ILE H 208 -1.27 4.51 4.07
C ILE H 208 -0.33 3.32 4.23
N ILE H 209 -0.64 2.45 5.20
CA ILE H 209 0.22 1.30 5.46
C ILE H 209 -0.22 0.04 4.74
N PHE H 210 -1.49 -0.08 4.37
CA PHE H 210 -2.01 -1.28 3.74
C PHE H 210 -2.03 -1.10 2.23
N PHE H 211 -1.29 -1.93 1.52
CA PHE H 211 -1.31 -1.91 0.07
C PHE H 211 -1.17 -3.32 -0.50
N ASN I 55 23.42 17.14 -22.18
CA ASN I 55 22.29 17.63 -21.38
C ASN I 55 21.73 16.53 -20.48
N GLN I 56 22.59 16.00 -19.60
CA GLN I 56 22.16 15.08 -18.57
C GLN I 56 22.46 15.72 -17.22
N VAL I 57 21.63 15.37 -16.23
CA VAL I 57 21.68 16.05 -14.94
C VAL I 57 22.48 15.25 -13.92
N LEU I 58 22.57 13.94 -14.07
CA LEU I 58 23.35 13.11 -13.16
C LEU I 58 24.38 12.35 -13.97
N THR I 59 25.60 12.27 -13.44
CA THR I 59 26.78 12.01 -14.27
C THR I 59 27.63 10.84 -13.79
N LYS I 60 27.07 9.91 -13.01
CA LYS I 60 27.68 8.64 -12.62
C LYS I 60 28.95 8.75 -11.78
N LYS I 61 29.34 9.97 -11.41
CA LYS I 61 30.33 10.22 -10.38
C LYS I 61 29.70 10.82 -9.14
N LYS I 62 28.68 11.67 -9.33
CA LYS I 62 27.86 12.10 -8.21
C LYS I 62 27.01 10.95 -7.68
N LEU I 63 26.64 10.00 -8.55
CA LEU I 63 25.91 8.83 -8.10
C LEU I 63 26.81 7.87 -7.34
N GLN I 64 28.08 7.75 -7.76
CA GLN I 64 29.00 6.83 -7.11
C GLN I 64 29.37 7.31 -5.71
N ASP I 65 29.49 8.63 -5.53
CA ASP I 65 29.72 9.17 -4.20
C ASP I 65 28.48 9.07 -3.33
N LEU I 66 27.28 8.98 -3.93
CA LEU I 66 26.07 8.76 -3.17
C LEU I 66 26.00 7.35 -2.61
N VAL I 67 26.68 6.41 -3.26
CA VAL I 67 26.79 5.05 -2.72
C VAL I 67 27.97 4.95 -1.75
N ARG I 68 29.05 5.70 -1.99
CA ARG I 68 30.21 5.67 -1.12
C ARG I 68 29.95 6.32 0.22
N GLU I 69 28.98 7.23 0.31
CA GLU I 69 28.63 7.83 1.59
C GLU I 69 27.76 6.92 2.46
N VAL I 70 27.18 5.87 1.89
CA VAL I 70 26.34 4.95 2.65
C VAL I 70 27.19 3.82 3.20
N ASP I 71 27.79 3.04 2.31
CA ASP I 71 28.72 2.00 2.69
C ASP I 71 29.86 2.01 1.69
N PRO I 72 31.08 2.38 2.10
CA PRO I 72 32.17 2.59 1.13
C PRO I 72 32.71 1.32 0.49
N ASN I 73 32.31 0.13 0.95
CA ASN I 73 32.74 -1.12 0.34
C ASN I 73 31.63 -1.75 -0.48
N GLU I 74 30.84 -0.93 -1.18
CA GLU I 74 29.68 -1.40 -1.92
C GLU I 74 29.74 -0.89 -3.35
N GLN I 75 29.47 -1.79 -4.30
CA GLN I 75 29.41 -1.45 -5.71
C GLN I 75 27.99 -1.62 -6.23
N LEU I 76 27.66 -0.87 -7.28
CA LEU I 76 26.46 -1.11 -8.05
C LEU I 76 26.82 -1.77 -9.37
N ASP I 77 25.85 -2.49 -9.93
CA ASP I 77 26.07 -3.12 -11.26
C ASP I 77 25.61 -2.13 -12.33
N GLU I 78 25.93 -2.42 -13.59
CA GLU I 78 25.57 -1.48 -14.68
C GLU I 78 24.04 -1.35 -14.70
N ASP I 79 23.34 -2.48 -14.56
CA ASP I 79 21.86 -2.45 -14.63
C ASP I 79 21.33 -1.57 -13.50
N VAL I 80 21.84 -1.75 -12.29
CA VAL I 80 21.34 -0.96 -11.12
C VAL I 80 21.63 0.51 -11.39
N GLU I 81 22.81 0.85 -11.89
CA GLU I 81 23.15 2.28 -12.09
C GLU I 81 22.18 2.88 -13.11
N GLU I 82 21.94 2.16 -14.20
CA GLU I 82 21.06 2.71 -15.26
C GLU I 82 19.66 2.91 -14.67
N MET I 83 19.19 1.93 -13.90
CA MET I 83 17.82 2.02 -13.34
C MET I 83 17.73 3.19 -12.38
N LEU I 84 18.75 3.43 -11.55
CA LEU I 84 18.76 4.56 -10.59
C LEU I 84 18.74 5.88 -11.36
N LEU I 85 19.52 5.98 -12.44
CA LEU I 85 19.47 7.22 -13.25
C LEU I 85 18.05 7.40 -13.80
N GLN I 86 17.43 6.33 -14.28
CA GLN I 86 16.07 6.42 -14.86
C GLN I 86 15.08 6.87 -13.78
N ILE I 87 15.21 6.35 -12.55
CA ILE I 87 14.30 6.70 -11.43
C ILE I 87 14.48 8.20 -11.12
N ALA I 88 15.72 8.68 -11.10
CA ALA I 88 15.95 10.12 -10.83
C ALA I 88 15.27 10.95 -11.92
N ASP I 89 15.44 10.55 -13.18
CA ASP I 89 14.86 11.36 -14.28
C ASP I 89 13.34 11.38 -14.13
N ASP I 90 12.73 10.23 -13.82
CA ASP I 90 11.26 10.15 -13.71
C ASP I 90 10.77 11.02 -12.55
N PHE I 91 11.48 11.00 -11.42
CA PHE I 91 11.08 11.82 -10.26
C PHE I 91 11.12 13.29 -10.70
N ILE I 92 12.21 13.68 -11.37
CA ILE I 92 12.33 15.12 -11.74
C ILE I 92 11.13 15.45 -12.62
N GLU I 93 10.85 14.61 -13.62
CA GLU I 93 9.76 14.97 -14.57
C GLU I 93 8.43 15.10 -13.83
N SER I 94 8.10 14.15 -12.96
CA SER I 94 6.77 14.19 -12.29
C SER I 94 6.68 15.45 -11.44
N VAL I 95 7.73 15.72 -10.66
CA VAL I 95 7.65 16.88 -9.73
C VAL I 95 7.48 18.14 -10.58
N VAL I 96 8.27 18.25 -11.65
CA VAL I 96 8.21 19.50 -12.46
C VAL I 96 6.80 19.64 -13.05
N THR I 97 6.23 18.57 -13.62
CA THR I 97 4.90 18.73 -14.27
C THR I 97 3.89 19.16 -13.21
N ALA I 98 3.90 18.52 -12.03
CA ALA I 98 2.86 18.89 -11.04
C ALA I 98 3.03 20.34 -10.58
N ALA I 99 4.28 20.74 -10.36
CA ALA I 99 4.55 22.11 -9.88
C ALA I 99 4.08 23.09 -10.95
N CYS I 100 4.32 22.78 -12.22
CA CYS I 100 3.94 23.67 -13.34
C CYS I 100 2.42 23.77 -13.39
N GLN I 101 1.71 22.67 -13.18
CA GLN I 101 0.22 22.74 -13.13
C GLN I 101 -0.23 23.65 -11.98
N LEU I 102 0.37 23.54 -10.80
CA LEU I 102 0.01 24.46 -9.69
C LEU I 102 0.32 25.92 -10.06
N ALA I 103 1.45 26.15 -10.73
CA ALA I 103 1.82 27.53 -11.15
C ALA I 103 0.80 28.07 -12.14
N ARG I 104 0.35 27.24 -13.09
CA ARG I 104 -0.65 27.66 -14.10
C ARG I 104 -1.93 27.99 -13.33
N HIS I 105 -2.23 27.22 -12.30
CA HIS I 105 -3.43 27.49 -11.46
C HIS I 105 -3.33 28.84 -10.74
N ARG I 106 -2.17 29.22 -10.20
CA ARG I 106 -2.02 30.56 -9.54
C ARG I 106 -2.11 31.71 -10.56
N LYS I 107 -2.57 31.49 -11.79
CA LYS I 107 -2.58 32.41 -12.93
C LYS I 107 -1.26 33.16 -13.07
N SER I 108 -0.16 32.45 -12.82
CA SER I 108 1.17 33.00 -12.97
C SER I 108 1.94 32.19 -14.02
N SER I 109 3.09 32.74 -14.44
CA SER I 109 3.90 32.08 -15.49
C SER I 109 5.32 31.83 -14.97
N THR I 110 5.51 31.95 -13.65
CA THR I 110 6.84 31.72 -13.04
C THR I 110 6.71 30.57 -12.04
N LEU I 111 7.61 29.59 -12.09
CA LEU I 111 7.56 28.48 -11.10
C LEU I 111 8.30 28.96 -9.85
N GLU I 112 7.56 29.25 -8.78
CA GLU I 112 8.22 29.67 -7.52
C GLU I 112 8.60 28.42 -6.72
N VAL I 113 9.15 28.59 -5.52
CA VAL I 113 9.48 27.41 -4.68
C VAL I 113 8.26 27.04 -3.82
N LYS I 114 7.16 27.80 -3.87
CA LYS I 114 6.01 27.53 -2.98
C LYS I 114 5.16 26.38 -3.51
N ASP I 115 5.33 26.02 -4.79
CA ASP I 115 4.54 24.96 -5.37
C ASP I 115 5.36 23.74 -5.77
N VAL I 116 6.68 23.79 -5.68
CA VAL I 116 7.46 22.58 -5.58
C VAL I 116 7.46 22.06 -4.15
N GLN I 117 7.16 22.94 -3.19
CA GLN I 117 6.97 22.50 -1.80
C GLN I 117 5.69 21.67 -1.67
N LEU I 118 4.58 22.16 -2.21
CA LEU I 118 3.28 21.54 -1.97
C LEU I 118 3.13 20.20 -2.66
N HIS I 119 3.91 19.92 -3.71
CA HIS I 119 3.80 18.60 -4.31
C HIS I 119 4.64 17.56 -3.56
N LEU I 120 5.82 17.95 -3.08
CA LEU I 120 6.68 17.00 -2.38
C LEU I 120 6.14 16.67 -0.99
N GLU I 121 5.54 17.66 -0.33
CA GLU I 121 4.99 17.42 1.01
C GLU I 121 3.77 16.52 0.94
N ARG I 122 2.85 16.81 0.02
CA ARG I 122 1.57 16.12 -0.01
C ARG I 122 1.70 14.70 -0.55
N GLN I 123 2.61 14.47 -1.49
CA GLN I 123 2.73 13.18 -2.14
C GLN I 123 3.97 12.41 -1.75
N TRP I 124 5.14 13.05 -1.79
CA TRP I 124 6.41 12.35 -1.66
C TRP I 124 6.97 12.36 -0.25
N ASN I 125 6.35 13.09 0.68
CA ASN I 125 6.73 13.17 2.09
C ASN I 125 8.18 13.69 2.24
N MET I 126 8.41 14.86 1.65
CA MET I 126 9.73 15.49 1.66
C MET I 126 9.58 16.95 2.06
N TRP I 127 10.27 17.33 3.12
CA TRP I 127 10.39 18.72 3.53
C TRP I 127 11.86 19.09 3.38
N ILE I 128 12.16 19.96 2.42
CA ILE I 128 13.52 20.42 2.18
C ILE I 128 13.74 21.66 3.03
N PRO I 129 14.59 21.62 4.06
CA PRO I 129 14.58 22.64 5.11
C PRO I 129 15.03 24.03 4.72
N GLY I 130 16.23 24.16 4.15
CA GLY I 130 16.92 25.43 4.13
C GLY I 130 16.47 26.48 3.13
N PHE I 131 15.18 26.72 3.02
CA PHE I 131 14.66 27.70 2.07
C PHE I 131 13.75 28.74 2.69
N GLY I 132 12.90 28.35 3.65
CA GLY I 132 12.07 29.30 4.35
C GLY I 132 10.83 29.74 3.58
N SER I 133 9.73 29.90 4.28
CA SER I 133 8.47 30.33 3.67
C SER I 133 7.97 31.60 4.34
N GLU I 134 6.83 32.09 3.88
CA GLU I 134 6.15 33.17 4.56
C GLU I 134 5.43 32.63 5.79
N GLU I 135 5.02 33.56 6.66
CA GLU I 135 4.34 33.17 7.88
C GLU I 135 2.96 32.60 7.55
N ILE I 136 2.70 31.40 8.04
CA ILE I 136 1.44 30.71 7.76
C ILE I 136 0.29 31.43 8.45
N ARG I 137 -0.79 31.66 7.69
CA ARG I 137 -1.97 32.35 8.17
C ARG I 137 -2.61 31.58 9.33
N PRO I 138 -3.42 32.26 10.16
CA PRO I 138 -4.10 31.57 11.26
C PRO I 138 -5.01 30.45 10.76
N TYR I 139 -4.78 29.26 11.31
CA TYR I 139 -5.34 28.01 10.78
C TYR I 139 -6.85 27.98 11.00
N LYS I 140 -7.61 27.97 9.91
CA LYS I 140 -9.04 27.81 10.02
C LYS I 140 -9.36 26.35 10.31
N LYS I 141 -10.14 26.12 11.36
CA LYS I 141 -10.32 24.79 11.93
C LYS I 141 -11.54 24.08 11.34
N ALA I 142 -12.73 24.65 11.47
CA ALA I 142 -13.96 24.00 11.04
C ALA I 142 -14.90 25.04 10.47
N CYS I 143 -15.13 24.97 9.16
CA CYS I 143 -16.12 25.89 8.53
C CYS I 143 -17.40 25.09 8.36
N THR I 144 -17.78 24.32 9.40
CA THR I 144 -18.97 23.44 9.27
C THR I 144 -20.15 24.34 8.90
N THR I 145 -20.92 23.94 7.88
CA THR I 145 -22.00 24.83 7.40
C THR I 145 -23.27 24.62 8.22
N GLU I 146 -24.26 25.50 8.02
CA GLU I 146 -25.53 25.41 8.74
C GLU I 146 -26.33 24.17 8.35
N ALA I 147 -26.22 23.75 7.09
CA ALA I 147 -26.95 22.57 6.63
C ALA I 147 -26.43 21.29 7.28
N HIS I 148 -25.14 21.24 7.61
CA HIS I 148 -24.62 20.12 8.36
C HIS I 148 -24.95 20.23 9.84
N LYS I 149 -25.04 21.46 10.37
CA LYS I 149 -25.41 21.66 11.77
C LYS I 149 -26.87 21.31 12.04
N GLN I 150 -27.71 21.25 11.01
CA GLN I 150 -29.12 20.94 11.18
C GLN I 150 -29.46 19.52 10.75
N ARG I 151 -28.67 18.91 9.86
CA ARG I 151 -28.90 17.52 9.51
C ARG I 151 -28.30 16.58 10.55
N MET I 152 -27.14 16.93 11.10
CA MET I 152 -26.54 16.14 12.18
C MET I 152 -27.29 16.33 13.50
N ALA I 153 -28.05 17.42 13.64
CA ALA I 153 -28.97 17.59 14.76
C ALA I 153 -30.30 16.88 14.55
N LEU I 154 -30.38 16.02 13.54
CA LEU I 154 -31.48 15.10 13.35
C LEU I 154 -31.10 13.65 13.58
N ILE I 155 -29.81 13.32 13.46
CA ILE I 155 -29.33 11.99 13.82
C ILE I 155 -29.44 11.77 15.32
N ARG I 156 -29.15 12.80 16.11
CA ARG I 156 -29.27 12.68 17.56
C ARG I 156 -30.71 12.78 18.02
N LYS I 157 -31.57 13.48 17.27
CA LYS I 157 -32.96 13.65 17.68
C LYS I 157 -33.75 12.35 17.57
N THR I 158 -33.39 11.49 16.62
CA THR I 158 -34.03 10.18 16.51
C THR I 158 -33.40 9.18 17.47
N THR I 159 -32.11 9.36 17.79
CA THR I 159 -31.37 8.36 18.54
C THR I 159 -31.76 8.37 20.02
N LYS I 160 -31.81 9.55 20.65
CA LYS I 160 -32.17 9.61 22.06
C LYS I 160 -33.61 10.02 22.30
N LYS I 161 -34.28 10.62 21.31
CA LYS I 161 -35.67 11.02 21.47
C LYS I 161 -36.54 10.48 20.34
N ARG J 28 10.13 36.77 5.16
CA ARG J 28 10.44 36.56 6.57
C ARG J 28 11.89 36.87 6.89
N LYS J 29 12.12 37.48 8.06
CA LYS J 29 13.52 37.69 8.52
C LYS J 29 13.91 36.46 9.35
N ARG J 30 15.09 36.46 9.98
CA ARG J 30 15.44 35.32 10.88
C ARG J 30 15.22 35.77 12.33
N LEU J 31 14.28 35.13 13.03
CA LEU J 31 13.98 35.49 14.45
C LEU J 31 14.83 34.62 15.39
N PHE J 32 15.51 33.61 14.85
CA PHE J 32 16.40 32.75 15.69
C PHE J 32 17.75 32.63 14.98
N SER J 33 18.52 33.74 14.95
CA SER J 33 19.84 33.74 14.29
C SER J 33 20.93 33.69 15.36
N LYS J 34 20.79 34.49 16.43
CA LYS J 34 21.81 34.55 17.46
C LYS J 34 21.55 33.52 18.55
N GLU J 35 20.29 33.16 18.77
CA GLU J 35 19.95 32.19 19.80
C GLU J 35 20.36 30.79 19.39
N LEU J 36 20.20 30.45 18.12
CA LEU J 36 20.50 29.10 17.63
C LEU J 36 21.99 28.84 17.54
N ARG J 37 22.82 29.88 17.45
CA ARG J 37 24.26 29.68 17.43
C ARG J 37 24.79 29.29 18.80
N CYS J 38 24.15 29.77 19.87
CA CYS J 38 24.51 29.31 21.21
C CYS J 38 24.08 27.86 21.43
N MET J 39 22.98 27.44 20.80
CA MET J 39 22.46 26.10 21.04
C MET J 39 23.28 25.05 20.30
N MET J 40 23.74 25.35 19.08
CA MET J 40 24.58 24.40 18.34
C MET J 40 25.92 24.21 19.03
N TYR J 41 26.48 25.28 19.58
CA TYR J 41 27.67 25.17 20.43
C TYR J 41 27.36 24.33 21.67
N GLY J 42 26.13 24.38 22.17
CA GLY J 42 25.74 23.58 23.32
C GLY J 42 25.67 22.09 23.05
N PHE J 43 25.57 21.69 21.78
CA PHE J 43 25.49 20.28 21.43
C PHE J 43 26.69 19.81 20.60
N GLY J 44 27.77 20.59 20.58
CA GLY J 44 29.04 20.10 20.07
C GLY J 44 29.45 20.57 18.69
N ASP J 45 28.82 21.61 18.14
CA ASP J 45 29.09 21.97 16.75
C ASP J 45 30.41 22.71 16.60
N ASP J 46 30.48 23.94 17.10
CA ASP J 46 31.59 24.89 16.99
C ASP J 46 31.21 26.13 17.77
N GLN J 47 32.21 27.00 17.98
CA GLN J 47 31.92 28.35 18.44
C GLN J 47 31.44 29.24 17.31
N ASN J 48 31.77 28.90 16.05
CA ASN J 48 31.39 29.71 14.90
C ASN J 48 30.80 28.81 13.83
N PRO J 49 29.51 28.50 13.90
CA PRO J 49 28.87 27.71 12.85
C PRO J 49 28.68 28.51 11.56
N TYR J 50 28.27 27.78 10.52
CA TYR J 50 27.99 28.42 9.21
C TYR J 50 26.58 29.03 9.17
N THR J 51 26.46 30.15 8.46
CA THR J 51 25.16 30.85 8.37
C THR J 51 24.12 29.95 7.73
N GLU J 52 24.48 29.21 6.68
CA GLU J 52 23.51 28.33 5.96
C GLU J 52 23.00 27.25 6.92
N SER J 53 23.89 26.66 7.72
CA SER J 53 23.47 25.62 8.71
C SER J 53 22.52 26.25 9.74
N VAL J 54 22.85 27.46 10.21
CA VAL J 54 21.94 28.13 11.19
C VAL J 54 20.59 28.33 10.52
N ASP J 55 20.56 28.71 9.25
CA ASP J 55 19.30 28.94 8.50
C ASP J 55 18.49 27.65 8.39
N ILE J 56 19.15 26.54 8.09
CA ILE J 56 18.43 25.24 8.00
C ILE J 56 17.81 24.96 9.37
N LEU J 57 18.59 25.16 10.45
CA LEU J 57 18.05 24.82 11.79
C LEU J 57 16.84 25.71 12.10
N GLU J 58 16.92 27.00 11.77
CA GLU J 58 15.81 27.94 12.07
C GLU J 58 14.55 27.52 11.31
N ASP J 59 14.70 27.15 10.04
CA ASP J 59 13.53 26.71 9.24
C ASP J 59 12.93 25.45 9.87
N LEU J 60 13.80 24.52 10.28
CA LEU J 60 13.29 23.27 10.89
C LEU J 60 12.51 23.61 12.16
N VAL J 61 13.03 24.50 13.00
CA VAL J 61 12.33 24.83 14.28
C VAL J 61 10.97 25.45 13.94
N ILE J 62 10.93 26.37 12.97
CA ILE J 62 9.61 27.01 12.70
C ILE J 62 8.63 25.94 12.22
N GLU J 63 9.07 25.04 11.34
CA GLU J 63 8.16 24.01 10.79
C GLU J 63 7.65 23.12 11.93
N PHE J 64 8.56 22.72 12.84
CA PHE J 64 8.18 21.84 13.96
C PHE J 64 7.13 22.54 14.83
N ILE J 65 7.36 23.82 15.13
CA ILE J 65 6.40 24.53 16.01
C ILE J 65 5.05 24.58 15.29
N THR J 66 5.05 24.89 14.00
CA THR J 66 3.76 25.02 13.26
C THR J 66 3.02 23.68 13.27
N GLU J 67 3.73 22.57 13.01
CA GLU J 67 3.06 21.26 12.95
C GLU J 67 2.47 20.95 14.31
N MET J 68 3.25 21.18 15.36
CA MET J 68 2.76 20.82 16.71
C MET J 68 1.51 21.66 16.98
N THR J 69 1.53 22.95 16.65
CA THR J 69 0.38 23.83 16.94
C THR J 69 -0.86 23.36 16.17
N HIS J 70 -0.73 23.01 14.88
CA HIS J 70 -1.94 22.51 14.17
C HIS J 70 -2.47 21.22 14.82
N LYS J 71 -1.57 20.28 15.13
CA LYS J 71 -2.14 19.03 15.69
C LYS J 71 -2.82 19.34 17.03
N ALA J 72 -2.24 20.24 17.83
CA ALA J 72 -2.80 20.58 19.15
C ALA J 72 -4.17 21.25 18.99
N MET J 73 -4.31 22.12 18.00
CA MET J 73 -5.63 22.75 17.74
C MET J 73 -6.64 21.66 17.37
N SER J 74 -6.28 20.68 16.52
CA SER J 74 -7.23 19.57 16.21
C SER J 74 -7.56 18.75 17.46
N ILE J 75 -6.56 18.22 18.17
CA ILE J 75 -6.80 17.32 19.34
C ILE J 75 -7.34 18.15 20.51
N GLY J 76 -8.03 17.50 21.47
CA GLY J 76 -8.57 18.20 22.65
C GLY J 76 -9.54 19.31 22.28
N ARG J 77 -9.43 20.47 22.93
CA ARG J 77 -10.39 21.57 22.69
C ARG J 77 -10.10 22.18 21.32
N GLN J 78 -11.07 22.14 20.41
CA GLN J 78 -10.82 22.65 19.03
C GLN J 78 -10.51 24.14 19.11
N GLY J 79 -9.46 24.61 18.43
CA GLY J 79 -9.15 26.05 18.38
C GLY J 79 -8.39 26.55 19.59
N ARG J 80 -8.05 25.67 20.53
CA ARG J 80 -7.23 26.08 21.70
C ARG J 80 -6.03 25.13 21.82
N VAL J 81 -4.83 25.68 22.02
CA VAL J 81 -3.63 24.83 22.23
C VAL J 81 -3.34 24.84 23.72
N GLN J 82 -3.40 23.68 24.37
CA GLN J 82 -3.20 23.62 25.84
C GLN J 82 -1.97 22.76 26.16
N VAL J 83 -1.51 22.77 27.40
CA VAL J 83 -0.34 21.97 27.84
C VAL J 83 -0.73 20.50 27.74
N GLU J 84 -1.97 20.15 28.09
CA GLU J 84 -2.42 18.74 28.07
C GLU J 84 -2.32 18.20 26.65
N ASP J 85 -2.79 18.97 25.66
CA ASP J 85 -2.75 18.53 24.25
C ASP J 85 -1.28 18.36 23.83
N ILE J 86 -0.45 19.32 24.23
CA ILE J 86 0.99 19.23 23.81
C ILE J 86 1.60 17.96 24.41
N VAL J 87 1.26 17.64 25.67
CA VAL J 87 1.79 16.43 26.36
C VAL J 87 1.29 15.16 25.66
N PHE J 88 0.01 15.10 25.27
CA PHE J 88 -0.43 13.89 24.54
C PHE J 88 0.37 13.78 23.24
N LEU J 89 0.56 14.90 22.54
CA LEU J 89 1.26 14.82 21.24
C LEU J 89 2.69 14.32 21.45
N ILE J 90 3.37 14.75 22.52
CA ILE J 90 4.80 14.37 22.67
C ILE J 90 4.98 13.07 23.45
N ARG J 91 3.88 12.40 23.85
CA ARG J 91 3.95 11.19 24.71
C ARG J 91 4.84 10.10 24.11
N LYS J 92 4.76 9.87 22.80
CA LYS J 92 5.52 8.76 22.17
C LYS J 92 7.04 8.96 22.32
N ASP J 93 7.54 10.19 22.12
CA ASP J 93 9.01 10.39 22.10
C ASP J 93 9.50 10.57 23.54
N PRO J 94 10.38 9.69 24.07
CA PRO J 94 10.79 9.75 25.47
C PRO J 94 11.59 11.00 25.88
N ARG J 95 12.56 11.43 25.07
CA ARG J 95 13.44 12.57 25.46
C ARG J 95 12.62 13.84 25.61
N LYS J 96 11.70 14.10 24.69
CA LYS J 96 10.93 15.37 24.72
C LYS J 96 9.91 15.33 25.85
N PHE J 97 9.27 14.18 26.09
CA PHE J 97 8.23 14.05 27.14
C PHE J 97 8.87 14.29 28.51
N ALA J 98 10.06 13.72 28.72
CA ALA J 98 10.74 13.87 30.02
C ALA J 98 11.03 15.36 30.25
N ARG J 99 11.52 16.05 29.22
CA ARG J 99 11.87 17.48 29.37
C ARG J 99 10.59 18.27 29.70
N VAL J 100 9.48 17.99 29.02
CA VAL J 100 8.26 18.80 29.31
C VAL J 100 7.90 18.56 30.77
N LYS J 101 7.91 17.30 31.21
CA LYS J 101 7.45 17.06 32.61
C LYS J 101 8.39 17.77 33.57
N ASP J 102 9.70 17.69 33.33
CA ASP J 102 10.68 18.29 34.27
C ASP J 102 10.44 19.80 34.31
N LEU J 103 10.28 20.44 33.16
CA LEU J 103 10.12 21.91 33.15
C LEU J 103 8.84 22.26 33.92
N LEU J 104 7.74 21.55 33.67
CA LEU J 104 6.50 21.96 34.37
C LEU J 104 6.69 21.80 35.90
N THR J 105 7.29 20.68 36.32
CA THR J 105 7.42 20.43 37.78
C THR J 105 8.31 21.51 38.39
N MET J 106 9.41 21.84 37.72
CA MET J 106 10.37 22.84 38.24
C MET J 106 9.66 24.20 38.33
N ASN J 107 8.83 24.53 37.35
CA ASN J 107 8.08 25.82 37.33
C ASN J 107 7.16 25.87 38.55
N GLU J 108 6.45 24.76 38.80
CA GLU J 108 5.56 24.73 39.97
C GLU J 108 6.40 24.94 41.23
N GLU J 109 7.55 24.26 41.33
CA GLU J 109 8.41 24.37 42.54
C GLU J 109 8.89 25.81 42.73
N LEU J 110 9.30 26.48 41.65
CA LEU J 110 9.80 27.88 41.73
C LEU J 110 8.66 28.81 42.17
N LYS J 111 7.46 28.57 41.65
CA LYS J 111 6.29 29.39 42.07
C LYS J 111 6.09 29.19 43.58
N ARG J 112 6.18 27.94 44.04
CA ARG J 112 5.98 27.64 45.49
C ARG J 112 7.06 28.37 46.30
N ALA J 113 8.32 28.36 45.84
CA ALA J 113 9.43 29.01 46.55
C ALA J 113 9.17 30.52 46.63
N ARG J 114 8.69 31.12 45.54
CA ARG J 114 8.37 32.57 45.53
C ARG J 114 7.26 32.84 46.55
#